data_7TW2
#
_entry.id   7TW2
#
_cell.length_a   1.00
_cell.length_b   1.00
_cell.length_c   1.00
_cell.angle_alpha   90.00
_cell.angle_beta   90.00
_cell.angle_gamma   90.00
#
_symmetry.space_group_name_H-M   'P 1'
#
loop_
_entity.id
_entity.type
_entity.pdbx_description
1 polymer 'Band 3 anion transport protein'
2 non-polymer 2-acetamido-2-deoxy-beta-D-glucopyranose
#
_entity_poly.entity_id   1
_entity_poly.type   'polypeptide(L)'
_entity_poly.pdbx_seq_one_letter_code
;MEELQDDYEDMMEENLEQEEYEDPDIPESQMEEPAAHDTEATATDYHTTSHPGTHKVYVELQELVMDEKNQELRWMEAAR
WVQLEENLGENGAWGRPHLSHLTFWSLLELRRVFTKGTVLLDLQETSLAGVANQLLDRFIFEDQIRPQDREELLRALLLK
HSHAGELEALGGVKPAVLTRSGDPSQPLLPQHSSLETQLFCEQGDGGTEGHSPSGILEKIPPDSEATLVLVGRADFLEQP
VLGFVRLQEAAELEAVELPVPIRFLFVLLGPEAPHIDYTQLGRAAATLMSERVFRIDAYMAQSRGELLHSLEGFLDCSLV
LPPTDAPSEQALLSLVPVQRELLRRRYQSSPAKPDSSFYKGLDLNGGPDDPLQQTGQLFGGLVRDIRRRYPYYLSDITDA
FSPQVLAAVIFIYFAALSPAITFGGLLGEKTRNQMGVSELLISTAVQGILFALLGAQPLLVVGFSGPLLVFEEAFFSFCE
TNGLEYIVGRVWIGFWLILLVVLVVAFEGSFLVRFISRYTQEIFSFLISLIFIYETFSKLIKIFQDHPLQKTYNYNVLMV
PKPQGPLPNTALLSLVLMAGTFFFAMMLRKFKNSSYFPGKLRRVIGDFGVPISILIMVLVDFFIQDTYTQKLSVPDGFKV
SNSSARGWVIHPLGLRSEFPIWMMFASALPALLVFILIFLESQITTLIVSKPERKMVKGSGFHLDLLLVVGMGGVAALFG
MPWLSATTVRSVTHANALTVMGKASTPGAAAQIQEVKEQRISGLLVAVLVGLSILMEPILSRIPLAVLFGIFLYMGVTSL
SGIQLFDRILLLFKPPKYHPDVPYVKRVKTWRMHLFTGIQIICLAVLWVVKSTPASLALPFVLILTVPLRRVLLPLIFRN
VELQCLDADDAKATFDEEEGRDEYDEVAMPV
;
_entity_poly.pdbx_strand_id   B,A
#
loop_
_chem_comp.id
_chem_comp.type
_chem_comp.name
_chem_comp.formula
NAG D-saccharide, beta linking 2-acetamido-2-deoxy-beta-D-glucopyranose 'C8 H15 N O6'
#
# COMPACT_ATOMS: atom_id res chain seq x y z
N HIS A 55 -1.02 -41.09 -12.81
CA HIS A 55 -1.17 -39.67 -12.53
C HIS A 55 -0.05 -38.86 -13.18
N LYS A 56 0.99 -39.57 -13.63
CA LYS A 56 2.11 -38.93 -14.31
C LYS A 56 2.87 -39.99 -15.09
N VAL A 57 3.47 -39.59 -16.20
CA VAL A 57 4.09 -40.50 -17.14
C VAL A 57 5.44 -39.93 -17.57
N TYR A 58 6.14 -40.68 -18.41
CA TYR A 58 7.45 -40.29 -18.92
C TYR A 58 7.36 -40.23 -20.44
N VAL A 59 7.94 -39.18 -21.03
CA VAL A 59 7.91 -38.98 -22.47
C VAL A 59 9.32 -38.68 -22.96
N GLU A 60 9.66 -39.25 -24.12
CA GLU A 60 11.00 -39.12 -24.69
C GLU A 60 10.92 -38.81 -26.17
N LEU A 61 11.64 -37.76 -26.57
CA LEU A 61 11.67 -37.31 -27.96
C LEU A 61 13.05 -37.56 -28.52
N GLN A 62 13.12 -38.26 -29.65
CA GLN A 62 14.37 -38.61 -30.30
C GLN A 62 14.32 -38.15 -31.75
N GLU A 63 15.42 -37.58 -32.22
CA GLU A 63 15.59 -37.10 -33.58
C GLU A 63 16.60 -37.96 -34.33
N LEU A 64 16.65 -37.75 -35.64
CA LEU A 64 17.58 -38.47 -36.51
C LEU A 64 18.68 -37.45 -36.81
N VAL A 65 19.86 -37.69 -36.26
CA VAL A 65 20.98 -36.74 -36.28
C VAL A 65 22.24 -37.43 -36.81
N MET A 66 23.27 -36.61 -37.02
CA MET A 66 24.58 -37.05 -37.45
C MET A 66 25.63 -36.84 -36.37
N ASP A 67 26.59 -37.75 -36.34
CA ASP A 67 27.68 -37.73 -35.37
C ASP A 67 28.86 -36.95 -35.97
N GLU A 68 29.46 -36.06 -35.17
CA GLU A 68 30.46 -35.15 -35.71
C GLU A 68 31.77 -35.85 -36.07
N LYS A 69 32.14 -36.92 -35.37
CA LYS A 69 33.42 -37.57 -35.62
C LYS A 69 33.49 -38.12 -37.04
N ASN A 70 32.62 -39.07 -37.39
CA ASN A 70 32.59 -39.70 -38.70
C ASN A 70 31.15 -39.77 -39.18
N GLN A 71 30.87 -39.19 -40.35
CA GLN A 71 29.50 -38.97 -40.82
C GLN A 71 28.69 -40.25 -40.85
N GLU A 72 27.62 -40.28 -40.05
CA GLU A 72 26.71 -41.41 -39.94
C GLU A 72 25.42 -40.89 -39.33
N LEU A 73 24.40 -41.73 -39.34
CA LEU A 73 23.07 -41.39 -38.84
C LEU A 73 22.77 -42.19 -37.59
N ARG A 74 22.09 -41.55 -36.64
CA ARG A 74 21.67 -42.24 -35.41
C ARG A 74 20.57 -41.43 -34.73
N TRP A 75 19.80 -42.11 -33.89
CA TRP A 75 18.78 -41.46 -33.09
C TRP A 75 19.40 -40.88 -31.84
N MET A 76 19.08 -39.62 -31.55
CA MET A 76 19.56 -38.91 -30.38
C MET A 76 18.40 -38.21 -29.70
N GLU A 77 18.31 -38.35 -28.38
CA GLU A 77 17.21 -37.73 -27.65
C GLU A 77 17.46 -36.24 -27.52
N ALA A 78 16.37 -35.48 -27.38
CA ALA A 78 16.48 -34.03 -27.34
C ALA A 78 15.65 -33.37 -26.23
N ALA A 79 14.76 -34.11 -25.57
CA ALA A 79 13.94 -33.54 -24.52
C ALA A 79 13.28 -34.67 -23.76
N ARG A 80 12.95 -34.41 -22.50
CA ARG A 80 12.27 -35.38 -21.66
C ARG A 80 11.17 -34.70 -20.87
N TRP A 81 10.14 -35.47 -20.55
CA TRP A 81 8.91 -34.97 -19.94
C TRP A 81 8.52 -35.85 -18.77
N VAL A 82 8.56 -35.29 -17.55
CA VAL A 82 7.82 -35.84 -16.42
C VAL A 82 7.01 -34.68 -15.85
N GLN A 83 5.81 -34.45 -16.40
CA GLN A 83 4.91 -33.37 -16.03
C GLN A 83 5.53 -32.00 -16.27
N LEU A 84 6.78 -31.97 -16.72
CA LEU A 84 7.54 -30.76 -16.99
C LEU A 84 8.59 -31.10 -18.03
N GLU A 85 8.98 -30.11 -18.82
CA GLU A 85 9.88 -30.33 -19.94
C GLU A 85 11.30 -29.98 -19.53
N GLU A 86 12.24 -30.86 -19.89
CA GLU A 86 13.66 -30.63 -19.69
C GLU A 86 14.36 -30.86 -21.02
N ASN A 87 15.24 -29.93 -21.38
CA ASN A 87 15.97 -29.97 -22.63
C ASN A 87 17.46 -30.17 -22.38
N LEU A 88 18.17 -30.60 -23.43
CA LEU A 88 19.62 -30.74 -23.38
C LEU A 88 20.20 -30.00 -24.59
N GLY A 89 21.31 -29.31 -24.36
CA GLY A 89 21.99 -28.59 -25.40
C GLY A 89 23.16 -29.38 -25.96
N GLU A 90 23.96 -28.69 -26.78
CA GLU A 90 25.11 -29.34 -27.40
C GLU A 90 26.12 -29.81 -26.38
N ASN A 91 26.11 -29.21 -25.17
CA ASN A 91 27.05 -29.64 -24.13
C ASN A 91 26.79 -31.08 -23.70
N GLY A 92 25.52 -31.44 -23.51
CA GLY A 92 25.18 -32.74 -22.98
C GLY A 92 24.64 -32.74 -21.57
N ALA A 93 24.29 -31.57 -21.05
CA ALA A 93 23.75 -31.45 -19.70
C ALA A 93 22.38 -30.82 -19.76
N TRP A 94 21.41 -31.39 -19.06
CA TRP A 94 20.04 -30.93 -19.13
C TRP A 94 19.86 -29.59 -18.43
N GLY A 95 19.11 -28.70 -19.06
CA GLY A 95 18.76 -27.42 -18.46
C GLY A 95 17.80 -27.62 -17.30
N ARG A 96 17.33 -26.49 -16.76
CA ARG A 96 16.43 -26.59 -15.62
C ARG A 96 15.01 -26.87 -16.13
N PRO A 97 14.24 -27.70 -15.43
CA PRO A 97 12.88 -28.00 -15.88
C PRO A 97 11.99 -26.76 -15.88
N HIS A 98 10.96 -26.81 -16.73
CA HIS A 98 10.05 -25.70 -16.91
C HIS A 98 8.77 -26.20 -17.56
N LEU A 99 7.77 -25.34 -17.62
CA LEU A 99 6.55 -25.63 -18.36
C LEU A 99 6.78 -25.44 -19.86
N SER A 100 5.89 -26.05 -20.64
CA SER A 100 6.02 -26.10 -22.09
C SER A 100 5.10 -25.08 -22.75
N HIS A 101 5.61 -24.40 -23.77
CA HIS A 101 4.89 -23.37 -24.53
C HIS A 101 5.08 -23.67 -26.01
N LEU A 102 4.04 -24.18 -26.66
CA LEU A 102 4.13 -24.54 -28.06
C LEU A 102 4.07 -23.30 -28.94
N THR A 103 4.01 -23.51 -30.25
CA THR A 103 3.87 -22.42 -31.22
C THR A 103 2.71 -22.71 -32.17
N PHE A 104 2.31 -21.67 -32.90
CA PHE A 104 1.14 -21.77 -33.77
C PHE A 104 1.40 -22.75 -34.92
N TRP A 105 2.56 -22.64 -35.55
CA TRP A 105 2.84 -23.47 -36.72
C TRP A 105 2.90 -24.95 -36.34
N SER A 106 3.50 -25.26 -35.20
CA SER A 106 3.61 -26.65 -34.76
C SER A 106 2.23 -27.25 -34.57
N LEU A 107 1.33 -26.52 -33.89
CA LEU A 107 -0.02 -27.01 -33.65
C LEU A 107 -0.79 -27.16 -34.96
N LEU A 108 -0.66 -26.18 -35.86
CA LEU A 108 -1.33 -26.25 -37.14
C LEU A 108 -0.92 -27.50 -37.92
N GLU A 109 0.39 -27.70 -38.09
CA GLU A 109 0.84 -28.85 -38.87
C GLU A 109 0.56 -30.15 -38.15
N LEU A 110 0.59 -30.17 -36.81
CA LEU A 110 0.24 -31.38 -36.08
C LEU A 110 -1.22 -31.75 -36.30
N ARG A 111 -2.12 -30.76 -36.22
CA ARG A 111 -3.52 -31.01 -36.50
C ARG A 111 -3.73 -31.50 -37.92
N ARG A 112 -3.08 -30.85 -38.89
CA ARG A 112 -3.26 -31.25 -40.28
C ARG A 112 -2.80 -32.68 -40.51
N VAL A 113 -1.62 -33.04 -39.99
CA VAL A 113 -1.11 -34.39 -40.24
C VAL A 113 -1.81 -35.43 -39.38
N PHE A 114 -2.46 -35.02 -38.28
CA PHE A 114 -3.13 -35.98 -37.43
C PHE A 114 -4.55 -36.27 -37.91
N THR A 115 -5.20 -35.30 -38.56
CA THR A 115 -6.56 -35.53 -39.03
C THR A 115 -6.64 -36.69 -40.00
N LYS A 116 -5.54 -36.99 -40.70
CA LYS A 116 -5.50 -38.07 -41.66
C LYS A 116 -4.37 -39.06 -41.36
N GLY A 117 -3.72 -38.92 -40.21
CA GLY A 117 -2.67 -39.84 -39.84
C GLY A 117 -3.20 -41.21 -39.48
N THR A 118 -2.35 -42.21 -39.58
CA THR A 118 -2.77 -43.56 -39.28
C THR A 118 -2.56 -43.87 -37.80
N VAL A 119 -3.44 -44.70 -37.26
CA VAL A 119 -3.46 -45.01 -35.84
C VAL A 119 -3.61 -46.51 -35.67
N LEU A 120 -2.68 -47.12 -34.95
CA LEU A 120 -2.72 -48.53 -34.61
C LEU A 120 -2.98 -48.66 -33.12
N LEU A 121 -4.14 -49.18 -32.73
CA LEU A 121 -4.50 -49.29 -31.34
C LEU A 121 -4.41 -50.73 -30.87
N ASP A 122 -3.84 -50.94 -29.69
CA ASP A 122 -3.69 -52.26 -29.08
C ASP A 122 -2.90 -53.20 -30.00
N LEU A 123 -1.73 -52.75 -30.42
CA LEU A 123 -0.87 -53.58 -31.25
C LEU A 123 -0.15 -54.62 -30.39
N GLN A 124 -0.12 -55.86 -30.88
CA GLN A 124 0.44 -56.99 -30.14
C GLN A 124 1.85 -57.26 -30.66
N GLU A 125 2.78 -56.38 -30.27
CA GLU A 125 4.18 -56.51 -30.64
C GLU A 125 5.03 -56.04 -29.47
N THR A 126 6.30 -56.46 -29.46
CA THR A 126 7.20 -56.16 -28.36
C THR A 126 8.49 -55.47 -28.76
N SER A 127 8.88 -55.53 -30.03
CA SER A 127 10.16 -54.98 -30.45
C SER A 127 9.98 -53.88 -31.49
N LEU A 128 11.01 -53.06 -31.63
CA LEU A 128 10.97 -51.93 -32.55
C LEU A 128 10.90 -52.38 -34.00
N ALA A 129 11.45 -53.54 -34.33
CA ALA A 129 11.43 -53.98 -35.72
C ALA A 129 10.02 -54.37 -36.16
N GLY A 130 9.30 -55.13 -35.34
CA GLY A 130 7.94 -55.50 -35.70
C GLY A 130 6.99 -54.32 -35.68
N VAL A 131 7.32 -53.30 -34.90
CA VAL A 131 6.52 -52.08 -34.93
C VAL A 131 6.80 -51.30 -36.20
N ALA A 132 8.08 -51.15 -36.56
CA ALA A 132 8.38 -50.39 -37.77
C ALA A 132 7.79 -51.10 -38.98
N ASN A 133 7.85 -52.44 -38.98
CA ASN A 133 7.29 -53.23 -40.06
C ASN A 133 5.78 -53.00 -40.19
N GLN A 134 5.05 -53.13 -39.09
CA GLN A 134 3.60 -52.93 -39.15
C GLN A 134 3.25 -51.50 -39.52
N LEU A 135 4.01 -50.53 -39.00
CA LEU A 135 3.73 -49.13 -39.31
C LEU A 135 3.96 -48.82 -40.78
N LEU A 136 5.03 -49.37 -41.35
CA LEU A 136 5.30 -49.14 -42.78
C LEU A 136 4.27 -49.85 -43.65
N ASP A 137 3.87 -51.06 -43.26
CA ASP A 137 2.81 -51.75 -43.99
C ASP A 137 1.50 -50.96 -43.96
N ARG A 138 1.18 -50.37 -42.80
CA ARG A 138 -0.05 -49.59 -42.69
C ARG A 138 0.06 -48.28 -43.48
N PHE A 139 1.26 -47.68 -43.49
CA PHE A 139 1.53 -46.57 -44.39
C PHE A 139 1.25 -46.94 -45.84
N ILE A 140 1.73 -48.13 -46.24
CA ILE A 140 1.58 -48.58 -47.62
C ILE A 140 0.11 -48.80 -47.97
N PHE A 141 -0.66 -49.39 -47.04
CA PHE A 141 -2.04 -49.74 -47.36
C PHE A 141 -2.89 -48.52 -47.67
N GLU A 142 -2.64 -47.39 -46.99
CA GLU A 142 -3.47 -46.21 -47.13
C GLU A 142 -2.90 -45.19 -48.11
N ASP A 143 -2.06 -45.63 -49.04
CA ASP A 143 -1.51 -44.77 -50.09
C ASP A 143 -0.77 -43.56 -49.53
N GLN A 144 -0.11 -43.74 -48.39
CA GLN A 144 0.65 -42.66 -47.78
C GLN A 144 2.06 -42.58 -48.37
N ILE A 145 2.71 -43.72 -48.53
CA ILE A 145 4.06 -43.80 -49.06
C ILE A 145 4.05 -44.82 -50.20
N ARG A 146 5.00 -44.66 -51.12
CA ARG A 146 5.11 -45.58 -52.24
C ARG A 146 5.76 -46.88 -51.80
N PRO A 147 5.40 -48.00 -52.44
CA PRO A 147 5.99 -49.29 -52.06
C PRO A 147 7.50 -49.33 -52.20
N GLN A 148 8.06 -48.49 -53.06
CA GLN A 148 9.51 -48.40 -53.28
C GLN A 148 10.23 -47.63 -52.19
N ASP A 149 9.53 -47.17 -51.15
CA ASP A 149 10.13 -46.41 -50.06
C ASP A 149 10.38 -47.22 -48.81
N ARG A 150 9.57 -48.26 -48.53
CA ARG A 150 9.67 -49.00 -47.29
C ARG A 150 11.10 -49.46 -47.01
N GLU A 151 11.73 -50.09 -48.01
CA GLU A 151 13.04 -50.71 -47.83
C GLU A 151 14.10 -49.73 -47.34
N GLU A 152 13.89 -48.42 -47.51
CA GLU A 152 14.81 -47.43 -46.96
C GLU A 152 14.40 -47.02 -45.56
N LEU A 153 13.12 -46.67 -45.38
CA LEU A 153 12.65 -46.19 -44.09
C LEU A 153 12.90 -47.24 -43.01
N LEU A 154 12.69 -48.51 -43.34
CA LEU A 154 12.97 -49.60 -42.40
C LEU A 154 14.42 -49.58 -41.92
N ARG A 155 15.38 -49.55 -42.86
CA ARG A 155 16.78 -49.50 -42.42
C ARG A 155 17.09 -48.20 -41.70
N ALA A 156 16.28 -47.17 -41.87
CA ALA A 156 16.48 -45.92 -41.14
C ALA A 156 15.98 -46.05 -39.70
N LEU A 157 14.86 -46.75 -39.51
CA LEU A 157 14.26 -46.84 -38.18
C LEU A 157 15.00 -47.85 -37.30
N LEU A 158 15.43 -48.98 -37.88
CA LEU A 158 16.15 -50.02 -37.15
C LEU A 158 17.63 -49.64 -37.09
N LEU A 159 17.92 -48.64 -36.25
CA LEU A 159 19.26 -48.10 -36.11
C LEU A 159 19.59 -47.95 -34.62
N LYS A 160 20.85 -47.59 -34.36
CA LYS A 160 21.34 -47.46 -32.99
C LYS A 160 20.78 -46.21 -32.34
N HIS A 161 20.25 -46.36 -31.13
CA HIS A 161 19.76 -45.24 -30.34
C HIS A 161 20.78 -44.87 -29.27
N SER A 162 21.17 -43.59 -29.24
CA SER A 162 22.16 -43.09 -28.31
C SER A 162 21.55 -42.00 -27.44
N HIS A 163 21.75 -42.11 -26.13
CA HIS A 163 21.19 -41.13 -25.20
C HIS A 163 22.20 -40.01 -24.97
N ALA A 164 21.95 -39.16 -23.97
CA ALA A 164 22.80 -38.00 -23.76
C ALA A 164 24.17 -38.39 -23.24
N GLY A 165 24.26 -39.47 -22.46
CA GLY A 165 25.53 -39.87 -21.88
C GLY A 165 26.62 -40.12 -22.89
N GLU A 166 26.25 -40.55 -24.10
CA GLU A 166 27.22 -40.85 -25.14
C GLU A 166 27.55 -39.64 -25.99
N LEU A 167 27.22 -38.42 -25.52
CA LEU A 167 27.39 -37.25 -26.37
C LEU A 167 28.87 -36.86 -26.46
N GLU A 168 29.53 -36.69 -25.31
CA GLU A 168 30.89 -36.19 -25.33
C GLU A 168 31.82 -37.15 -26.04
N ALA A 169 31.61 -38.46 -25.85
CA ALA A 169 32.42 -39.47 -26.51
C ALA A 169 32.22 -39.44 -28.02
N LEU A 170 31.10 -38.90 -28.49
CA LEU A 170 30.80 -38.81 -29.91
C LEU A 170 31.29 -37.50 -30.53
N GLY A 171 31.14 -36.38 -29.84
CA GLY A 171 31.58 -35.10 -30.34
C GLY A 171 30.50 -34.12 -30.72
N GLY A 172 29.25 -34.41 -30.42
CA GLY A 172 28.15 -33.53 -30.78
C GLY A 172 27.32 -34.10 -31.91
N VAL A 173 26.14 -33.52 -32.11
CA VAL A 173 25.22 -33.96 -33.15
C VAL A 173 24.69 -32.76 -33.91
N LYS A 174 24.24 -33.01 -35.14
CA LYS A 174 23.67 -32.01 -36.02
C LYS A 174 22.38 -32.50 -36.64
N PRO A 175 21.48 -31.59 -37.01
CA PRO A 175 20.25 -32.00 -37.71
C PRO A 175 20.58 -32.61 -39.07
N ALA A 176 19.92 -33.70 -39.40
CA ALA A 176 20.24 -34.45 -40.61
C ALA A 176 18.97 -34.85 -41.35
N VAL A 177 19.13 -35.09 -42.66
CA VAL A 177 18.01 -35.41 -43.54
C VAL A 177 18.33 -36.70 -44.28
N LEU A 178 17.50 -37.72 -44.10
CA LEU A 178 17.62 -38.97 -44.85
C LEU A 178 17.30 -38.75 -46.32
N THR A 179 17.94 -39.52 -47.20
CA THR A 179 17.64 -39.41 -48.62
C THR A 179 17.35 -40.79 -49.20
N ARG A 180 17.04 -40.80 -50.50
CA ARG A 180 16.62 -42.04 -51.17
C ARG A 180 17.74 -43.10 -51.23
N SER A 181 18.99 -42.67 -51.42
CA SER A 181 20.07 -43.64 -51.58
C SER A 181 20.39 -44.37 -50.28
N GLY A 182 20.57 -43.63 -49.19
CA GLY A 182 20.92 -44.24 -47.94
C GLY A 182 22.14 -43.59 -47.32
N ASP A 183 22.63 -42.53 -47.96
CA ASP A 183 23.78 -41.80 -47.49
C ASP A 183 23.34 -40.47 -46.87
N PRO A 184 24.10 -39.94 -45.92
CA PRO A 184 23.68 -38.69 -45.28
C PRO A 184 23.86 -37.50 -46.24
N SER A 185 23.39 -36.35 -45.76
CA SER A 185 23.49 -35.11 -46.54
C SER A 185 23.09 -33.95 -45.65
N GLN A 186 23.48 -32.74 -46.07
CA GLN A 186 23.13 -31.55 -45.32
C GLN A 186 21.75 -31.05 -45.73
N PRO A 187 21.04 -30.37 -44.84
CA PRO A 187 19.71 -29.87 -45.21
C PRO A 187 19.84 -28.73 -46.22
N LEU A 188 18.85 -28.63 -47.10
CA LEU A 188 18.90 -27.58 -48.11
C LEU A 188 18.42 -26.24 -47.57
N LEU A 189 17.27 -26.21 -46.91
CA LEU A 189 16.76 -24.95 -46.36
C LEU A 189 17.59 -24.47 -45.19
N PRO A 190 17.59 -23.16 -44.92
CA PRO A 190 18.40 -22.64 -43.82
C PRO A 190 17.82 -23.07 -42.49
N GLN A 191 18.68 -23.17 -41.48
CA GLN A 191 18.23 -23.48 -40.13
C GLN A 191 18.53 -22.33 -39.19
N HIS A 192 17.93 -22.40 -38.01
CA HIS A 192 18.09 -21.37 -36.99
C HIS A 192 18.26 -22.04 -35.64
N SER A 193 18.80 -21.29 -34.69
CA SER A 193 18.94 -21.78 -33.33
C SER A 193 17.58 -21.92 -32.65
N SER A 194 17.37 -23.06 -32.01
CA SER A 194 16.11 -23.38 -31.37
C SER A 194 15.87 -22.43 -30.20
N LEU A 195 14.60 -22.21 -29.88
CA LEU A 195 14.26 -21.20 -28.89
C LEU A 195 14.41 -21.73 -27.46
N GLU A 196 13.83 -22.89 -27.16
CA GLU A 196 13.86 -23.38 -25.79
C GLU A 196 15.29 -23.75 -25.37
N THR A 197 16.08 -24.26 -26.31
CA THR A 197 17.47 -24.62 -26.02
C THR A 197 18.35 -23.38 -25.88
N GLN A 198 17.91 -22.24 -26.41
CA GLN A 198 18.64 -20.99 -26.28
C GLN A 198 18.32 -20.28 -24.96
N LEU A 199 17.15 -20.55 -24.39
CA LEU A 199 16.67 -19.89 -23.18
C LEU A 199 16.98 -20.70 -21.94
N PHE A 200 16.64 -21.99 -21.93
CA PHE A 200 16.76 -22.79 -20.72
C PHE A 200 18.08 -23.52 -20.59
N CYS A 201 18.68 -23.96 -21.70
CA CYS A 201 19.97 -24.63 -21.64
C CYS A 201 21.09 -23.65 -21.29
N GLU A 202 20.97 -22.39 -21.70
CA GLU A 202 22.00 -21.40 -21.43
C GLU A 202 21.48 -20.31 -20.50
N HIS A 211 21.66 -34.68 -9.41
CA HIS A 211 21.26 -33.53 -10.22
C HIS A 211 19.97 -33.84 -10.98
N SER A 212 20.02 -33.67 -12.30
CA SER A 212 18.83 -33.95 -13.12
C SER A 212 18.50 -35.44 -13.21
N PRO A 213 19.46 -36.36 -13.38
CA PRO A 213 19.07 -37.79 -13.44
C PRO A 213 18.45 -38.30 -12.16
N SER A 214 18.96 -37.88 -11.00
CA SER A 214 18.36 -38.27 -9.72
C SER A 214 16.90 -37.83 -9.62
N GLY A 215 16.65 -36.53 -9.87
CA GLY A 215 15.29 -36.04 -9.83
C GLY A 215 14.39 -36.71 -10.86
N ILE A 216 14.96 -37.00 -12.04
CA ILE A 216 14.19 -37.69 -13.08
C ILE A 216 13.76 -39.07 -12.61
N LEU A 217 14.69 -39.87 -12.10
CA LEU A 217 14.33 -41.21 -11.64
C LEU A 217 13.48 -41.17 -10.38
N GLU A 218 13.48 -40.04 -9.68
CA GLU A 218 12.59 -39.85 -8.53
C GLU A 218 11.17 -39.53 -8.95
N LYS A 219 11.01 -38.65 -9.94
CA LYS A 219 9.70 -38.11 -10.31
C LYS A 219 8.81 -39.17 -10.95
N ILE A 220 9.40 -40.06 -11.75
CA ILE A 220 8.59 -41.10 -12.40
C ILE A 220 8.01 -42.03 -11.34
N PRO A 221 6.70 -42.22 -11.30
CA PRO A 221 6.12 -43.14 -10.32
C PRO A 221 6.66 -44.53 -10.49
N PRO A 222 6.58 -45.36 -9.44
CA PRO A 222 7.19 -46.71 -9.53
C PRO A 222 6.56 -47.56 -10.62
N ASP A 223 5.26 -47.42 -10.85
CA ASP A 223 4.52 -48.20 -11.84
C ASP A 223 3.88 -47.20 -12.80
N SER A 224 4.51 -47.02 -13.96
CA SER A 224 4.00 -46.11 -14.98
C SER A 224 4.54 -46.55 -16.34
N GLU A 225 3.85 -46.10 -17.39
CA GLU A 225 4.24 -46.36 -18.75
C GLU A 225 4.81 -45.09 -19.37
N ALA A 226 5.58 -45.26 -20.44
CA ALA A 226 6.25 -44.14 -21.10
C ALA A 226 5.90 -44.15 -22.58
N THR A 227 6.10 -43.00 -23.21
CA THR A 227 5.90 -42.84 -24.64
C THR A 227 7.21 -42.49 -25.33
N LEU A 228 7.21 -42.66 -26.66
CA LEU A 228 8.43 -42.47 -27.44
C LEU A 228 8.08 -41.84 -28.78
N VAL A 229 8.71 -40.71 -29.09
CA VAL A 229 8.44 -39.94 -30.29
C VAL A 229 9.71 -39.93 -31.13
N LEU A 230 9.61 -40.32 -32.39
CA LEU A 230 10.76 -40.38 -33.29
C LEU A 230 10.52 -39.43 -34.46
N VAL A 231 11.43 -38.47 -34.64
CA VAL A 231 11.36 -37.54 -35.77
C VAL A 231 12.63 -37.62 -36.61
N GLY A 232 12.46 -37.28 -37.89
CA GLY A 232 13.52 -37.29 -38.86
C GLY A 232 12.97 -36.96 -40.23
N ARG A 233 13.81 -36.36 -41.08
CA ARG A 233 13.41 -35.89 -42.39
C ARG A 233 13.82 -36.88 -43.49
N ALA A 234 13.05 -36.90 -44.56
CA ALA A 234 13.32 -37.79 -45.69
C ALA A 234 12.89 -37.10 -46.98
N ASP A 235 13.82 -36.96 -47.92
CA ASP A 235 13.58 -36.18 -49.13
C ASP A 235 12.72 -36.93 -50.15
N PHE A 236 12.71 -38.26 -50.10
CA PHE A 236 11.99 -39.09 -51.05
C PHE A 236 10.52 -39.30 -50.68
N LEU A 237 9.96 -38.42 -49.84
CA LEU A 237 8.55 -38.48 -49.45
C LEU A 237 7.79 -37.33 -50.12
N GLU A 238 6.46 -37.48 -50.16
CA GLU A 238 5.57 -36.53 -50.80
C GLU A 238 4.92 -35.58 -49.80
N GLN A 239 4.30 -36.11 -48.76
CA GLN A 239 3.63 -35.34 -47.73
C GLN A 239 4.02 -35.90 -46.38
N PRO A 240 3.94 -35.10 -45.31
CA PRO A 240 4.28 -35.61 -43.98
C PRO A 240 3.38 -36.75 -43.59
N VAL A 241 3.90 -37.65 -42.77
CA VAL A 241 3.15 -38.81 -42.28
C VAL A 241 3.36 -38.94 -40.79
N LEU A 242 2.32 -39.41 -40.11
CA LEU A 242 2.28 -39.61 -38.67
C LEU A 242 1.82 -41.03 -38.39
N GLY A 243 2.56 -41.73 -37.54
CA GLY A 243 2.14 -43.03 -37.09
C GLY A 243 2.01 -43.02 -35.58
N PHE A 244 0.90 -43.55 -35.08
CA PHE A 244 0.59 -43.60 -33.66
C PHE A 244 0.18 -45.01 -33.29
N VAL A 245 1.03 -45.70 -32.53
CA VAL A 245 0.77 -47.08 -32.17
C VAL A 245 0.79 -47.24 -30.65
N ARG A 246 -0.16 -48.00 -30.12
CA ARG A 246 -0.26 -48.26 -28.69
C ARG A 246 -0.15 -49.77 -28.48
N LEU A 247 0.90 -50.20 -27.79
CA LEU A 247 1.13 -51.62 -27.61
C LEU A 247 0.03 -52.22 -26.74
N GLN A 248 -0.26 -53.50 -26.98
CA GLN A 248 -1.31 -54.17 -26.22
C GLN A 248 -0.87 -54.42 -24.78
N GLU A 249 0.40 -54.74 -24.58
CA GLU A 249 0.97 -54.92 -23.25
C GLU A 249 2.38 -54.34 -23.26
N ALA A 250 2.62 -53.38 -22.36
CA ALA A 250 3.87 -52.63 -22.39
C ALA A 250 5.06 -53.57 -22.22
N ALA A 251 6.11 -53.32 -23.00
CA ALA A 251 7.28 -54.19 -23.04
C ALA A 251 8.53 -53.34 -23.18
N GLU A 252 9.65 -53.88 -22.71
CA GLU A 252 10.92 -53.20 -22.83
C GLU A 252 11.29 -53.01 -24.30
N LEU A 253 11.99 -51.91 -24.57
CA LEU A 253 12.38 -51.54 -25.93
C LEU A 253 13.84 -51.11 -25.92
N GLU A 254 14.58 -51.51 -26.97
CA GLU A 254 16.00 -51.23 -27.01
C GLU A 254 16.29 -49.76 -27.26
N ALA A 255 15.25 -48.96 -27.53
CA ALA A 255 15.48 -47.55 -27.85
C ALA A 255 15.66 -46.72 -26.58
N VAL A 256 14.96 -47.06 -25.51
CA VAL A 256 15.00 -46.31 -24.26
C VAL A 256 15.88 -47.05 -23.27
N GLU A 257 16.83 -46.32 -22.66
CA GLU A 257 17.70 -46.93 -21.66
C GLU A 257 17.06 -46.97 -20.28
N LEU A 258 16.10 -46.10 -20.01
CA LEU A 258 15.39 -46.12 -18.75
C LEU A 258 14.60 -47.42 -18.59
N PRO A 259 14.52 -47.96 -17.37
CA PRO A 259 13.84 -49.24 -17.15
C PRO A 259 12.33 -49.16 -17.22
N VAL A 260 11.78 -48.00 -17.56
CA VAL A 260 10.33 -47.82 -17.62
C VAL A 260 9.80 -48.48 -18.89
N PRO A 261 8.70 -49.21 -18.82
CA PRO A 261 8.15 -49.83 -20.04
C PRO A 261 7.44 -48.79 -20.90
N ILE A 262 7.25 -49.16 -22.16
CA ILE A 262 6.74 -48.25 -23.17
C ILE A 262 5.34 -48.71 -23.58
N ARG A 263 4.44 -47.75 -23.77
CA ARG A 263 3.07 -48.04 -24.15
C ARG A 263 2.65 -47.36 -25.44
N PHE A 264 3.08 -46.13 -25.67
CA PHE A 264 2.70 -45.39 -26.87
C PHE A 264 3.93 -45.18 -27.73
N LEU A 265 3.70 -44.92 -29.03
CA LEU A 265 4.80 -44.60 -29.94
C LEU A 265 4.31 -43.66 -31.02
N PHE A 266 4.98 -42.52 -31.15
CA PHE A 266 4.82 -41.58 -32.25
C PHE A 266 5.98 -41.70 -33.22
N VAL A 267 5.68 -41.65 -34.52
CA VAL A 267 6.67 -41.70 -35.58
C VAL A 267 6.26 -40.63 -36.58
N LEU A 268 7.08 -39.59 -36.70
CA LEU A 268 6.77 -38.45 -37.56
C LEU A 268 7.82 -38.36 -38.64
N LEU A 269 7.40 -38.52 -39.90
CA LEU A 269 8.32 -38.51 -41.02
C LEU A 269 7.83 -37.53 -42.07
N GLY A 270 8.75 -37.07 -42.91
CA GLY A 270 8.39 -36.22 -44.02
C GLY A 270 9.58 -35.49 -44.60
N PRO A 271 9.35 -34.77 -45.70
CA PRO A 271 10.42 -33.98 -46.32
C PRO A 271 10.47 -32.57 -45.74
N GLU A 272 11.48 -31.83 -46.16
CA GLU A 272 11.61 -30.44 -45.72
C GLU A 272 10.54 -29.58 -46.39
N ALA A 273 10.02 -28.63 -45.62
CA ALA A 273 9.00 -27.71 -46.11
C ALA A 273 9.03 -26.46 -45.24
N PRO A 274 8.56 -25.33 -45.75
CA PRO A 274 8.46 -24.14 -44.92
C PRO A 274 7.33 -24.25 -43.90
N HIS A 275 7.53 -23.57 -42.76
CA HIS A 275 6.58 -23.57 -41.65
C HIS A 275 6.42 -24.95 -41.03
N ILE A 276 7.45 -25.80 -41.17
CA ILE A 276 7.45 -27.12 -40.53
C ILE A 276 8.80 -27.30 -39.86
N ASP A 277 8.81 -27.31 -38.53
CA ASP A 277 10.00 -27.61 -37.74
C ASP A 277 9.73 -28.90 -36.97
N TYR A 278 10.49 -29.95 -37.26
CA TYR A 278 10.15 -31.26 -36.72
C TYR A 278 10.48 -31.35 -35.23
N THR A 279 11.46 -30.57 -34.77
CA THR A 279 11.73 -30.52 -33.33
C THR A 279 10.56 -29.92 -32.58
N GLN A 280 10.04 -28.79 -33.07
CA GLN A 280 8.90 -28.15 -32.42
C GLN A 280 7.64 -28.99 -32.54
N LEU A 281 7.49 -29.72 -33.66
CA LEU A 281 6.32 -30.56 -33.83
C LEU A 281 6.38 -31.76 -32.89
N GLY A 282 7.56 -32.34 -32.70
CA GLY A 282 7.73 -33.38 -31.70
C GLY A 282 7.47 -32.87 -30.29
N ARG A 283 7.93 -31.66 -30.00
CA ARG A 283 7.64 -31.05 -28.69
C ARG A 283 6.15 -30.87 -28.50
N ALA A 284 5.44 -30.45 -29.55
CA ALA A 284 3.99 -30.28 -29.46
C ALA A 284 3.29 -31.61 -29.23
N ALA A 285 3.72 -32.66 -29.94
CA ALA A 285 3.14 -33.97 -29.72
C ALA A 285 3.39 -34.45 -28.29
N ALA A 286 4.60 -34.24 -27.78
CA ALA A 286 4.93 -34.67 -26.42
C ALA A 286 4.10 -33.90 -25.41
N THR A 287 3.90 -32.60 -25.64
CA THR A 287 3.08 -31.82 -24.73
C THR A 287 1.63 -32.28 -24.78
N LEU A 288 1.16 -32.70 -25.96
CA LEU A 288 -0.18 -33.27 -26.03
C LEU A 288 -0.27 -34.57 -25.22
N MET A 289 0.77 -35.41 -25.26
CA MET A 289 0.69 -36.65 -24.48
C MET A 289 0.86 -36.39 -23.00
N SER A 290 1.50 -35.28 -22.62
CA SER A 290 1.73 -35.04 -21.19
C SER A 290 0.44 -34.59 -20.52
N GLU A 291 -0.42 -33.87 -21.24
CA GLU A 291 -1.66 -33.41 -20.64
C GLU A 291 -2.48 -34.63 -20.24
N ARG A 292 -3.25 -34.51 -19.15
CA ARG A 292 -3.91 -35.68 -18.60
C ARG A 292 -5.12 -36.10 -19.41
N VAL A 293 -5.90 -35.14 -19.91
CA VAL A 293 -7.14 -35.49 -20.63
C VAL A 293 -6.83 -36.26 -21.90
N PHE A 294 -5.84 -35.81 -22.67
CA PHE A 294 -5.49 -36.52 -23.90
C PHE A 294 -4.92 -37.89 -23.60
N ARG A 295 -4.18 -38.02 -22.49
CA ARG A 295 -3.65 -39.33 -22.12
C ARG A 295 -4.76 -40.31 -21.75
N ILE A 296 -5.74 -39.85 -20.97
CA ILE A 296 -6.87 -40.69 -20.61
C ILE A 296 -7.68 -41.08 -21.84
N ASP A 297 -7.81 -40.14 -22.79
CA ASP A 297 -8.56 -40.47 -23.99
C ASP A 297 -7.80 -41.48 -24.83
N ALA A 298 -6.47 -41.35 -24.91
CA ALA A 298 -5.71 -42.29 -25.70
C ALA A 298 -5.69 -43.65 -25.02
N TYR A 299 -5.70 -43.68 -23.68
CA TYR A 299 -5.74 -44.95 -22.98
C TYR A 299 -7.05 -45.68 -23.20
N MET A 300 -8.11 -44.98 -23.60
CA MET A 300 -9.41 -45.62 -23.81
C MET A 300 -9.98 -45.49 -25.21
N ALA A 301 -9.36 -44.70 -26.09
CA ALA A 301 -9.89 -44.54 -27.44
C ALA A 301 -9.80 -45.85 -28.20
N GLN A 302 -10.79 -46.10 -29.05
CA GLN A 302 -10.85 -47.31 -29.87
C GLN A 302 -10.66 -47.06 -31.35
N SER A 303 -10.64 -45.80 -31.78
CA SER A 303 -10.43 -45.46 -33.18
C SER A 303 -9.75 -44.10 -33.25
N ARG A 304 -9.75 -43.50 -34.44
CA ARG A 304 -9.14 -42.19 -34.63
C ARG A 304 -10.09 -41.05 -34.30
N GLY A 305 -11.40 -41.29 -34.38
CA GLY A 305 -12.35 -40.23 -34.13
C GLY A 305 -12.27 -39.67 -32.73
N GLU A 306 -12.02 -40.53 -31.74
CA GLU A 306 -11.94 -40.05 -30.36
C GLU A 306 -10.69 -39.22 -30.13
N LEU A 307 -9.57 -39.63 -30.72
CA LEU A 307 -8.35 -38.82 -30.65
C LEU A 307 -8.55 -37.48 -31.36
N LEU A 308 -9.24 -37.49 -32.50
CA LEU A 308 -9.54 -36.24 -33.19
C LEU A 308 -10.40 -35.33 -32.34
N HIS A 309 -11.42 -35.90 -31.68
CA HIS A 309 -12.29 -35.11 -30.81
C HIS A 309 -11.50 -34.52 -29.64
N SER A 310 -10.60 -35.32 -29.05
CA SER A 310 -9.79 -34.82 -27.95
C SER A 310 -8.84 -33.72 -28.43
N LEU A 311 -8.33 -33.84 -29.65
CA LEU A 311 -7.46 -32.79 -30.18
C LEU A 311 -8.24 -31.51 -30.45
N GLU A 312 -9.46 -31.62 -30.98
CA GLU A 312 -10.30 -30.45 -31.16
C GLU A 312 -10.63 -29.79 -29.83
N GLY A 313 -10.91 -30.59 -28.80
CA GLY A 313 -11.13 -30.04 -27.47
C GLY A 313 -9.90 -29.35 -26.91
N PHE A 314 -8.73 -29.96 -27.11
CA PHE A 314 -7.49 -29.36 -26.63
C PHE A 314 -7.20 -28.03 -27.32
N LEU A 315 -7.47 -27.96 -28.64
CA LEU A 315 -7.25 -26.71 -29.34
C LEU A 315 -8.33 -25.67 -28.99
N ASP A 316 -9.53 -26.12 -28.62
CA ASP A 316 -10.59 -25.18 -28.31
C ASP A 316 -10.28 -24.42 -27.03
N CYS A 317 -9.69 -25.10 -26.05
CA CYS A 317 -9.45 -24.52 -24.73
C CYS A 317 -8.03 -24.00 -24.60
N SER A 318 -7.44 -23.56 -25.70
CA SER A 318 -6.09 -23.01 -25.71
C SER A 318 -6.13 -21.51 -25.92
N LEU A 319 -5.08 -20.84 -25.44
CA LEU A 319 -5.00 -19.39 -25.46
C LEU A 319 -3.76 -19.01 -26.25
N VAL A 320 -3.96 -18.43 -27.43
CA VAL A 320 -2.87 -17.95 -28.26
C VAL A 320 -2.81 -16.44 -28.09
N LEU A 321 -1.60 -15.92 -27.88
CA LEU A 321 -1.45 -14.49 -27.74
C LEU A 321 -0.52 -13.94 -28.80
N PRO A 322 -0.93 -12.87 -29.50
CA PRO A 322 -0.18 -12.39 -30.65
C PRO A 322 0.95 -11.48 -30.20
N PRO A 323 1.85 -11.11 -31.11
CA PRO A 323 2.92 -10.18 -30.72
C PRO A 323 2.34 -8.80 -30.43
N THR A 324 3.01 -8.09 -29.53
CA THR A 324 2.58 -6.75 -29.13
C THR A 324 3.72 -5.76 -29.31
N ASP A 325 3.47 -4.50 -28.96
CA ASP A 325 4.49 -3.45 -29.06
C ASP A 325 5.20 -3.21 -27.74
N ALA A 326 4.46 -3.00 -26.66
CA ALA A 326 5.05 -2.73 -25.34
C ALA A 326 4.54 -3.76 -24.36
N PRO A 327 5.20 -4.92 -24.26
CA PRO A 327 4.77 -5.94 -23.30
C PRO A 327 5.13 -5.53 -21.89
N SER A 328 4.26 -5.90 -20.94
CA SER A 328 4.46 -5.54 -19.55
C SER A 328 3.94 -6.67 -18.67
N GLU A 329 4.63 -6.86 -17.54
CA GLU A 329 4.24 -7.91 -16.60
C GLU A 329 2.94 -7.60 -15.88
N GLN A 330 2.40 -6.38 -16.02
CA GLN A 330 1.16 -6.04 -15.34
C GLN A 330 -0.07 -6.34 -16.18
N ALA A 331 -0.03 -6.03 -17.48
CA ALA A 331 -1.17 -6.35 -18.33
C ALA A 331 -1.24 -7.84 -18.63
N LEU A 332 -0.08 -8.53 -18.61
CA LEU A 332 -0.07 -9.95 -18.93
C LEU A 332 -0.69 -10.75 -17.79
N LEU A 333 -0.84 -10.12 -16.63
CA LEU A 333 -1.46 -10.73 -15.47
C LEU A 333 -2.94 -10.41 -15.40
N SER A 334 -3.49 -9.75 -16.42
CA SER A 334 -4.91 -9.51 -16.50
C SER A 334 -5.66 -10.65 -17.17
N LEU A 335 -4.94 -11.69 -17.58
CA LEU A 335 -5.52 -12.86 -18.22
C LEU A 335 -5.62 -14.04 -17.26
N VAL A 336 -5.38 -13.80 -15.95
CA VAL A 336 -5.39 -14.90 -14.99
C VAL A 336 -6.74 -15.59 -14.89
N PRO A 337 -7.87 -14.88 -14.71
CA PRO A 337 -9.15 -15.59 -14.65
C PRO A 337 -9.46 -16.34 -15.93
N VAL A 338 -9.05 -15.80 -17.08
CA VAL A 338 -9.34 -16.44 -18.36
C VAL A 338 -8.69 -17.82 -18.40
N GLN A 339 -7.42 -17.88 -17.99
CA GLN A 339 -6.73 -19.17 -17.99
C GLN A 339 -7.48 -20.14 -17.11
N ARG A 340 -7.93 -19.69 -15.93
CA ARG A 340 -8.65 -20.59 -15.06
C ARG A 340 -9.90 -21.09 -15.75
N GLU A 341 -10.64 -20.18 -16.40
CA GLU A 341 -11.86 -20.61 -17.05
C GLU A 341 -11.52 -21.59 -18.15
N LEU A 342 -10.43 -21.34 -18.87
CA LEU A 342 -10.04 -22.25 -19.94
C LEU A 342 -9.69 -23.59 -19.35
N LEU A 343 -8.95 -23.59 -18.24
CA LEU A 343 -8.62 -24.84 -17.58
C LEU A 343 -9.90 -25.57 -17.20
N ARG A 344 -10.85 -24.84 -16.63
CA ARG A 344 -12.09 -25.48 -16.23
C ARG A 344 -12.78 -26.07 -17.44
N ARG A 345 -12.80 -25.31 -18.55
CA ARG A 345 -13.49 -25.80 -19.72
C ARG A 345 -12.77 -27.03 -20.26
N ARG A 346 -11.45 -27.06 -20.13
CA ARG A 346 -10.72 -28.24 -20.60
C ARG A 346 -11.14 -29.44 -19.78
N TYR A 347 -11.21 -29.27 -18.46
CA TYR A 347 -11.60 -30.36 -17.59
C TYR A 347 -13.11 -30.56 -17.59
N GLN A 348 -13.85 -29.66 -18.25
CA GLN A 348 -15.31 -29.72 -18.21
C GLN A 348 -15.82 -31.08 -18.69
N SER A 349 -15.29 -31.56 -19.83
CA SER A 349 -15.73 -32.82 -20.42
C SER A 349 -14.75 -33.95 -20.17
N SER A 350 -13.91 -33.84 -19.13
CA SER A 350 -12.90 -34.85 -18.88
C SER A 350 -13.25 -35.70 -17.66
N PRO A 351 -13.03 -37.02 -17.73
CA PRO A 351 -13.12 -37.83 -16.51
C PRO A 351 -12.07 -37.45 -15.48
N ALA A 352 -10.98 -36.80 -15.88
CA ALA A 352 -9.96 -36.36 -14.96
C ALA A 352 -10.39 -35.10 -14.23
N LYS A 353 -9.70 -34.82 -13.13
CA LYS A 353 -9.91 -33.62 -12.33
C LYS A 353 -8.60 -32.87 -12.18
N PRO A 354 -8.65 -31.55 -12.12
CA PRO A 354 -7.42 -30.77 -11.99
C PRO A 354 -6.73 -31.03 -10.66
N ASP A 355 -5.40 -30.93 -10.67
CA ASP A 355 -4.64 -31.04 -9.43
C ASP A 355 -4.56 -29.70 -8.69
N SER A 356 -4.43 -28.60 -9.42
CA SER A 356 -4.41 -27.26 -8.84
C SER A 356 -5.71 -26.57 -9.21
N SER A 357 -6.64 -26.51 -8.27
CA SER A 357 -7.94 -25.87 -8.51
C SER A 357 -8.28 -24.90 -7.38
N ASP A 369 -21.11 -29.95 9.26
CA ASP A 369 -21.84 -29.50 10.44
C ASP A 369 -21.85 -27.98 10.54
N ASP A 370 -22.92 -27.43 11.11
CA ASP A 370 -23.08 -26.01 11.30
C ASP A 370 -23.22 -25.70 12.78
N PRO A 371 -22.54 -24.66 13.29
CA PRO A 371 -22.69 -24.34 14.72
C PRO A 371 -24.12 -23.98 15.08
N LEU A 372 -24.85 -23.38 14.16
CA LEU A 372 -26.27 -23.08 14.34
C LEU A 372 -27.04 -23.88 13.30
N GLN A 373 -28.07 -24.61 13.75
CA GLN A 373 -28.80 -25.48 12.85
C GLN A 373 -30.03 -26.01 13.57
N GLN A 374 -31.09 -26.25 12.80
CA GLN A 374 -32.34 -26.78 13.33
C GLN A 374 -32.24 -28.30 13.36
N THR A 375 -32.33 -28.88 14.54
CA THR A 375 -32.20 -30.32 14.71
C THR A 375 -33.51 -30.91 15.22
N GLY A 376 -33.80 -32.14 14.80
CA GLY A 376 -35.07 -32.75 15.11
C GLY A 376 -35.19 -33.33 16.50
N GLN A 377 -34.27 -33.00 17.40
CA GLN A 377 -34.29 -33.52 18.76
C GLN A 377 -34.40 -32.36 19.76
N LEU A 378 -34.92 -32.68 20.94
CA LEU A 378 -34.92 -31.72 22.03
C LEU A 378 -33.50 -31.49 22.52
N PHE A 379 -33.16 -30.23 22.77
CA PHE A 379 -31.85 -29.86 23.33
C PHE A 379 -30.70 -30.20 22.40
N GLY A 380 -30.96 -30.29 21.09
CA GLY A 380 -29.93 -30.73 20.15
C GLY A 380 -28.74 -29.79 20.14
N GLY A 381 -28.98 -28.49 20.20
CA GLY A 381 -27.89 -27.54 20.09
C GLY A 381 -26.89 -27.69 21.22
N LEU A 382 -27.39 -27.94 22.43
CA LEU A 382 -26.53 -28.08 23.60
C LEU A 382 -25.58 -29.25 23.46
N VAL A 383 -26.11 -30.42 23.11
CA VAL A 383 -25.26 -31.60 22.94
C VAL A 383 -24.30 -31.39 21.78
N ARG A 384 -24.77 -30.78 20.68
CA ARG A 384 -23.88 -30.54 19.55
C ARG A 384 -22.71 -29.66 19.96
N ASP A 385 -22.98 -28.59 20.70
CA ASP A 385 -21.91 -27.68 21.08
C ASP A 385 -20.96 -28.34 22.07
N ILE A 386 -21.48 -29.14 23.00
CA ILE A 386 -20.61 -29.85 23.94
C ILE A 386 -19.69 -30.80 23.19
N ARG A 387 -20.27 -31.63 22.32
CA ARG A 387 -19.47 -32.59 21.56
C ARG A 387 -18.47 -31.90 20.65
N ARG A 388 -18.82 -30.70 20.15
CA ARG A 388 -17.89 -30.00 19.28
C ARG A 388 -16.73 -29.39 20.05
N ARG A 389 -17.00 -28.85 21.24
CA ARG A 389 -15.95 -28.07 21.90
C ARG A 389 -15.13 -28.89 22.88
N TYR A 390 -15.77 -29.69 23.74
CA TYR A 390 -15.03 -30.28 24.85
C TYR A 390 -13.91 -31.24 24.44
N PRO A 391 -13.92 -31.90 23.28
CA PRO A 391 -12.72 -32.68 22.90
C PRO A 391 -11.46 -31.85 22.77
N TYR A 392 -11.56 -30.52 22.78
CA TYR A 392 -10.41 -29.64 22.64
C TYR A 392 -9.92 -29.11 23.99
N TYR A 393 -10.30 -29.76 25.08
CA TYR A 393 -10.09 -29.15 26.40
C TYR A 393 -8.63 -29.16 26.78
N LEU A 394 -7.94 -30.27 26.51
CA LEU A 394 -6.52 -30.36 26.82
C LEU A 394 -5.71 -29.37 26.00
N SER A 395 -6.07 -29.19 24.72
CA SER A 395 -5.40 -28.18 23.90
C SER A 395 -5.68 -26.78 24.43
N ASP A 396 -6.91 -26.53 24.88
CA ASP A 396 -7.24 -25.22 25.46
C ASP A 396 -6.42 -24.96 26.71
N ILE A 397 -6.14 -26.00 27.50
CA ILE A 397 -5.31 -25.84 28.67
C ILE A 397 -3.86 -25.62 28.27
N THR A 398 -3.37 -26.38 27.29
CA THR A 398 -1.94 -26.39 26.98
C THR A 398 -1.49 -25.16 26.21
N ASP A 399 -2.34 -24.61 25.34
CA ASP A 399 -1.95 -23.52 24.44
C ASP A 399 -1.64 -22.23 25.19
N ALA A 400 -1.73 -22.22 26.51
CA ALA A 400 -1.58 -21.02 27.34
C ALA A 400 -0.14 -20.79 27.82
N PHE A 401 0.84 -21.52 27.30
CA PHE A 401 2.19 -21.44 27.85
C PHE A 401 3.04 -20.35 27.21
N SER A 402 2.48 -19.56 26.30
CA SER A 402 3.18 -18.43 25.72
C SER A 402 3.13 -17.22 26.65
N PRO A 403 4.06 -16.27 26.48
CA PRO A 403 4.02 -15.04 27.29
C PRO A 403 2.95 -14.08 26.82
N GLN A 404 2.52 -14.22 25.57
CA GLN A 404 1.42 -13.41 25.05
C GLN A 404 0.17 -13.57 25.89
N VAL A 405 -0.05 -14.76 26.44
CA VAL A 405 -1.19 -14.96 27.33
C VAL A 405 -1.04 -14.10 28.58
N LEU A 406 0.18 -14.01 29.11
CA LEU A 406 0.41 -13.17 30.28
C LEU A 406 0.19 -11.69 29.96
N ALA A 407 0.68 -11.24 28.81
CA ALA A 407 0.46 -9.85 28.42
C ALA A 407 -1.03 -9.55 28.25
N ALA A 408 -1.77 -10.44 27.59
CA ALA A 408 -3.19 -10.25 27.43
C ALA A 408 -3.91 -10.22 28.77
N VAL A 409 -3.48 -11.07 29.70
CA VAL A 409 -4.08 -11.06 31.04
C VAL A 409 -3.85 -9.71 31.70
N ILE A 410 -2.62 -9.22 31.68
CA ILE A 410 -2.31 -7.96 32.36
C ILE A 410 -3.06 -6.80 31.72
N PHE A 411 -3.23 -6.82 30.40
CA PHE A 411 -3.97 -5.77 29.72
C PHE A 411 -5.46 -5.82 30.09
N ILE A 412 -6.09 -6.98 29.86
CA ILE A 412 -7.52 -7.08 30.07
C ILE A 412 -7.89 -6.93 31.54
N TYR A 413 -6.97 -7.19 32.46
CA TYR A 413 -7.29 -6.98 33.87
C TYR A 413 -7.68 -5.53 34.12
N PHE A 414 -6.83 -4.59 33.74
CA PHE A 414 -7.15 -3.19 33.88
C PHE A 414 -8.33 -2.79 33.00
N ALA A 415 -8.34 -3.29 31.75
CA ALA A 415 -9.41 -2.94 30.82
C ALA A 415 -10.78 -3.32 31.36
N ALA A 416 -10.86 -4.36 32.17
CA ALA A 416 -12.12 -4.78 32.75
C ALA A 416 -12.35 -4.24 34.15
N LEU A 417 -11.28 -3.91 34.87
CA LEU A 417 -11.43 -3.42 36.23
C LEU A 417 -11.89 -1.97 36.25
N SER A 418 -11.34 -1.12 35.38
CA SER A 418 -11.67 0.30 35.47
C SER A 418 -13.16 0.56 35.26
N PRO A 419 -13.78 0.11 34.15
CA PRO A 419 -15.22 0.40 33.99
C PRO A 419 -16.05 -0.25 35.06
N ALA A 420 -15.58 -1.38 35.60
CA ALA A 420 -16.27 -2.03 36.71
C ALA A 420 -16.34 -1.09 37.91
N ILE A 421 -15.21 -0.47 38.26
CA ILE A 421 -15.20 0.45 39.39
C ILE A 421 -16.08 1.66 39.12
N THR A 422 -15.97 2.23 37.90
CA THR A 422 -16.76 3.41 37.59
C THR A 422 -18.26 3.12 37.68
N PHE A 423 -18.71 2.08 36.99
CA PHE A 423 -20.13 1.73 37.02
C PHE A 423 -20.56 1.31 38.41
N GLY A 424 -19.69 0.67 39.18
CA GLY A 424 -20.05 0.31 40.55
C GLY A 424 -20.31 1.52 41.41
N GLY A 425 -19.42 2.51 41.33
CA GLY A 425 -19.64 3.75 42.06
C GLY A 425 -20.91 4.45 41.63
N LEU A 426 -21.16 4.51 40.33
CA LEU A 426 -22.36 5.19 39.86
C LEU A 426 -23.63 4.48 40.33
N LEU A 427 -23.65 3.14 40.24
CA LEU A 427 -24.83 2.41 40.69
C LEU A 427 -25.00 2.46 42.20
N GLY A 428 -23.89 2.54 42.95
CA GLY A 428 -23.99 2.66 44.39
C GLY A 428 -24.55 4.00 44.80
N GLU A 429 -24.12 5.07 44.14
CA GLU A 429 -24.68 6.38 44.46
C GLU A 429 -26.07 6.56 43.87
N LYS A 430 -26.48 5.70 42.94
CA LYS A 430 -27.79 5.85 42.32
C LYS A 430 -28.90 5.17 43.11
N THR A 431 -28.64 4.00 43.70
CA THR A 431 -29.66 3.23 44.39
C THR A 431 -29.47 3.27 45.91
N ARG A 432 -28.86 4.35 46.41
CA ARG A 432 -28.63 4.52 47.84
C ARG A 432 -27.85 3.35 48.43
N ASN A 433 -26.86 2.86 47.67
CA ASN A 433 -25.92 1.86 48.14
C ASN A 433 -26.60 0.53 48.45
N GLN A 434 -27.75 0.26 47.83
CA GLN A 434 -28.32 -1.09 47.91
C GLN A 434 -27.39 -2.09 47.23
N MET A 435 -26.83 -1.70 46.10
CA MET A 435 -25.84 -2.49 45.39
C MET A 435 -24.69 -1.54 45.09
N GLY A 436 -23.46 -2.01 45.27
CA GLY A 436 -22.31 -1.13 45.19
C GLY A 436 -21.17 -1.72 44.36
N VAL A 437 -19.95 -1.43 44.81
CA VAL A 437 -18.75 -1.83 44.08
C VAL A 437 -18.35 -3.26 44.41
N SER A 438 -18.42 -3.63 45.69
CA SER A 438 -17.95 -4.95 46.11
C SER A 438 -18.79 -6.05 45.48
N GLU A 439 -20.12 -5.85 45.45
CA GLU A 439 -21.00 -6.82 44.82
C GLU A 439 -20.66 -6.99 43.35
N LEU A 440 -20.43 -5.88 42.65
CA LEU A 440 -20.08 -5.96 41.23
C LEU A 440 -18.77 -6.68 41.03
N LEU A 441 -17.77 -6.41 41.88
CA LEU A 441 -16.48 -7.06 41.75
C LEU A 441 -16.58 -8.57 41.98
N ILE A 442 -17.26 -8.97 43.04
CA ILE A 442 -17.39 -10.41 43.34
C ILE A 442 -18.17 -11.10 42.23
N SER A 443 -19.24 -10.48 41.75
CA SER A 443 -20.03 -11.09 40.68
C SER A 443 -19.21 -11.24 39.42
N THR A 444 -18.45 -10.21 39.04
CA THR A 444 -17.58 -10.31 37.88
C THR A 444 -16.59 -11.43 38.05
N ALA A 445 -15.97 -11.53 39.23
CA ALA A 445 -14.98 -12.56 39.49
C ALA A 445 -15.58 -13.95 39.35
N VAL A 446 -16.71 -14.19 40.01
CA VAL A 446 -17.29 -15.53 40.02
C VAL A 446 -17.78 -15.91 38.63
N GLN A 447 -18.49 -14.99 37.95
CA GLN A 447 -18.96 -15.37 36.63
C GLN A 447 -17.84 -15.41 35.60
N GLY A 448 -16.67 -14.87 35.91
CA GLY A 448 -15.54 -15.05 35.02
C GLY A 448 -14.85 -16.36 35.27
N ILE A 449 -14.66 -16.73 36.53
CA ILE A 449 -14.03 -18.03 36.81
C ILE A 449 -14.90 -19.12 36.21
N LEU A 450 -16.21 -19.08 36.50
CA LEU A 450 -17.10 -20.13 36.02
C LEU A 450 -17.18 -20.13 34.50
N PHE A 451 -17.23 -18.95 33.86
CA PHE A 451 -17.32 -18.95 32.41
C PHE A 451 -16.04 -19.43 31.74
N ALA A 452 -14.88 -19.14 32.34
CA ALA A 452 -13.63 -19.64 31.78
C ALA A 452 -13.46 -21.12 32.04
N LEU A 453 -14.01 -21.64 33.13
CA LEU A 453 -13.85 -23.05 33.43
C LEU A 453 -14.80 -23.92 32.61
N LEU A 454 -16.06 -23.50 32.46
CA LEU A 454 -17.05 -24.34 31.81
C LEU A 454 -17.55 -23.76 30.50
N GLY A 455 -16.87 -22.77 29.93
CA GLY A 455 -17.37 -22.10 28.75
C GLY A 455 -16.92 -22.77 27.47
N ALA A 456 -17.64 -22.47 26.39
CA ALA A 456 -17.28 -22.98 25.07
C ALA A 456 -16.37 -22.02 24.32
N GLN A 457 -16.58 -20.71 24.48
CA GLN A 457 -15.71 -19.70 23.87
C GLN A 457 -15.05 -18.92 25.00
N PRO A 458 -13.82 -19.25 25.37
CA PRO A 458 -13.18 -18.61 26.52
C PRO A 458 -12.54 -17.25 26.24
N LEU A 459 -12.86 -16.61 25.11
CA LEU A 459 -12.33 -15.29 24.84
C LEU A 459 -13.30 -14.15 25.18
N LEU A 460 -14.50 -14.46 25.68
CA LEU A 460 -15.41 -13.41 26.09
C LEU A 460 -15.11 -12.89 27.48
N VAL A 461 -15.43 -11.62 27.70
CA VAL A 461 -15.24 -10.94 28.98
C VAL A 461 -16.62 -10.47 29.42
N VAL A 462 -17.12 -11.03 30.50
CA VAL A 462 -18.45 -10.70 31.01
C VAL A 462 -18.33 -9.49 31.93
N GLY A 463 -19.33 -8.62 31.91
CA GLY A 463 -19.30 -7.45 32.77
C GLY A 463 -20.53 -6.59 32.55
N PHE A 464 -20.65 -5.59 33.42
CA PHE A 464 -21.78 -4.67 33.36
C PHE A 464 -21.63 -3.71 32.18
N SER A 465 -22.77 -3.26 31.66
CA SER A 465 -22.83 -2.40 30.49
C SER A 465 -23.53 -1.09 30.85
N GLY A 466 -23.80 -0.29 29.82
CA GLY A 466 -24.51 0.97 30.01
C GLY A 466 -26.01 0.83 29.94
N PRO A 467 -26.54 0.20 28.89
CA PRO A 467 -27.99 -0.01 28.83
C PRO A 467 -28.52 -0.77 30.04
N LEU A 468 -27.73 -1.71 30.58
CA LEU A 468 -28.13 -2.38 31.80
C LEU A 468 -28.23 -1.39 32.96
N LEU A 469 -27.30 -0.43 33.02
CA LEU A 469 -27.37 0.61 34.04
C LEU A 469 -28.62 1.46 33.86
N VAL A 470 -28.97 1.77 32.62
CA VAL A 470 -30.19 2.54 32.36
C VAL A 470 -31.41 1.77 32.85
N PHE A 471 -31.46 0.47 32.58
CA PHE A 471 -32.59 -0.33 33.03
C PHE A 471 -32.64 -0.40 34.55
N GLU A 472 -31.47 -0.53 35.19
CA GLU A 472 -31.44 -0.52 36.65
C GLU A 472 -31.97 0.79 37.19
N GLU A 473 -31.59 1.91 36.57
CA GLU A 473 -32.12 3.21 36.95
C GLU A 473 -33.65 3.20 36.87
N ALA A 474 -34.17 2.75 35.73
CA ALA A 474 -35.61 2.75 35.52
C ALA A 474 -36.32 1.87 36.54
N PHE A 475 -35.76 0.69 36.83
CA PHE A 475 -36.40 -0.24 37.76
C PHE A 475 -36.37 0.33 39.17
N PHE A 476 -35.27 0.99 39.54
CA PHE A 476 -35.21 1.62 40.85
C PHE A 476 -36.22 2.75 40.96
N SER A 477 -36.37 3.54 39.89
CA SER A 477 -37.37 4.60 39.89
C SER A 477 -38.77 4.03 40.03
N PHE A 478 -39.05 2.93 39.32
CA PHE A 478 -40.36 2.31 39.38
C PHE A 478 -40.66 1.76 40.77
N CYS A 479 -39.68 1.11 41.40
CA CYS A 479 -39.90 0.58 42.74
C CYS A 479 -40.00 1.69 43.77
N GLU A 480 -39.31 2.81 43.53
CA GLU A 480 -39.46 3.97 44.38
C GLU A 480 -40.87 4.56 44.26
N THR A 481 -41.39 4.59 43.04
CA THR A 481 -42.71 5.20 42.82
C THR A 481 -43.81 4.31 43.40
N ASN A 482 -43.79 3.02 43.09
CA ASN A 482 -44.90 2.17 43.50
C ASN A 482 -44.88 1.84 44.98
N GLY A 483 -43.74 2.02 45.65
CA GLY A 483 -43.67 1.81 47.08
C GLY A 483 -43.21 0.43 47.46
N LEU A 484 -42.62 -0.31 46.53
CA LEU A 484 -42.08 -1.63 46.77
C LEU A 484 -40.58 -1.58 47.04
N GLU A 485 -40.04 -2.72 47.46
CA GLU A 485 -38.60 -2.88 47.61
C GLU A 485 -37.95 -3.03 46.23
N TYR A 486 -36.61 -3.06 46.23
CA TYR A 486 -35.85 -3.11 45.00
C TYR A 486 -35.04 -4.40 44.88
N ILE A 487 -34.20 -4.72 45.86
CA ILE A 487 -33.38 -5.92 45.80
C ILE A 487 -34.20 -7.20 45.81
N VAL A 488 -35.47 -7.12 46.21
CA VAL A 488 -36.31 -8.31 46.23
C VAL A 488 -36.88 -8.60 44.84
N GLY A 489 -37.36 -7.57 44.15
CA GLY A 489 -37.93 -7.79 42.83
C GLY A 489 -36.93 -8.34 41.83
N ARG A 490 -35.65 -8.00 41.98
CA ARG A 490 -34.63 -8.53 41.08
C ARG A 490 -34.54 -10.05 41.20
N VAL A 491 -34.89 -10.61 42.36
CA VAL A 491 -34.88 -12.05 42.53
C VAL A 491 -35.92 -12.71 41.64
N TRP A 492 -37.13 -12.15 41.63
CA TRP A 492 -38.19 -12.69 40.78
C TRP A 492 -37.88 -12.46 39.31
N ILE A 493 -37.25 -11.32 38.99
CA ILE A 493 -36.79 -11.11 37.63
C ILE A 493 -35.80 -12.19 37.22
N GLY A 494 -34.89 -12.55 38.14
CA GLY A 494 -33.95 -13.61 37.85
C GLY A 494 -34.63 -14.95 37.66
N PHE A 495 -35.64 -15.24 38.47
CA PHE A 495 -36.40 -16.48 38.31
C PHE A 495 -37.06 -16.55 36.94
N TRP A 496 -37.71 -15.46 36.53
CA TRP A 496 -38.34 -15.42 35.21
C TRP A 496 -37.30 -15.54 34.11
N LEU A 497 -36.13 -14.94 34.32
CA LEU A 497 -35.04 -15.06 33.36
C LEU A 497 -34.59 -16.50 33.22
N ILE A 498 -34.43 -17.19 34.36
CA ILE A 498 -34.03 -18.60 34.35
C ILE A 498 -35.04 -19.44 33.57
N LEU A 499 -36.33 -19.29 33.89
CA LEU A 499 -37.33 -20.09 33.18
C LEU A 499 -37.29 -19.80 31.69
N LEU A 500 -37.18 -18.52 31.32
CA LEU A 500 -37.22 -18.18 29.89
C LEU A 500 -36.00 -18.73 29.16
N VAL A 501 -34.81 -18.65 29.78
CA VAL A 501 -33.63 -19.14 29.10
C VAL A 501 -33.66 -20.66 29.00
N VAL A 502 -34.22 -21.34 30.02
CA VAL A 502 -34.38 -22.79 29.92
C VAL A 502 -35.32 -23.12 28.77
N LEU A 503 -36.42 -22.39 28.66
CA LEU A 503 -37.38 -22.64 27.58
C LEU A 503 -36.74 -22.42 26.22
N VAL A 504 -35.90 -21.38 26.12
CA VAL A 504 -35.29 -21.06 24.83
C VAL A 504 -34.26 -22.13 24.45
N VAL A 505 -33.42 -22.52 25.41
CA VAL A 505 -32.41 -23.53 25.11
C VAL A 505 -33.07 -24.87 24.79
N ALA A 506 -34.21 -25.16 25.41
CA ALA A 506 -34.91 -26.40 25.12
C ALA A 506 -35.31 -26.49 23.66
N PHE A 507 -35.77 -25.39 23.08
CA PHE A 507 -36.21 -25.36 21.68
C PHE A 507 -35.15 -24.81 20.74
N GLU A 508 -33.87 -24.87 21.12
CA GLU A 508 -32.73 -24.51 20.28
C GLU A 508 -32.98 -23.23 19.48
N GLY A 509 -33.61 -22.24 20.09
CA GLY A 509 -34.00 -21.05 19.38
C GLY A 509 -32.90 -20.05 19.10
N SER A 510 -31.65 -20.51 19.02
CA SER A 510 -30.55 -19.63 18.67
C SER A 510 -30.26 -19.62 17.16
N PHE A 511 -30.89 -20.50 16.39
CA PHE A 511 -30.70 -20.49 14.94
C PHE A 511 -31.14 -19.18 14.31
N LEU A 512 -31.95 -18.39 15.01
CA LEU A 512 -32.33 -17.07 14.49
C LEU A 512 -31.12 -16.17 14.31
N VAL A 513 -29.99 -16.50 14.95
CA VAL A 513 -28.77 -15.75 14.77
C VAL A 513 -28.34 -15.80 13.32
N ARG A 514 -28.84 -16.77 12.57
CA ARG A 514 -28.47 -16.87 11.17
C ARG A 514 -28.98 -15.69 10.37
N PHE A 515 -30.14 -15.13 10.74
CA PHE A 515 -30.69 -14.07 9.90
C PHE A 515 -29.98 -12.73 10.07
N ILE A 516 -29.33 -12.50 11.21
CA ILE A 516 -28.59 -11.25 11.42
C ILE A 516 -27.33 -11.28 10.55
N SER A 517 -27.27 -10.41 9.56
CA SER A 517 -26.19 -10.40 8.58
C SER A 517 -25.05 -9.51 9.07
N ARG A 518 -24.11 -9.22 8.16
CA ARG A 518 -22.97 -8.37 8.50
C ARG A 518 -23.39 -6.93 8.74
N TYR A 519 -24.50 -6.49 8.13
CA TYR A 519 -24.99 -5.13 8.30
C TYR A 519 -25.10 -4.76 9.78
N THR A 520 -25.91 -5.54 10.51
CA THR A 520 -26.16 -5.21 11.91
C THR A 520 -24.90 -5.38 12.74
N GLN A 521 -24.07 -6.36 12.42
CA GLN A 521 -22.84 -6.55 13.16
C GLN A 521 -21.95 -5.32 13.06
N GLU A 522 -21.78 -4.80 11.83
CA GLU A 522 -20.93 -3.62 11.64
C GLU A 522 -21.52 -2.39 12.31
N ILE A 523 -22.83 -2.15 12.14
CA ILE A 523 -23.45 -0.99 12.81
C ILE A 523 -23.22 -1.08 14.31
N PHE A 524 -23.48 -2.25 14.91
CA PHE A 524 -23.37 -2.41 16.35
C PHE A 524 -21.95 -2.12 16.81
N SER A 525 -20.97 -2.73 16.16
CA SER A 525 -19.59 -2.53 16.61
C SER A 525 -19.17 -1.08 16.46
N PHE A 526 -19.52 -0.44 15.34
CA PHE A 526 -19.17 0.96 15.13
C PHE A 526 -19.80 1.84 16.20
N LEU A 527 -21.09 1.64 16.48
CA LEU A 527 -21.76 2.44 17.49
C LEU A 527 -21.11 2.25 18.85
N ILE A 528 -20.77 1.00 19.20
CA ILE A 528 -20.18 0.73 20.50
C ILE A 528 -18.86 1.46 20.64
N SER A 529 -17.99 1.34 19.62
CA SER A 529 -16.70 2.02 19.70
C SER A 529 -16.86 3.53 19.78
N LEU A 530 -17.81 4.08 19.00
CA LEU A 530 -18.01 5.52 19.00
C LEU A 530 -18.49 6.01 20.36
N ILE A 531 -19.45 5.29 20.97
CA ILE A 531 -19.93 5.65 22.30
C ILE A 531 -18.81 5.56 23.31
N PHE A 532 -17.95 4.53 23.18
CA PHE A 532 -16.81 4.41 24.07
C PHE A 532 -15.94 5.65 24.03
N ILE A 533 -15.56 6.07 22.82
CA ILE A 533 -14.71 7.24 22.68
C ILE A 533 -15.40 8.47 23.23
N TYR A 534 -16.71 8.60 22.97
CA TYR A 534 -17.46 9.75 23.48
C TYR A 534 -17.42 9.80 25.00
N GLU A 535 -17.63 8.65 25.65
CA GLU A 535 -17.59 8.63 27.11
C GLU A 535 -16.20 8.98 27.64
N THR A 536 -15.16 8.52 26.95
CA THR A 536 -13.81 8.88 27.38
C THR A 536 -13.62 10.40 27.33
N PHE A 537 -13.98 11.01 26.19
CA PHE A 537 -13.85 12.47 26.10
C PHE A 537 -14.74 13.17 27.11
N SER A 538 -15.91 12.60 27.41
CA SER A 538 -16.78 13.20 28.42
C SER A 538 -16.12 13.18 29.79
N LYS A 539 -15.44 12.08 30.11
CA LYS A 539 -14.70 12.02 31.38
C LYS A 539 -13.63 13.09 31.43
N LEU A 540 -12.90 13.26 30.33
CA LEU A 540 -11.87 14.29 30.31
C LEU A 540 -12.47 15.68 30.49
N ILE A 541 -13.57 15.97 29.79
CA ILE A 541 -14.19 17.28 29.93
C ILE A 541 -14.73 17.47 31.34
N LYS A 542 -15.19 16.40 31.98
CA LYS A 542 -15.59 16.49 33.38
C LYS A 542 -14.41 16.87 34.26
N ILE A 543 -13.26 16.24 34.03
CA ILE A 543 -12.06 16.59 34.79
C ILE A 543 -11.72 18.06 34.60
N PHE A 544 -11.81 18.56 33.37
CA PHE A 544 -11.58 19.98 33.14
C PHE A 544 -12.63 20.86 33.81
N GLN A 545 -13.86 20.37 33.91
CA GLN A 545 -14.92 21.16 34.53
C GLN A 545 -14.74 21.23 36.04
N ASP A 546 -14.11 20.21 36.63
CA ASP A 546 -13.97 20.20 38.08
C ASP A 546 -12.86 21.13 38.55
N HIS A 547 -11.80 21.30 37.75
CA HIS A 547 -10.66 22.13 38.12
C HIS A 547 -10.35 23.11 37.00
N PRO A 548 -11.10 24.20 36.91
CA PRO A 548 -10.92 25.14 35.78
C PRO A 548 -9.58 25.85 35.85
N LEU A 549 -9.28 26.67 34.84
CA LEU A 549 -8.03 27.43 34.81
C LEU A 549 -8.29 28.84 35.29
N GLN A 550 -7.85 29.13 36.51
CA GLN A 550 -8.12 30.40 37.18
C GLN A 550 -6.80 31.09 37.52
N LYS A 551 -6.91 32.29 38.09
CA LYS A 551 -5.73 33.06 38.47
C LYS A 551 -5.30 32.80 39.91
N THR A 552 -6.22 32.37 40.78
CA THR A 552 -5.90 32.11 42.17
C THR A 552 -6.75 30.97 42.68
N TYR A 553 -6.17 30.19 43.60
CA TYR A 553 -6.86 29.07 44.21
C TYR A 553 -6.74 29.17 45.72
N ASN A 554 -7.63 28.45 46.41
CA ASN A 554 -7.55 28.27 47.85
C ASN A 554 -6.77 27.01 48.21
N TYR A 555 -6.02 27.10 49.31
CA TYR A 555 -5.11 26.05 49.75
C TYR A 555 -5.43 25.55 51.15
N ASN A 556 -6.47 26.09 51.79
CA ASN A 556 -7.09 25.45 52.94
C ASN A 556 -8.33 24.70 52.48
N VAL A 557 -8.09 23.73 51.60
CA VAL A 557 -9.11 22.83 51.07
C VAL A 557 -8.88 21.45 51.65
N LEU A 558 -9.95 20.83 52.14
CA LEU A 558 -9.87 19.50 52.72
C LEU A 558 -10.20 18.49 51.63
N MET A 559 -9.26 17.59 51.37
CA MET A 559 -9.41 16.59 50.31
C MET A 559 -9.56 15.18 50.89
N VAL A 560 -10.07 15.08 52.12
CA VAL A 560 -10.18 13.76 52.73
C VAL A 560 -11.24 12.92 52.02
N PRO A 561 -12.51 13.38 51.88
CA PRO A 561 -13.45 12.58 51.08
C PRO A 561 -13.23 12.70 49.58
N LYS A 562 -12.95 13.91 49.11
CA LYS A 562 -12.78 14.23 47.71
C LYS A 562 -12.28 15.67 47.59
N PRO A 563 -11.46 16.01 46.59
CA PRO A 563 -11.01 17.39 46.44
C PRO A 563 -12.18 18.35 46.22
N GLN A 564 -12.38 19.25 47.17
CA GLN A 564 -13.37 20.32 47.06
C GLN A 564 -12.77 21.54 46.38
N GLY A 565 -13.49 22.08 45.41
CA GLY A 565 -13.02 23.24 44.69
C GLY A 565 -11.90 22.95 43.71
N PRO A 566 -11.57 23.93 42.88
CA PRO A 566 -10.55 23.71 41.85
C PRO A 566 -9.17 23.56 42.45
N LEU A 567 -8.27 23.00 41.64
CA LEU A 567 -6.88 22.81 42.00
C LEU A 567 -5.98 23.33 40.89
N PRO A 568 -4.75 23.73 41.21
CA PRO A 568 -3.93 24.45 40.24
C PRO A 568 -3.57 23.60 39.02
N ASN A 569 -2.95 22.45 39.25
CA ASN A 569 -2.26 21.72 38.17
C ASN A 569 -2.86 20.36 37.90
N THR A 570 -4.09 20.10 38.32
CA THR A 570 -4.61 18.74 38.17
C THR A 570 -5.02 18.46 36.73
N ALA A 571 -5.76 19.39 36.12
CA ALA A 571 -6.35 19.13 34.81
C ALA A 571 -5.28 18.92 33.75
N LEU A 572 -4.21 19.72 33.80
CA LEU A 572 -3.21 19.60 32.76
C LEU A 572 -2.30 18.41 32.99
N LEU A 573 -2.01 18.07 34.25
CA LEU A 573 -1.22 16.87 34.48
C LEU A 573 -2.00 15.63 34.05
N SER A 574 -3.30 15.63 34.30
CA SER A 574 -4.14 14.52 33.85
C SER A 574 -4.15 14.41 32.33
N LEU A 575 -4.34 15.54 31.64
CA LEU A 575 -4.34 15.51 30.18
C LEU A 575 -2.98 15.07 29.63
N VAL A 576 -1.90 15.55 30.24
CA VAL A 576 -0.57 15.18 29.79
C VAL A 576 -0.36 13.68 29.95
N LEU A 577 -0.75 13.13 31.11
CA LEU A 577 -0.56 11.70 31.32
C LEU A 577 -1.39 10.89 30.34
N MET A 578 -2.64 11.29 30.10
CA MET A 578 -3.48 10.56 29.17
C MET A 578 -2.86 10.57 27.77
N ALA A 579 -2.47 11.75 27.30
CA ALA A 579 -1.89 11.86 25.95
C ALA A 579 -0.59 11.08 25.86
N GLY A 580 0.22 11.11 26.92
CA GLY A 580 1.47 10.37 26.89
C GLY A 580 1.24 8.87 26.81
N THR A 581 0.31 8.37 27.61
CA THR A 581 0.00 6.94 27.56
C THR A 581 -0.52 6.54 26.19
N PHE A 582 -1.44 7.33 25.63
CA PHE A 582 -1.97 7.02 24.30
C PHE A 582 -0.87 7.03 23.24
N PHE A 583 -0.02 8.05 23.29
CA PHE A 583 1.06 8.19 22.31
C PHE A 583 2.05 7.03 22.41
N PHE A 584 2.40 6.65 23.64
CA PHE A 584 3.34 5.56 23.82
C PHE A 584 2.72 4.24 23.35
N ALA A 585 1.45 4.00 23.68
CA ALA A 585 0.79 2.79 23.22
C ALA A 585 0.78 2.70 21.70
N MET A 586 0.40 3.79 21.03
CA MET A 586 0.36 3.74 19.56
C MET A 586 1.77 3.55 19.00
N MET A 587 2.78 4.19 19.61
CA MET A 587 4.14 4.05 19.10
C MET A 587 4.64 2.61 19.24
N LEU A 588 4.34 1.96 20.37
CA LEU A 588 4.75 0.57 20.51
C LEU A 588 3.97 -0.35 19.59
N ARG A 589 2.67 -0.07 19.38
CA ARG A 589 1.91 -0.86 18.43
C ARG A 589 2.48 -0.77 17.04
N LYS A 590 2.97 0.41 16.64
CA LYS A 590 3.57 0.54 15.32
C LYS A 590 4.97 -0.05 15.28
N PHE A 591 5.72 0.04 16.38
CA PHE A 591 7.05 -0.56 16.43
C PHE A 591 6.99 -2.08 16.38
N LYS A 592 5.89 -2.66 16.87
CA LYS A 592 5.72 -4.11 16.83
C LYS A 592 5.82 -4.65 15.42
N ASN A 593 5.30 -3.93 14.45
CA ASN A 593 5.28 -4.37 13.06
C ASN A 593 6.53 -3.96 12.29
N SER A 594 7.45 -3.25 12.91
CA SER A 594 8.64 -2.77 12.21
C SER A 594 9.64 -3.92 12.04
N SER A 595 10.83 -3.62 11.56
CA SER A 595 11.89 -4.58 11.32
C SER A 595 13.21 -4.10 11.93
N TYR A 596 13.15 -3.62 13.17
CA TYR A 596 14.28 -2.91 13.78
C TYR A 596 15.09 -3.75 14.74
N PHE A 597 14.49 -4.72 15.39
CA PHE A 597 15.21 -5.54 16.36
C PHE A 597 15.16 -7.01 15.94
N PRO A 598 15.88 -7.91 16.61
CA PRO A 598 15.70 -9.34 16.34
C PRO A 598 14.24 -9.74 16.53
N GLY A 599 13.77 -10.65 15.66
CA GLY A 599 12.35 -10.92 15.60
C GLY A 599 11.76 -11.37 16.92
N LYS A 600 12.47 -12.23 17.65
CA LYS A 600 11.92 -12.74 18.90
C LYS A 600 11.73 -11.61 19.91
N LEU A 601 12.82 -10.89 20.21
CA LEU A 601 12.73 -9.78 21.15
C LEU A 601 11.84 -8.67 20.63
N ARG A 602 11.85 -8.44 19.31
CA ARG A 602 10.99 -7.40 18.74
C ARG A 602 9.52 -7.70 18.99
N ARG A 603 9.11 -8.95 18.70
CA ARG A 603 7.72 -9.31 18.89
C ARG A 603 7.36 -9.36 20.37
N VAL A 604 8.29 -9.80 21.22
CA VAL A 604 8.03 -9.83 22.66
C VAL A 604 7.83 -8.42 23.20
N ILE A 605 8.66 -7.47 22.77
CA ILE A 605 8.51 -6.10 23.24
C ILE A 605 7.27 -5.45 22.66
N GLY A 606 6.95 -5.74 21.39
CA GLY A 606 5.78 -5.14 20.79
C GLY A 606 4.50 -5.68 21.37
N ASP A 607 4.52 -6.94 21.82
CA ASP A 607 3.34 -7.54 22.42
C ASP A 607 3.05 -7.00 23.81
N PHE A 608 4.06 -6.44 24.49
CA PHE A 608 3.89 -5.88 25.82
C PHE A 608 3.82 -4.36 25.79
N GLY A 609 3.26 -3.79 24.74
CA GLY A 609 3.29 -2.34 24.61
C GLY A 609 2.44 -1.66 25.67
N VAL A 610 1.22 -2.15 25.86
CA VAL A 610 0.28 -1.52 26.79
C VAL A 610 0.78 -1.64 28.23
N PRO A 611 1.17 -2.83 28.71
CA PRO A 611 1.69 -2.88 30.09
C PRO A 611 2.96 -2.07 30.29
N ILE A 612 3.84 -2.01 29.30
CA ILE A 612 5.05 -1.21 29.43
C ILE A 612 4.69 0.26 29.54
N SER A 613 3.77 0.73 28.69
CA SER A 613 3.35 2.12 28.75
C SER A 613 2.68 2.43 30.07
N ILE A 614 1.85 1.50 30.56
CA ILE A 614 1.19 1.70 31.85
C ILE A 614 2.21 1.82 32.96
N LEU A 615 3.21 0.94 32.97
CA LEU A 615 4.22 1.00 34.02
C LEU A 615 5.01 2.31 33.94
N ILE A 616 5.37 2.71 32.72
CA ILE A 616 6.14 3.94 32.54
C ILE A 616 5.35 5.14 33.05
N MET A 617 4.08 5.25 32.65
CA MET A 617 3.30 6.41 33.07
C MET A 617 2.96 6.38 34.54
N VAL A 618 2.77 5.20 35.13
CA VAL A 618 2.53 5.12 36.57
C VAL A 618 3.76 5.57 37.33
N LEU A 619 4.95 5.16 36.88
CA LEU A 619 6.17 5.61 37.51
C LEU A 619 6.35 7.11 37.36
N VAL A 620 6.08 7.64 36.16
CA VAL A 620 6.18 9.08 35.94
C VAL A 620 5.28 9.84 36.90
N ASP A 621 4.05 9.37 37.09
CA ASP A 621 3.18 10.05 38.05
C ASP A 621 3.64 9.83 39.48
N PHE A 622 4.26 8.68 39.77
CA PHE A 622 4.70 8.40 41.13
C PHE A 622 5.87 9.28 41.51
N PHE A 623 6.69 9.67 40.55
CA PHE A 623 7.84 10.51 40.85
C PHE A 623 7.41 11.93 41.19
N ILE A 624 6.33 12.41 40.58
CA ILE A 624 5.84 13.76 40.87
C ILE A 624 5.15 13.73 42.23
N GLN A 625 5.50 14.68 43.09
CA GLN A 625 5.08 14.61 44.49
C GLN A 625 3.91 15.52 44.82
N ASP A 626 3.98 16.80 44.45
CA ASP A 626 3.07 17.78 45.03
C ASP A 626 1.75 17.92 44.28
N THR A 627 1.68 17.48 43.02
CA THR A 627 0.46 17.65 42.26
C THR A 627 -0.51 16.50 42.55
N TYR A 628 -1.80 16.82 42.58
CA TYR A 628 -2.82 15.82 42.86
C TYR A 628 -3.44 15.32 41.56
N THR A 629 -3.62 14.00 41.48
CA THR A 629 -4.28 13.34 40.36
C THR A 629 -5.14 12.22 40.93
N GLN A 630 -6.33 12.05 40.36
CA GLN A 630 -7.24 11.04 40.88
C GLN A 630 -6.66 9.65 40.65
N LYS A 631 -6.79 8.80 41.66
CA LYS A 631 -6.19 7.48 41.66
C LYS A 631 -7.29 6.41 41.68
N LEU A 632 -6.86 5.16 41.55
CA LEU A 632 -7.78 4.05 41.65
C LEU A 632 -8.01 3.70 43.12
N SER A 633 -9.26 3.40 43.46
CA SER A 633 -9.62 3.07 44.83
C SER A 633 -10.63 1.94 44.82
N VAL A 634 -10.41 0.97 45.70
CA VAL A 634 -11.28 -0.22 45.79
C VAL A 634 -11.78 -0.30 47.21
N PRO A 635 -12.90 -0.99 47.44
CA PRO A 635 -13.42 -1.13 48.81
C PRO A 635 -12.40 -1.79 49.73
N ASP A 636 -12.65 -1.63 51.03
CA ASP A 636 -11.68 -2.06 52.04
C ASP A 636 -11.70 -3.58 52.20
N GLY A 637 -12.88 -4.18 52.24
CA GLY A 637 -13.01 -5.60 52.49
C GLY A 637 -14.24 -6.16 51.81
N PHE A 638 -14.39 -7.48 51.89
CA PHE A 638 -15.52 -8.18 51.30
C PHE A 638 -16.75 -7.96 52.17
N LYS A 639 -17.30 -6.75 52.06
CA LYS A 639 -18.48 -6.34 52.80
C LYS A 639 -19.56 -5.87 51.84
N VAL A 640 -20.81 -5.98 52.30
CA VAL A 640 -21.95 -5.49 51.53
C VAL A 640 -21.95 -3.96 51.52
N SER A 641 -22.61 -3.40 50.51
CA SER A 641 -22.61 -1.96 50.31
C SER A 641 -23.34 -1.25 51.45
N ASN A 642 -24.60 -1.61 51.69
CA ASN A 642 -25.43 -1.01 52.73
C ASN A 642 -25.83 -2.10 53.71
N SER A 643 -25.15 -2.16 54.85
CA SER A 643 -25.42 -3.21 55.83
C SER A 643 -26.62 -2.89 56.71
N SER A 644 -27.31 -1.79 56.45
CA SER A 644 -28.48 -1.40 57.23
C SER A 644 -29.70 -2.19 56.79
N ALA A 645 -29.89 -2.35 55.48
CA ALA A 645 -31.12 -2.90 54.93
C ALA A 645 -30.89 -4.17 54.14
N ARG A 646 -29.65 -4.64 54.04
CA ARG A 646 -29.29 -5.74 53.16
C ARG A 646 -28.57 -6.83 53.94
N GLY A 647 -28.57 -8.03 53.36
CA GLY A 647 -27.84 -9.16 53.89
C GLY A 647 -27.16 -9.90 52.77
N TRP A 648 -26.41 -10.93 53.13
CA TRP A 648 -25.71 -11.71 52.11
C TRP A 648 -26.70 -12.56 51.31
N VAL A 649 -27.78 -12.99 51.95
CA VAL A 649 -28.86 -13.73 51.32
C VAL A 649 -30.16 -12.96 51.52
N ILE A 650 -30.99 -12.93 50.48
CA ILE A 650 -32.24 -12.17 50.48
C ILE A 650 -33.38 -13.17 50.62
N HIS A 651 -34.21 -12.98 51.64
CA HIS A 651 -35.37 -13.83 51.83
C HIS A 651 -36.42 -13.53 50.78
N PRO A 652 -36.86 -14.51 49.98
CA PRO A 652 -37.77 -14.22 48.87
C PRO A 652 -39.15 -13.76 49.32
N LEU A 653 -39.64 -14.21 50.47
CA LEU A 653 -41.00 -13.88 50.86
C LEU A 653 -41.13 -12.41 51.23
N GLY A 654 -40.13 -11.86 51.92
CA GLY A 654 -40.14 -10.47 52.30
C GLY A 654 -38.96 -10.10 53.17
N LEU A 655 -38.32 -8.96 52.89
CA LEU A 655 -37.20 -8.54 53.73
C LEU A 655 -37.67 -7.73 54.93
N ARG A 656 -38.45 -6.68 54.69
CA ARG A 656 -39.07 -5.88 55.75
C ARG A 656 -40.58 -5.92 55.68
N SER A 657 -41.16 -5.79 54.50
CA SER A 657 -42.58 -5.99 54.28
C SER A 657 -42.78 -7.13 53.30
N GLU A 658 -43.94 -7.78 53.39
CA GLU A 658 -44.19 -8.98 52.62
C GLU A 658 -44.40 -8.64 51.15
N PHE A 659 -44.13 -9.61 50.29
CA PHE A 659 -44.18 -9.20 48.90
C PHE A 659 -45.58 -9.45 48.35
N PRO A 660 -46.14 -8.54 47.54
CA PRO A 660 -47.50 -8.75 47.03
C PRO A 660 -47.52 -9.86 45.99
N ILE A 661 -48.73 -10.37 45.73
CA ILE A 661 -48.89 -11.44 44.76
C ILE A 661 -48.92 -10.86 43.34
N TRP A 662 -49.52 -9.67 43.18
CA TRP A 662 -49.77 -9.04 41.85
C TRP A 662 -48.40 -8.69 41.27
N MET A 663 -47.53 -8.22 42.16
CA MET A 663 -46.16 -7.93 41.71
C MET A 663 -45.38 -9.19 41.39
N MET A 664 -45.56 -10.26 42.18
CA MET A 664 -44.95 -11.54 41.84
C MET A 664 -45.33 -12.00 40.44
N PHE A 665 -46.59 -11.82 40.06
CA PHE A 665 -47.02 -12.33 38.76
C PHE A 665 -46.74 -11.32 37.65
N ALA A 666 -46.61 -10.04 37.98
CA ALA A 666 -46.38 -9.05 36.94
C ALA A 666 -44.91 -8.72 36.74
N SER A 667 -44.02 -9.24 37.58
CA SER A 667 -42.59 -9.01 37.43
C SER A 667 -42.02 -9.59 36.15
N ALA A 668 -42.85 -10.30 35.38
CA ALA A 668 -42.41 -10.91 34.14
C ALA A 668 -42.14 -9.89 33.04
N LEU A 669 -42.80 -8.74 33.10
CA LEU A 669 -42.63 -7.74 32.04
C LEU A 669 -41.21 -7.19 31.93
N PRO A 670 -40.55 -6.75 33.01
CA PRO A 670 -39.16 -6.33 32.84
C PRO A 670 -38.19 -7.48 32.56
N ALA A 671 -38.54 -8.69 33.00
CA ALA A 671 -37.68 -9.84 32.74
C ALA A 671 -37.56 -10.14 31.26
N LEU A 672 -38.65 -10.00 30.50
CA LEU A 672 -38.57 -10.24 29.06
C LEU A 672 -37.63 -9.24 28.39
N LEU A 673 -37.70 -7.97 28.82
CA LEU A 673 -36.83 -6.96 28.23
C LEU A 673 -35.37 -7.23 28.57
N VAL A 674 -35.10 -7.59 29.83
CA VAL A 674 -33.73 -7.92 30.20
C VAL A 674 -33.23 -9.11 29.39
N PHE A 675 -34.08 -10.12 29.21
CA PHE A 675 -33.69 -11.29 28.42
C PHE A 675 -33.39 -10.90 26.98
N ILE A 676 -34.22 -10.05 26.38
CA ILE A 676 -33.99 -9.62 25.01
C ILE A 676 -32.66 -8.90 24.91
N LEU A 677 -32.41 -7.97 25.85
CA LEU A 677 -31.17 -7.21 25.84
C LEU A 677 -29.96 -8.15 25.93
N ILE A 678 -29.96 -9.00 26.95
CA ILE A 678 -28.82 -9.88 27.18
C ILE A 678 -28.59 -10.80 25.99
N PHE A 679 -29.67 -11.42 25.50
CA PHE A 679 -29.54 -12.34 24.38
C PHE A 679 -28.96 -11.66 23.16
N LEU A 680 -29.55 -10.52 22.76
CA LEU A 680 -29.08 -9.83 21.56
C LEU A 680 -27.61 -9.45 21.71
N GLU A 681 -27.26 -8.82 22.84
CA GLU A 681 -25.89 -8.34 23.01
C GLU A 681 -24.91 -9.51 22.99
N SER A 682 -25.22 -10.57 23.73
CA SER A 682 -24.30 -11.69 23.80
C SER A 682 -24.14 -12.37 22.45
N GLN A 683 -25.24 -12.56 21.72
CA GLN A 683 -25.14 -13.27 20.45
C GLN A 683 -24.41 -12.43 19.40
N ILE A 684 -24.66 -11.12 19.37
CA ILE A 684 -23.95 -10.28 18.41
C ILE A 684 -22.47 -10.22 18.77
N THR A 685 -22.16 -10.20 20.07
CA THR A 685 -20.76 -10.22 20.49
C THR A 685 -20.09 -11.52 20.08
N THR A 686 -20.78 -12.65 20.26
CA THR A 686 -20.22 -13.94 19.86
C THR A 686 -20.04 -14.01 18.36
N LEU A 687 -20.90 -13.36 17.59
CA LEU A 687 -20.70 -13.28 16.15
C LEU A 687 -19.45 -12.48 15.83
N ILE A 688 -19.27 -11.34 16.49
CA ILE A 688 -18.13 -10.50 16.14
C ILE A 688 -16.84 -11.23 16.51
N VAL A 689 -16.81 -11.86 17.68
CA VAL A 689 -15.56 -12.48 18.13
C VAL A 689 -15.22 -13.66 17.23
N SER A 690 -16.23 -14.47 16.89
CA SER A 690 -16.02 -15.77 16.27
C SER A 690 -16.39 -15.78 14.80
N LYS A 691 -16.13 -14.70 14.07
CA LYS A 691 -16.39 -14.74 12.64
C LYS A 691 -15.38 -15.65 11.95
N PRO A 692 -15.76 -16.25 10.81
CA PRO A 692 -14.83 -17.18 10.14
C PRO A 692 -13.57 -16.51 9.65
N GLU A 693 -13.59 -15.18 9.46
CA GLU A 693 -12.45 -14.47 8.91
C GLU A 693 -11.29 -14.40 9.89
N ARG A 694 -11.57 -14.46 11.19
CA ARG A 694 -10.52 -14.32 12.20
C ARG A 694 -9.92 -15.65 12.61
N LYS A 695 -9.59 -16.46 11.60
CA LYS A 695 -8.76 -17.66 11.71
C LYS A 695 -8.97 -18.41 13.01
N MET A 696 -10.24 -18.69 13.31
CA MET A 696 -10.62 -19.41 14.52
C MET A 696 -10.74 -20.90 14.20
N VAL A 697 -9.79 -21.68 14.69
CA VAL A 697 -9.75 -23.11 14.33
C VAL A 697 -10.78 -23.89 15.14
N LYS A 698 -10.66 -23.87 16.46
CA LYS A 698 -11.56 -24.66 17.28
C LYS A 698 -12.97 -24.07 17.24
N GLY A 699 -13.96 -24.92 17.41
CA GLY A 699 -15.33 -24.46 17.28
C GLY A 699 -15.77 -23.57 18.42
N SER A 700 -16.80 -22.78 18.15
CA SER A 700 -17.40 -21.88 19.11
C SER A 700 -18.87 -22.21 19.27
N GLY A 701 -19.33 -22.21 20.51
CA GLY A 701 -20.69 -22.61 20.85
C GLY A 701 -21.53 -21.39 21.18
N PHE A 702 -22.80 -21.43 20.78
CA PHE A 702 -23.73 -20.35 21.05
C PHE A 702 -24.67 -20.67 22.21
N HIS A 703 -25.36 -21.81 22.14
CA HIS A 703 -26.34 -22.13 23.17
C HIS A 703 -25.68 -22.24 24.54
N LEU A 704 -24.52 -22.90 24.60
CA LEU A 704 -23.87 -23.11 25.89
C LEU A 704 -23.44 -21.79 26.51
N ASP A 705 -22.85 -20.90 25.72
CA ASP A 705 -22.40 -19.62 26.27
C ASP A 705 -23.57 -18.79 26.79
N LEU A 706 -24.66 -18.75 25.99
CA LEU A 706 -25.88 -17.99 26.37
C LEU A 706 -26.45 -18.57 27.67
N LEU A 707 -26.54 -19.89 27.76
CA LEU A 707 -27.06 -20.56 28.94
C LEU A 707 -26.21 -20.23 30.16
N LEU A 708 -24.89 -20.39 30.03
CA LEU A 708 -23.97 -20.12 31.14
C LEU A 708 -24.14 -18.68 31.62
N VAL A 709 -24.09 -17.73 30.69
CA VAL A 709 -24.14 -16.31 31.06
C VAL A 709 -25.42 -16.02 31.82
N VAL A 710 -26.55 -16.47 31.28
CA VAL A 710 -27.83 -16.14 31.88
C VAL A 710 -28.01 -16.86 33.21
N GLY A 711 -27.58 -18.12 33.29
CA GLY A 711 -27.69 -18.83 34.56
C GLY A 711 -26.86 -18.18 35.66
N MET A 712 -25.60 -17.82 35.35
CA MET A 712 -24.84 -17.13 36.38
C MET A 712 -25.42 -15.76 36.71
N GLY A 713 -25.99 -15.06 35.74
CA GLY A 713 -26.65 -13.80 36.05
C GLY A 713 -27.80 -13.98 37.00
N GLY A 714 -28.61 -15.02 36.78
CA GLY A 714 -29.71 -15.31 37.69
C GLY A 714 -29.22 -15.68 39.08
N VAL A 715 -28.23 -16.58 39.15
CA VAL A 715 -27.69 -17.01 40.43
C VAL A 715 -27.06 -15.83 41.17
N ALA A 716 -26.46 -14.88 40.44
CA ALA A 716 -25.91 -13.72 41.13
C ALA A 716 -27.01 -12.79 41.61
N ALA A 717 -28.09 -12.66 40.84
CA ALA A 717 -29.24 -11.90 41.34
C ALA A 717 -29.84 -12.57 42.57
N LEU A 718 -29.66 -13.88 42.71
CA LEU A 718 -30.08 -14.57 43.93
C LEU A 718 -29.30 -14.07 45.14
N PHE A 719 -27.98 -13.94 44.98
CA PHE A 719 -27.10 -13.54 46.07
C PHE A 719 -27.06 -12.04 46.31
N GLY A 720 -27.80 -11.27 45.52
CA GLY A 720 -27.81 -9.82 45.66
C GLY A 720 -26.83 -9.10 44.76
N MET A 721 -25.96 -9.82 44.07
CA MET A 721 -25.03 -9.22 43.12
C MET A 721 -25.73 -9.00 41.79
N PRO A 722 -25.24 -8.06 40.98
CA PRO A 722 -25.94 -7.74 39.73
C PRO A 722 -25.66 -8.81 38.68
N TRP A 723 -26.54 -8.85 37.69
CA TRP A 723 -26.27 -9.68 36.54
C TRP A 723 -25.40 -8.93 35.54
N LEU A 724 -24.67 -9.69 34.74
CA LEU A 724 -23.70 -9.16 33.80
C LEU A 724 -23.98 -9.74 32.42
N SER A 725 -23.18 -9.27 31.46
CA SER A 725 -23.28 -9.74 30.09
C SER A 725 -21.91 -9.65 29.45
N ALA A 726 -21.77 -10.28 28.30
CA ALA A 726 -20.51 -10.22 27.58
C ALA A 726 -20.34 -8.81 27.03
N THR A 727 -19.11 -8.32 27.10
CA THR A 727 -18.80 -6.95 26.70
C THR A 727 -18.14 -6.97 25.32
N THR A 728 -18.44 -5.94 24.53
CA THR A 728 -17.97 -5.90 23.15
C THR A 728 -16.52 -5.43 23.09
N VAL A 729 -16.24 -4.25 23.64
CA VAL A 729 -14.91 -3.67 23.48
C VAL A 729 -13.89 -4.53 24.21
N ARG A 730 -14.23 -5.00 25.41
CA ARG A 730 -13.29 -5.83 26.16
C ARG A 730 -13.00 -7.14 25.45
N SER A 731 -14.05 -7.78 24.91
CA SER A 731 -13.85 -9.05 24.21
C SER A 731 -13.05 -8.86 22.93
N VAL A 732 -13.35 -7.81 22.15
CA VAL A 732 -12.60 -7.58 20.92
C VAL A 732 -11.14 -7.27 21.23
N THR A 733 -10.89 -6.49 22.29
CA THR A 733 -9.52 -6.19 22.65
C THR A 733 -8.78 -7.45 23.12
N HIS A 734 -9.47 -8.28 23.90
CA HIS A 734 -8.90 -9.56 24.33
C HIS A 734 -8.54 -10.43 23.14
N ALA A 735 -9.48 -10.58 22.20
CA ALA A 735 -9.24 -11.42 21.03
C ALA A 735 -8.10 -10.87 20.18
N ASN A 736 -8.02 -9.55 20.06
CA ASN A 736 -6.96 -8.95 19.27
C ASN A 736 -5.61 -9.08 19.97
N ALA A 737 -5.60 -9.13 21.30
CA ALA A 737 -4.33 -9.29 22.00
C ALA A 737 -3.75 -10.69 21.79
N LEU A 738 -4.60 -11.70 21.71
CA LEU A 738 -4.17 -13.08 21.47
C LEU A 738 -4.17 -13.43 19.99
N THR A 739 -3.49 -12.63 19.17
CA THR A 739 -3.42 -12.83 17.74
C THR A 739 -1.98 -12.74 17.27
N VAL A 740 -1.48 -13.81 16.66
CA VAL A 740 -0.13 -13.83 16.08
C VAL A 740 -0.26 -13.51 14.60
N MET A 741 0.30 -12.36 14.22
CA MET A 741 0.15 -11.75 12.91
C MET A 741 1.38 -12.02 12.05
N GLY A 742 1.16 -12.09 10.72
CA GLY A 742 2.21 -12.34 9.78
C GLY A 742 2.75 -11.11 9.06
N LYS A 743 3.98 -11.24 8.57
CA LYS A 743 4.67 -10.16 7.88
C LYS A 743 4.01 -9.91 6.53
N ALA A 751 -1.08 -7.62 5.66
CA ALA A 751 -0.42 -8.69 6.41
C ALA A 751 -1.38 -9.88 6.59
N GLN A 752 -0.82 -11.03 6.95
CA GLN A 752 -1.59 -12.26 7.12
C GLN A 752 -1.73 -12.64 8.59
N ILE A 753 -2.94 -12.98 8.97
CA ILE A 753 -3.28 -13.40 10.33
C ILE A 753 -2.84 -14.86 10.46
N GLN A 754 -1.61 -15.09 10.92
CA GLN A 754 -1.13 -16.48 10.95
C GLN A 754 -1.96 -17.33 11.89
N GLU A 755 -2.22 -16.85 13.11
CA GLU A 755 -2.95 -17.70 14.05
C GLU A 755 -3.49 -16.84 15.18
N VAL A 756 -4.37 -17.42 15.99
CA VAL A 756 -4.95 -16.74 17.15
C VAL A 756 -4.78 -17.72 18.31
N LYS A 757 -4.33 -17.23 19.46
CA LYS A 757 -4.10 -18.11 20.60
C LYS A 757 -5.38 -18.22 21.42
N GLU A 758 -6.02 -19.38 21.36
CA GLU A 758 -7.24 -19.67 22.11
C GLU A 758 -6.89 -20.58 23.27
N GLN A 759 -7.27 -20.16 24.48
CA GLN A 759 -6.98 -20.94 25.68
C GLN A 759 -7.96 -20.52 26.77
N ARG A 760 -7.96 -21.29 27.85
CA ARG A 760 -8.87 -21.02 28.96
C ARG A 760 -8.16 -20.46 30.20
N ILE A 761 -6.83 -20.37 30.19
CA ILE A 761 -6.11 -19.94 31.39
C ILE A 761 -6.20 -18.44 31.56
N SER A 762 -6.21 -17.69 30.45
CA SER A 762 -6.21 -16.24 30.51
C SER A 762 -7.46 -15.70 31.20
N GLY A 763 -8.65 -16.13 30.77
CA GLY A 763 -9.87 -15.64 31.40
C GLY A 763 -9.98 -16.01 32.87
N LEU A 764 -9.60 -17.24 33.22
CA LEU A 764 -9.67 -17.65 34.62
C LEU A 764 -8.73 -16.79 35.46
N LEU A 765 -7.52 -16.56 34.97
CA LEU A 765 -6.56 -15.73 35.72
C LEU A 765 -7.05 -14.29 35.82
N VAL A 766 -7.63 -13.75 34.75
CA VAL A 766 -8.17 -12.40 34.81
C VAL A 766 -9.27 -12.31 35.86
N ALA A 767 -10.13 -13.33 35.91
CA ALA A 767 -11.22 -13.33 36.89
C ALA A 767 -10.67 -13.44 38.31
N VAL A 768 -9.66 -14.29 38.51
CA VAL A 768 -9.08 -14.44 39.85
C VAL A 768 -8.44 -13.13 40.31
N LEU A 769 -7.76 -12.44 39.38
CA LEU A 769 -7.16 -11.16 39.74
C LEU A 769 -8.22 -10.11 40.05
N VAL A 770 -9.28 -10.04 39.25
CA VAL A 770 -10.35 -9.08 39.54
C VAL A 770 -10.99 -9.39 40.89
N GLY A 771 -11.10 -10.68 41.23
CA GLY A 771 -11.63 -11.04 42.53
C GLY A 771 -10.71 -10.64 43.67
N LEU A 772 -9.41 -10.89 43.52
CA LEU A 772 -8.43 -10.60 44.55
C LEU A 772 -8.02 -9.13 44.58
N SER A 773 -8.55 -8.31 43.66
CA SER A 773 -8.18 -6.91 43.59
C SER A 773 -8.31 -6.19 44.93
N ILE A 774 -9.15 -6.69 45.84
CA ILE A 774 -9.30 -6.06 47.13
C ILE A 774 -8.07 -6.30 48.01
N LEU A 775 -7.24 -7.30 47.67
CA LEU A 775 -6.03 -7.54 48.43
C LEU A 775 -4.83 -6.79 47.91
N MET A 776 -5.00 -5.97 46.87
CA MET A 776 -3.90 -5.19 46.28
C MET A 776 -4.18 -3.70 46.44
N GLU A 777 -4.62 -3.30 47.64
CA GLU A 777 -4.84 -1.89 47.90
C GLU A 777 -3.58 -1.05 47.72
N PRO A 778 -2.42 -1.39 48.30
CA PRO A 778 -1.26 -0.49 48.17
C PRO A 778 -0.81 -0.30 46.73
N ILE A 779 -1.00 -1.32 45.89
CA ILE A 779 -0.57 -1.21 44.50
C ILE A 779 -1.59 -0.46 43.67
N LEU A 780 -2.88 -0.71 43.89
CA LEU A 780 -3.90 -0.06 43.08
C LEU A 780 -4.10 1.40 43.48
N SER A 781 -3.81 1.74 44.74
CA SER A 781 -4.04 3.10 45.19
C SER A 781 -3.06 4.10 44.59
N ARG A 782 -2.07 3.61 43.85
CA ARG A 782 -1.03 4.45 43.27
C ARG A 782 -1.17 4.57 41.75
N ILE A 783 -2.23 4.02 41.17
CA ILE A 783 -2.46 4.07 39.73
C ILE A 783 -3.41 5.23 39.45
N PRO A 784 -2.97 6.29 38.78
CA PRO A 784 -3.86 7.42 38.52
C PRO A 784 -4.96 7.07 37.54
N LEU A 785 -6.11 7.73 37.70
CA LEU A 785 -7.27 7.43 36.88
C LEU A 785 -7.13 7.96 35.46
N ALA A 786 -6.32 9.00 35.25
CA ALA A 786 -6.20 9.61 33.93
C ALA A 786 -5.32 8.80 32.98
N VAL A 787 -4.50 7.90 33.48
CA VAL A 787 -3.68 7.08 32.60
C VAL A 787 -4.55 6.09 31.83
N LEU A 788 -5.57 5.54 32.49
CA LEU A 788 -6.42 4.55 31.85
C LEU A 788 -7.28 5.15 30.76
N PHE A 789 -7.46 6.47 30.74
CA PHE A 789 -8.20 7.10 29.66
C PHE A 789 -7.45 6.94 28.34
N GLY A 790 -6.13 7.05 28.38
CA GLY A 790 -5.35 6.81 27.17
C GLY A 790 -5.49 5.38 26.67
N ILE A 791 -5.53 4.42 27.60
CA ILE A 791 -5.74 3.02 27.23
C ILE A 791 -7.14 2.83 26.64
N PHE A 792 -8.13 3.54 27.19
CA PHE A 792 -9.48 3.45 26.65
C PHE A 792 -9.51 3.97 25.23
N LEU A 793 -8.83 5.08 24.98
CA LEU A 793 -8.75 5.60 23.63
C LEU A 793 -8.02 4.65 22.70
N TYR A 794 -6.93 4.03 23.19
CA TYR A 794 -6.21 3.06 22.39
C TYR A 794 -7.07 1.86 22.01
N MET A 795 -7.83 1.31 22.97
CA MET A 795 -8.71 0.20 22.63
C MET A 795 -9.78 0.63 21.63
N GLY A 796 -10.39 1.81 21.85
CA GLY A 796 -11.43 2.24 20.93
C GLY A 796 -10.92 2.49 19.54
N VAL A 797 -9.69 2.99 19.41
CA VAL A 797 -9.13 3.23 18.08
C VAL A 797 -8.69 1.92 17.43
N THR A 798 -8.16 0.98 18.23
CA THR A 798 -7.67 -0.26 17.66
C THR A 798 -8.82 -1.17 17.24
N SER A 799 -9.91 -1.16 18.01
CA SER A 799 -11.07 -2.01 17.72
C SER A 799 -11.81 -1.59 16.46
N LEU A 800 -11.38 -0.51 15.82
CA LEU A 800 -12.08 0.07 14.70
C LEU A 800 -11.52 -0.42 13.36
N SER A 801 -10.62 -1.39 13.39
CA SER A 801 -9.86 -1.75 12.20
C SER A 801 -10.69 -2.62 11.26
N GLY A 802 -11.23 -3.72 11.76
CA GLY A 802 -11.89 -4.70 10.92
C GLY A 802 -13.23 -4.26 10.38
N ILE A 803 -13.79 -3.17 10.90
CA ILE A 803 -15.08 -2.69 10.43
C ILE A 803 -14.99 -2.34 8.96
N GLN A 804 -15.98 -2.76 8.18
CA GLN A 804 -15.96 -2.48 6.75
C GLN A 804 -16.70 -1.20 6.38
N LEU A 805 -17.75 -0.85 7.14
CA LEU A 805 -18.37 0.45 6.94
C LEU A 805 -17.38 1.57 7.19
N PHE A 806 -16.45 1.35 8.13
CA PHE A 806 -15.41 2.35 8.38
C PHE A 806 -14.51 2.51 7.18
N ASP A 807 -14.17 1.39 6.52
CA ASP A 807 -13.36 1.48 5.30
C ASP A 807 -14.12 2.25 4.22
N ARG A 808 -15.42 1.98 4.07
CA ARG A 808 -16.20 2.68 3.06
C ARG A 808 -16.38 4.15 3.41
N ILE A 809 -16.34 4.47 4.70
CA ILE A 809 -16.39 5.86 5.13
C ILE A 809 -15.07 6.55 4.82
N LEU A 810 -13.95 5.85 5.01
CA LEU A 810 -12.69 6.45 4.61
C LEU A 810 -12.69 6.67 3.11
N LEU A 811 -13.28 5.74 2.37
CA LEU A 811 -13.39 5.87 0.93
C LEU A 811 -14.37 6.96 0.52
N LEU A 812 -15.14 7.50 1.46
CA LEU A 812 -16.03 8.60 1.12
C LEU A 812 -15.29 9.88 0.78
N PHE A 813 -14.03 9.99 1.17
CA PHE A 813 -13.26 11.22 0.99
C PHE A 813 -12.26 11.13 -0.14
N LYS A 814 -11.60 9.98 -0.28
CA LYS A 814 -10.66 9.77 -1.36
C LYS A 814 -11.37 9.92 -2.70
N PRO A 815 -10.70 10.45 -3.72
CA PRO A 815 -11.27 10.45 -5.06
C PRO A 815 -11.28 9.05 -5.64
N PRO A 816 -12.18 8.78 -6.58
CA PRO A 816 -12.34 7.40 -7.08
C PRO A 816 -11.09 6.86 -7.79
N LYS A 817 -10.05 7.68 -7.87
CA LYS A 817 -8.82 7.24 -8.51
C LYS A 817 -7.99 6.34 -7.59
N TYR A 818 -8.14 6.49 -6.28
CA TYR A 818 -7.32 5.77 -5.31
C TYR A 818 -8.09 4.68 -4.58
N HIS A 819 -9.29 4.35 -5.04
CA HIS A 819 -10.10 3.34 -4.37
C HIS A 819 -9.43 1.96 -4.49
N PRO A 820 -9.56 1.12 -3.46
CA PRO A 820 -8.86 -0.16 -3.47
C PRO A 820 -9.44 -1.15 -4.49
N ASP A 821 -8.89 -2.36 -4.53
CA ASP A 821 -9.25 -3.37 -5.51
C ASP A 821 -10.18 -4.44 -4.93
N VAL A 822 -10.97 -4.10 -3.92
CA VAL A 822 -11.91 -5.05 -3.33
C VAL A 822 -13.13 -5.17 -4.24
N PRO A 823 -13.90 -6.26 -4.14
CA PRO A 823 -15.02 -6.46 -5.09
C PRO A 823 -16.08 -5.38 -5.02
N TYR A 824 -16.38 -4.84 -3.83
CA TYR A 824 -17.47 -3.88 -3.73
C TYR A 824 -17.11 -2.54 -4.36
N VAL A 825 -15.86 -2.35 -4.77
CA VAL A 825 -15.50 -1.14 -5.50
C VAL A 825 -15.70 -1.34 -7.00
N LYS A 826 -15.32 -2.51 -7.51
CA LYS A 826 -15.35 -2.77 -8.94
C LYS A 826 -16.74 -3.13 -9.43
N ARG A 827 -17.52 -3.84 -8.61
CA ARG A 827 -18.79 -4.38 -9.10
C ARG A 827 -19.89 -3.34 -9.19
N VAL A 828 -19.90 -2.36 -8.28
CA VAL A 828 -20.97 -1.38 -8.21
C VAL A 828 -20.42 -0.01 -8.55
N LYS A 829 -21.29 0.85 -9.07
CA LYS A 829 -20.92 2.23 -9.34
C LYS A 829 -20.66 2.97 -8.03
N THR A 830 -20.01 4.12 -8.14
CA THR A 830 -19.57 4.82 -6.94
C THR A 830 -20.75 5.39 -6.16
N TRP A 831 -21.62 6.14 -6.84
CA TRP A 831 -22.70 6.76 -6.09
C TRP A 831 -23.73 5.78 -5.56
N ARG A 832 -23.57 4.48 -5.83
CA ARG A 832 -24.41 3.50 -5.17
C ARG A 832 -23.75 3.03 -3.88
N MET A 833 -22.45 2.79 -3.91
CA MET A 833 -21.73 2.55 -2.67
C MET A 833 -21.94 3.73 -1.72
N HIS A 834 -21.91 4.95 -2.27
CA HIS A 834 -22.13 6.14 -1.46
C HIS A 834 -23.55 6.20 -0.92
N LEU A 835 -24.54 5.79 -1.72
CA LEU A 835 -25.91 5.79 -1.20
C LEU A 835 -26.07 4.77 -0.08
N PHE A 836 -25.46 3.59 -0.25
CA PHE A 836 -25.46 2.57 0.80
C PHE A 836 -24.83 3.10 2.08
N THR A 837 -23.64 3.69 1.97
CA THR A 837 -22.96 4.22 3.15
C THR A 837 -23.77 5.34 3.80
N GLY A 838 -24.42 6.17 2.99
CA GLY A 838 -25.24 7.24 3.54
C GLY A 838 -26.43 6.73 4.30
N ILE A 839 -27.11 5.72 3.76
CA ILE A 839 -28.22 5.10 4.47
C ILE A 839 -27.74 4.53 5.80
N GLN A 840 -26.60 3.84 5.79
CA GLN A 840 -26.11 3.23 7.02
C GLN A 840 -25.72 4.29 8.04
N ILE A 841 -25.16 5.41 7.58
CA ILE A 841 -24.79 6.49 8.49
C ILE A 841 -26.04 7.15 9.07
N ILE A 842 -27.09 7.28 8.26
CA ILE A 842 -28.36 7.79 8.75
C ILE A 842 -28.91 6.87 9.84
N CYS A 843 -28.80 5.56 9.63
CA CYS A 843 -29.21 4.61 10.65
C CYS A 843 -28.41 4.79 11.93
N LEU A 844 -27.10 4.98 11.80
CA LEU A 844 -26.25 5.26 12.96
C LEU A 844 -26.72 6.49 13.70
N ALA A 845 -27.01 7.57 12.97
CA ALA A 845 -27.42 8.82 13.60
C ALA A 845 -28.75 8.65 14.32
N VAL A 846 -29.67 7.89 13.72
CA VAL A 846 -30.95 7.64 14.36
C VAL A 846 -30.76 6.84 15.64
N LEU A 847 -29.88 5.84 15.58
CA LEU A 847 -29.56 5.08 16.79
C LEU A 847 -29.02 5.99 17.89
N TRP A 848 -28.11 6.90 17.52
CA TRP A 848 -27.56 7.81 18.51
C TRP A 848 -28.64 8.69 19.12
N VAL A 849 -29.48 9.28 18.27
CA VAL A 849 -30.53 10.17 18.76
C VAL A 849 -31.50 9.43 19.67
N VAL A 850 -31.88 8.20 19.32
CA VAL A 850 -32.76 7.45 20.21
C VAL A 850 -32.04 7.13 21.51
N LYS A 851 -30.72 6.90 21.44
CA LYS A 851 -29.94 6.63 22.65
C LYS A 851 -29.91 7.84 23.57
N SER A 852 -29.89 9.03 23.00
CA SER A 852 -29.90 10.25 23.81
C SER A 852 -31.30 10.53 24.37
N THR A 853 -32.35 10.06 23.70
CA THR A 853 -33.70 10.31 24.17
C THR A 853 -33.92 9.58 25.49
N PRO A 854 -34.69 10.15 26.43
CA PRO A 854 -34.99 9.43 27.67
C PRO A 854 -35.68 8.10 27.46
N ALA A 855 -36.13 7.80 26.25
CA ALA A 855 -36.65 6.47 25.91
C ALA A 855 -35.51 5.59 25.37
N SER A 856 -34.50 5.43 26.21
CA SER A 856 -33.29 4.72 25.80
C SER A 856 -33.50 3.21 25.82
N LEU A 857 -34.32 2.71 26.74
CA LEU A 857 -34.57 1.27 26.82
C LEU A 857 -35.22 0.73 25.56
N ALA A 858 -35.77 1.60 24.71
CA ALA A 858 -36.32 1.16 23.42
C ALA A 858 -35.26 1.16 22.33
N LEU A 859 -33.98 1.12 22.71
CA LEU A 859 -32.85 1.09 21.80
C LEU A 859 -32.66 -0.30 21.18
N PRO A 860 -32.77 -1.38 21.94
CA PRO A 860 -32.59 -2.71 21.33
C PRO A 860 -33.63 -3.01 20.25
N PHE A 861 -34.91 -2.75 20.52
CA PHE A 861 -35.96 -3.00 19.55
C PHE A 861 -35.60 -2.38 18.21
N VAL A 862 -35.31 -1.07 18.22
CA VAL A 862 -34.94 -0.36 17.00
C VAL A 862 -33.81 -1.10 16.29
N LEU A 863 -32.85 -1.60 17.07
CA LEU A 863 -31.71 -2.31 16.50
C LEU A 863 -32.16 -3.51 15.69
N ILE A 864 -33.04 -4.34 16.25
CA ILE A 864 -33.47 -5.51 15.49
C ILE A 864 -34.32 -5.09 14.31
N LEU A 865 -34.90 -3.89 14.36
CA LEU A 865 -35.66 -3.35 13.24
C LEU A 865 -34.75 -3.03 12.06
N THR A 866 -33.44 -3.04 12.26
CA THR A 866 -32.51 -2.90 11.14
C THR A 866 -32.46 -4.18 10.32
N VAL A 867 -32.88 -5.31 10.86
CA VAL A 867 -32.82 -6.57 10.11
C VAL A 867 -33.88 -6.54 9.00
N PRO A 868 -35.14 -6.19 9.27
CA PRO A 868 -36.09 -6.08 8.14
C PRO A 868 -35.69 -5.05 7.11
N LEU A 869 -35.04 -3.96 7.53
CA LEU A 869 -34.61 -2.93 6.58
C LEU A 869 -33.74 -3.52 5.49
N ARG A 870 -32.85 -4.44 5.84
CA ARG A 870 -31.98 -5.08 4.86
C ARG A 870 -32.71 -6.13 4.04
N ARG A 871 -33.78 -6.69 4.58
CA ARG A 871 -34.49 -7.79 3.95
C ARG A 871 -35.54 -7.33 2.95
N VAL A 872 -36.11 -6.13 3.15
CA VAL A 872 -37.25 -5.67 2.37
C VAL A 872 -36.90 -4.39 1.60
N LEU A 873 -36.42 -3.36 2.30
CA LEU A 873 -36.36 -2.04 1.68
C LEU A 873 -35.22 -1.98 0.67
N LEU A 874 -34.06 -2.56 1.00
CA LEU A 874 -32.91 -2.44 0.11
C LEU A 874 -33.14 -3.19 -1.20
N PRO A 875 -33.73 -4.40 -1.20
CA PRO A 875 -34.03 -5.04 -2.48
C PRO A 875 -35.04 -4.26 -3.32
N LEU A 876 -35.64 -3.19 -2.80
CA LEU A 876 -36.47 -2.32 -3.59
C LEU A 876 -35.68 -1.22 -4.30
N ILE A 877 -34.44 -1.00 -3.92
CA ILE A 877 -33.61 0.06 -4.47
C ILE A 877 -32.45 -0.51 -5.29
N PHE A 878 -31.73 -1.47 -4.72
CA PHE A 878 -30.57 -2.04 -5.38
C PHE A 878 -30.96 -3.29 -6.16
N ARG A 879 -29.95 -3.93 -6.76
CA ARG A 879 -30.10 -5.18 -7.47
C ARG A 879 -29.34 -6.27 -6.72
N ASN A 880 -29.61 -7.52 -7.10
CA ASN A 880 -29.18 -8.63 -6.26
C ASN A 880 -27.66 -8.76 -6.23
N VAL A 881 -27.00 -8.54 -7.37
CA VAL A 881 -25.56 -8.69 -7.39
C VAL A 881 -24.90 -7.55 -6.60
N GLU A 882 -25.44 -6.34 -6.72
CA GLU A 882 -24.95 -5.22 -5.92
C GLU A 882 -25.12 -5.47 -4.43
N LEU A 883 -26.29 -5.98 -4.05
CA LEU A 883 -26.57 -6.20 -2.63
C LEU A 883 -25.75 -7.35 -2.07
N GLN A 884 -25.50 -8.38 -2.89
CA GLN A 884 -24.64 -9.48 -2.44
C GLN A 884 -23.19 -9.03 -2.34
N CYS A 885 -22.75 -8.14 -3.23
CA CYS A 885 -21.36 -7.71 -3.20
C CYS A 885 -21.09 -6.74 -2.07
N LEU A 886 -22.04 -5.85 -1.78
CA LEU A 886 -21.83 -4.90 -0.69
C LEU A 886 -21.97 -5.58 0.67
N ASP A 887 -23.14 -6.15 0.94
CA ASP A 887 -23.41 -6.78 2.23
C ASP A 887 -23.01 -8.25 2.09
N ALA A 888 -21.70 -8.49 2.10
CA ALA A 888 -21.18 -9.83 1.96
C ALA A 888 -20.99 -10.48 3.32
N ASP A 889 -21.42 -11.74 3.43
CA ASP A 889 -21.33 -12.41 4.73
C ASP A 889 -19.91 -12.87 5.01
N ASP A 890 -19.17 -13.22 3.96
CA ASP A 890 -17.76 -13.60 4.06
C ASP A 890 -16.93 -12.52 3.38
N ALA A 891 -15.75 -12.27 3.94
CA ALA A 891 -14.89 -11.21 3.41
C ALA A 891 -14.14 -11.66 2.17
N LYS A 892 -13.51 -12.82 2.23
CA LYS A 892 -12.68 -13.29 1.12
C LYS A 892 -13.52 -13.69 -0.08
N ALA A 893 -14.64 -14.38 0.14
CA ALA A 893 -15.51 -14.85 -0.93
C ALA A 893 -16.68 -13.89 -1.10
N THR A 894 -16.81 -13.33 -2.30
CA THR A 894 -17.87 -12.37 -2.60
C THR A 894 -18.49 -12.65 -3.97
N HIS B 55 1.56 6.69 -38.01
CA HIS B 55 0.37 7.22 -37.35
C HIS B 55 -0.14 6.23 -36.31
N LYS B 56 -0.58 6.74 -35.16
CA LYS B 56 -1.28 5.88 -34.23
C LYS B 56 -2.67 5.56 -34.78
N VAL B 57 -3.31 4.54 -34.20
CA VAL B 57 -4.58 4.03 -34.68
C VAL B 57 -5.57 4.01 -33.53
N TYR B 58 -6.86 4.08 -33.85
CA TYR B 58 -7.95 3.91 -32.90
C TYR B 58 -8.94 2.96 -33.55
N VAL B 59 -9.08 1.76 -32.98
CA VAL B 59 -9.86 0.68 -33.58
C VAL B 59 -11.20 0.58 -32.88
N GLU B 60 -12.24 0.28 -33.66
CA GLU B 60 -13.59 0.14 -33.15
C GLU B 60 -14.26 -1.01 -33.90
N LEU B 61 -14.89 -1.92 -33.17
CA LEU B 61 -15.51 -3.09 -33.76
C LEU B 61 -17.01 -2.95 -33.65
N GLN B 62 -17.72 -3.19 -34.75
CA GLN B 62 -19.18 -3.09 -34.79
C GLN B 62 -19.74 -4.33 -35.46
N GLU B 63 -20.99 -4.67 -35.11
CA GLU B 63 -21.62 -5.87 -35.61
C GLU B 63 -23.10 -5.62 -35.79
N LEU B 64 -23.73 -6.44 -36.63
CA LEU B 64 -25.15 -6.25 -36.90
C LEU B 64 -25.92 -6.75 -35.70
N VAL B 65 -26.85 -5.94 -35.21
CA VAL B 65 -27.69 -6.29 -34.07
C VAL B 65 -29.13 -5.90 -34.34
N MET B 66 -30.01 -6.44 -33.51
CA MET B 66 -31.43 -6.11 -33.50
C MET B 66 -31.82 -5.78 -32.07
N ASP B 67 -32.58 -4.71 -31.91
CA ASP B 67 -33.10 -4.31 -30.61
C ASP B 67 -34.45 -4.97 -30.41
N GLU B 68 -34.75 -5.33 -29.16
CA GLU B 68 -36.01 -5.99 -28.89
C GLU B 68 -37.18 -5.01 -28.88
N LYS B 69 -36.92 -3.71 -28.75
CA LYS B 69 -38.00 -2.73 -28.78
C LYS B 69 -38.69 -2.74 -30.13
N ASN B 70 -37.96 -2.37 -31.19
CA ASN B 70 -38.43 -2.45 -32.57
C ASN B 70 -37.52 -3.36 -33.37
N GLN B 71 -38.11 -4.11 -34.30
CA GLN B 71 -37.35 -5.05 -35.14
C GLN B 71 -36.72 -4.28 -36.28
N GLU B 72 -35.53 -3.73 -36.03
CA GLU B 72 -34.78 -3.00 -37.03
C GLU B 72 -33.31 -3.27 -36.82
N LEU B 73 -32.63 -3.69 -37.89
CA LEU B 73 -31.20 -3.97 -37.78
C LEU B 73 -30.42 -2.66 -37.64
N ARG B 74 -29.25 -2.76 -37.03
CA ARG B 74 -28.33 -1.63 -36.98
C ARG B 74 -26.97 -2.12 -36.54
N TRP B 75 -25.93 -1.36 -36.88
CA TRP B 75 -24.60 -1.71 -36.44
C TRP B 75 -24.38 -1.14 -35.04
N MET B 76 -24.01 -2.01 -34.10
CA MET B 76 -23.69 -1.60 -32.74
C MET B 76 -22.25 -2.01 -32.42
N GLU B 77 -21.55 -1.16 -31.67
CA GLU B 77 -20.15 -1.47 -31.35
C GLU B 77 -20.06 -2.39 -30.14
N ALA B 78 -19.00 -3.18 -30.10
CA ALA B 78 -18.89 -4.17 -29.04
C ALA B 78 -17.50 -4.29 -28.44
N ALA B 79 -16.54 -3.47 -28.86
CA ALA B 79 -15.20 -3.52 -28.31
C ALA B 79 -14.45 -2.28 -28.79
N ARG B 80 -13.22 -2.14 -28.29
CA ARG B 80 -12.36 -1.05 -28.72
C ARG B 80 -10.93 -1.36 -28.29
N TRP B 81 -9.98 -0.79 -29.04
CA TRP B 81 -8.57 -1.13 -28.91
C TRP B 81 -7.71 0.14 -28.89
N VAL B 82 -8.09 1.10 -28.05
CA VAL B 82 -7.32 2.33 -27.95
C VAL B 82 -5.91 2.01 -27.47
N GLN B 83 -5.80 1.49 -26.25
CA GLN B 83 -4.55 1.01 -25.67
C GLN B 83 -4.62 -0.47 -25.36
N LEU B 84 -5.64 -0.90 -24.62
CA LEU B 84 -5.91 -2.31 -24.37
C LEU B 84 -7.39 -2.55 -24.63
N GLU B 85 -7.71 -3.78 -25.03
CA GLU B 85 -9.07 -4.08 -25.46
C GLU B 85 -10.08 -3.83 -24.36
N GLU B 86 -11.22 -3.27 -24.73
CA GLU B 86 -12.37 -3.11 -23.85
C GLU B 86 -13.61 -3.63 -24.55
N ASN B 87 -14.55 -4.16 -23.77
CA ASN B 87 -15.79 -4.74 -24.27
C ASN B 87 -16.99 -3.94 -23.77
N LEU B 88 -18.16 -4.26 -24.32
CA LEU B 88 -19.42 -3.59 -24.00
C LEU B 88 -20.39 -4.60 -23.42
N GLY B 89 -20.84 -4.35 -22.18
CA GLY B 89 -21.77 -5.24 -21.52
C GLY B 89 -23.19 -5.11 -22.03
N GLU B 90 -24.09 -5.87 -21.39
CA GLU B 90 -25.50 -5.86 -21.76
C GLU B 90 -26.23 -4.65 -21.20
N ASN B 91 -25.83 -4.15 -20.03
CA ASN B 91 -26.49 -3.00 -19.43
C ASN B 91 -26.17 -1.71 -20.18
N GLY B 92 -25.05 -1.67 -20.88
CA GLY B 92 -24.66 -0.50 -21.64
C GLY B 92 -23.44 0.24 -21.11
N ALA B 93 -22.62 -0.40 -20.29
CA ALA B 93 -21.43 0.21 -19.72
C ALA B 93 -20.22 -0.61 -20.14
N TRP B 94 -19.11 0.08 -20.40
CA TRP B 94 -17.90 -0.59 -20.83
C TRP B 94 -17.25 -1.32 -19.66
N GLY B 95 -16.65 -2.47 -19.95
CA GLY B 95 -16.02 -3.29 -18.95
C GLY B 95 -14.63 -2.84 -18.57
N ARG B 96 -13.74 -3.81 -18.31
CA ARG B 96 -12.41 -3.43 -17.88
C ARG B 96 -11.40 -3.64 -19.01
N PRO B 97 -10.43 -2.75 -19.16
CA PRO B 97 -9.40 -2.96 -20.18
C PRO B 97 -8.56 -4.19 -19.87
N HIS B 98 -8.03 -4.81 -20.92
CA HIS B 98 -7.22 -6.01 -20.78
C HIS B 98 -6.48 -6.24 -22.09
N LEU B 99 -5.49 -7.13 -22.04
CA LEU B 99 -4.83 -7.54 -23.28
C LEU B 99 -5.80 -8.35 -24.14
N SER B 100 -5.42 -8.54 -25.40
CA SER B 100 -6.28 -9.22 -26.37
C SER B 100 -5.72 -10.62 -26.55
N HIS B 101 -6.39 -11.61 -25.94
CA HIS B 101 -6.05 -13.00 -26.12
C HIS B 101 -6.94 -13.58 -27.20
N LEU B 102 -6.34 -14.34 -28.12
CA LEU B 102 -7.07 -14.99 -29.19
C LEU B 102 -7.22 -16.48 -28.91
N THR B 103 -8.01 -17.15 -29.76
CA THR B 103 -8.15 -18.59 -29.75
C THR B 103 -7.46 -19.15 -30.98
N PHE B 104 -7.29 -20.47 -31.01
CA PHE B 104 -6.60 -21.11 -32.12
C PHE B 104 -7.45 -21.05 -33.39
N TRP B 105 -8.73 -21.41 -33.27
CA TRP B 105 -9.59 -21.45 -34.44
C TRP B 105 -9.79 -20.05 -35.02
N SER B 106 -9.80 -19.02 -34.16
CA SER B 106 -9.96 -17.66 -34.65
C SER B 106 -8.82 -17.28 -35.60
N LEU B 107 -7.57 -17.52 -35.18
CA LEU B 107 -6.43 -17.19 -36.02
C LEU B 107 -6.38 -18.07 -37.26
N LEU B 108 -6.72 -19.36 -37.11
CA LEU B 108 -6.73 -20.25 -38.27
C LEU B 108 -7.71 -19.77 -39.33
N GLU B 109 -8.96 -19.53 -38.95
CA GLU B 109 -9.96 -19.06 -39.91
C GLU B 109 -9.63 -17.65 -40.41
N LEU B 110 -9.00 -16.82 -39.59
CA LEU B 110 -8.58 -15.50 -40.05
C LEU B 110 -7.59 -15.62 -41.19
N ARG B 111 -6.56 -16.46 -41.02
CA ARG B 111 -5.62 -16.71 -42.09
C ARG B 111 -6.32 -17.29 -43.31
N ARG B 112 -7.22 -18.24 -43.09
CA ARG B 112 -7.88 -18.92 -44.19
C ARG B 112 -8.72 -17.96 -45.02
N VAL B 113 -9.43 -17.04 -44.37
CA VAL B 113 -10.31 -16.14 -45.12
C VAL B 113 -9.56 -14.91 -45.62
N PHE B 114 -8.42 -14.57 -45.02
CA PHE B 114 -7.62 -13.45 -45.50
C PHE B 114 -6.75 -13.84 -46.68
N THR B 115 -6.40 -15.13 -46.80
CA THR B 115 -5.59 -15.58 -47.92
C THR B 115 -6.26 -15.28 -49.25
N LYS B 116 -7.59 -15.32 -49.30
CA LYS B 116 -8.33 -15.03 -50.53
C LYS B 116 -9.33 -13.90 -50.32
N GLY B 117 -8.91 -12.86 -49.60
CA GLY B 117 -9.76 -11.72 -49.33
C GLY B 117 -9.74 -10.72 -50.47
N THR B 118 -10.50 -9.64 -50.29
CA THR B 118 -10.59 -8.57 -51.27
C THR B 118 -10.06 -7.28 -50.65
N VAL B 119 -9.10 -6.66 -51.32
CA VAL B 119 -8.48 -5.44 -50.82
C VAL B 119 -8.77 -4.29 -51.79
N LEU B 120 -8.92 -3.09 -51.23
CA LEU B 120 -9.08 -1.86 -52.02
C LEU B 120 -8.13 -0.83 -51.42
N LEU B 121 -6.93 -0.75 -51.99
CA LEU B 121 -5.85 0.07 -51.44
C LEU B 121 -5.81 1.40 -52.19
N ASP B 122 -5.74 2.49 -51.43
CA ASP B 122 -5.72 3.85 -51.97
C ASP B 122 -7.01 4.15 -52.72
N LEU B 123 -8.13 3.90 -52.04
CA LEU B 123 -9.45 4.21 -52.58
C LEU B 123 -9.74 5.70 -52.40
N GLN B 124 -10.38 6.29 -53.39
CA GLN B 124 -10.65 7.73 -53.38
C GLN B 124 -12.14 7.92 -53.11
N GLU B 125 -12.49 7.93 -51.82
CA GLU B 125 -13.84 8.17 -51.35
C GLU B 125 -13.77 8.99 -50.07
N THR B 126 -14.88 9.63 -49.71
CA THR B 126 -14.94 10.45 -48.51
C THR B 126 -16.19 10.18 -47.67
N SER B 127 -17.01 9.19 -48.04
CA SER B 127 -18.18 8.82 -47.27
C SER B 127 -18.28 7.30 -47.19
N LEU B 128 -19.15 6.83 -46.29
CA LEU B 128 -19.32 5.39 -46.14
C LEU B 128 -20.09 4.79 -47.31
N ALA B 129 -20.96 5.57 -47.95
CA ALA B 129 -21.74 5.02 -49.06
C ALA B 129 -20.85 4.71 -50.25
N GLY B 130 -19.91 5.61 -50.55
CA GLY B 130 -18.99 5.36 -51.65
C GLY B 130 -18.08 4.17 -51.38
N VAL B 131 -17.55 4.10 -50.15
CA VAL B 131 -16.71 2.97 -49.77
C VAL B 131 -17.49 1.67 -49.91
N ALA B 132 -18.72 1.66 -49.40
CA ALA B 132 -19.54 0.45 -49.48
C ALA B 132 -19.81 0.06 -50.93
N ASN B 133 -20.11 1.04 -51.78
CA ASN B 133 -20.43 0.73 -53.18
C ASN B 133 -19.20 0.19 -53.91
N GLN B 134 -18.04 0.81 -53.69
CA GLN B 134 -16.81 0.33 -54.33
C GLN B 134 -16.46 -1.06 -53.83
N LEU B 135 -16.63 -1.32 -52.53
CA LEU B 135 -16.31 -2.64 -51.99
C LEU B 135 -17.24 -3.69 -52.56
N LEU B 136 -18.53 -3.37 -52.70
CA LEU B 136 -19.46 -4.33 -53.29
C LEU B 136 -19.15 -4.57 -54.75
N ASP B 137 -18.76 -3.52 -55.48
CA ASP B 137 -18.34 -3.71 -56.87
C ASP B 137 -17.12 -4.62 -56.96
N ARG B 138 -16.16 -4.45 -56.05
CA ARG B 138 -14.97 -5.29 -56.06
C ARG B 138 -15.30 -6.73 -55.68
N PHE B 139 -16.24 -6.90 -54.76
CA PHE B 139 -16.73 -8.24 -54.45
C PHE B 139 -17.34 -8.90 -55.67
N ILE B 140 -18.20 -8.17 -56.38
CA ILE B 140 -18.85 -8.70 -57.58
C ILE B 140 -17.81 -9.06 -58.63
N PHE B 141 -16.74 -8.25 -58.74
CA PHE B 141 -15.72 -8.50 -59.76
C PHE B 141 -15.07 -9.87 -59.58
N GLU B 142 -14.67 -10.22 -58.37
CA GLU B 142 -13.87 -11.42 -58.13
C GLU B 142 -14.69 -12.64 -57.76
N ASP B 143 -16.01 -12.64 -58.01
CA ASP B 143 -16.86 -13.81 -57.77
C ASP B 143 -16.83 -14.26 -56.32
N GLN B 144 -16.79 -13.31 -55.39
CA GLN B 144 -16.86 -13.65 -53.97
C GLN B 144 -18.30 -13.77 -53.50
N ILE B 145 -19.19 -12.98 -54.08
CA ILE B 145 -20.63 -13.05 -53.82
C ILE B 145 -21.34 -13.12 -55.17
N ARG B 146 -22.64 -13.37 -55.12
CA ARG B 146 -23.36 -13.51 -56.38
C ARG B 146 -23.99 -12.18 -56.78
N PRO B 147 -24.21 -11.98 -58.09
CA PRO B 147 -24.76 -10.69 -58.54
C PRO B 147 -26.10 -10.35 -57.93
N GLN B 148 -26.84 -11.34 -57.43
CA GLN B 148 -28.11 -11.06 -56.79
C GLN B 148 -28.00 -10.85 -55.29
N ASP B 149 -26.83 -11.11 -54.71
CA ASP B 149 -26.58 -10.87 -53.29
C ASP B 149 -26.06 -9.45 -53.02
N ARG B 150 -25.92 -8.63 -54.07
CA ARG B 150 -25.33 -7.31 -53.90
C ARG B 150 -26.29 -6.35 -53.20
N GLU B 151 -27.59 -6.43 -53.50
CA GLU B 151 -28.55 -5.48 -52.96
C GLU B 151 -28.69 -5.62 -51.46
N GLU B 152 -28.84 -6.84 -50.96
CA GLU B 152 -28.99 -7.04 -49.53
C GLU B 152 -27.75 -6.61 -48.77
N LEU B 153 -26.57 -6.97 -49.29
CA LEU B 153 -25.32 -6.59 -48.61
C LEU B 153 -25.13 -5.08 -48.59
N LEU B 154 -25.45 -4.39 -49.70
CA LEU B 154 -25.29 -2.95 -49.72
C LEU B 154 -26.28 -2.27 -48.80
N ARG B 155 -27.50 -2.80 -48.70
CA ARG B 155 -28.47 -2.23 -47.78
C ARG B 155 -28.07 -2.48 -46.33
N ALA B 156 -27.45 -3.63 -46.05
CA ALA B 156 -27.05 -3.91 -44.68
C ALA B 156 -25.83 -3.07 -44.28
N LEU B 157 -24.90 -2.86 -45.21
CA LEU B 157 -23.70 -2.11 -44.87
C LEU B 157 -23.98 -0.63 -44.68
N LEU B 158 -25.15 -0.14 -45.10
CA LEU B 158 -25.47 1.28 -45.03
C LEU B 158 -26.52 1.57 -43.97
N LEU B 159 -26.72 0.64 -43.03
CA LEU B 159 -27.62 0.88 -41.91
C LEU B 159 -26.99 1.88 -40.94
N LYS B 160 -27.75 2.21 -39.90
CA LYS B 160 -27.27 3.21 -38.94
C LYS B 160 -26.36 2.54 -37.92
N HIS B 161 -25.30 3.25 -37.55
CA HIS B 161 -24.27 2.72 -36.64
C HIS B 161 -24.48 3.34 -35.28
N SER B 162 -25.09 2.60 -34.36
CA SER B 162 -25.31 3.12 -33.02
C SER B 162 -24.01 3.01 -32.22
N HIS B 163 -24.09 3.33 -30.93
CA HIS B 163 -22.93 3.28 -30.04
C HIS B 163 -23.42 2.89 -28.65
N ALA B 164 -22.53 3.06 -27.66
CA ALA B 164 -22.83 2.60 -26.31
C ALA B 164 -23.91 3.45 -25.66
N GLY B 165 -24.00 4.72 -26.03
CA GLY B 165 -24.94 5.62 -25.35
C GLY B 165 -26.39 5.22 -25.56
N GLU B 166 -26.80 5.05 -26.82
CA GLU B 166 -28.20 4.82 -27.14
C GLU B 166 -28.73 3.50 -26.59
N LEU B 167 -27.85 2.64 -26.05
CA LEU B 167 -28.26 1.30 -25.65
C LEU B 167 -29.43 1.33 -24.69
N GLU B 168 -29.33 2.10 -23.61
CA GLU B 168 -30.43 2.15 -22.65
C GLU B 168 -31.73 2.63 -23.29
N ALA B 169 -31.63 3.51 -24.29
CA ALA B 169 -32.83 4.01 -24.95
C ALA B 169 -33.49 2.96 -25.84
N LEU B 170 -32.78 1.88 -26.16
CA LEU B 170 -33.32 0.81 -27.01
C LEU B 170 -33.94 -0.32 -26.20
N GLY B 171 -33.58 -0.47 -24.94
CA GLY B 171 -34.07 -1.59 -24.16
C GLY B 171 -33.22 -2.83 -24.27
N GLY B 172 -31.99 -2.69 -24.74
CA GLY B 172 -31.07 -3.79 -24.95
C GLY B 172 -30.96 -4.16 -26.42
N VAL B 173 -29.91 -4.92 -26.74
CA VAL B 173 -29.64 -5.38 -28.09
C VAL B 173 -29.18 -6.83 -28.04
N LYS B 174 -29.38 -7.53 -29.16
CA LYS B 174 -28.89 -8.88 -29.36
C LYS B 174 -28.36 -9.04 -30.78
N PRO B 175 -27.35 -9.88 -30.97
CA PRO B 175 -26.76 -10.04 -32.31
C PRO B 175 -27.80 -10.55 -33.30
N ALA B 176 -27.61 -10.22 -34.57
CA ALA B 176 -28.59 -10.57 -35.60
C ALA B 176 -27.88 -11.01 -36.87
N VAL B 177 -28.66 -11.60 -37.78
CA VAL B 177 -28.19 -12.12 -39.04
C VAL B 177 -29.08 -11.58 -40.17
N LEU B 178 -28.46 -11.18 -41.26
CA LEU B 178 -29.21 -10.66 -42.41
C LEU B 178 -29.97 -11.80 -43.07
N THR B 179 -31.04 -11.45 -43.77
CA THR B 179 -31.88 -12.43 -44.44
C THR B 179 -32.38 -11.85 -45.76
N ARG B 180 -32.62 -12.74 -46.72
CA ARG B 180 -33.02 -12.29 -48.05
C ARG B 180 -34.28 -11.43 -48.01
N SER B 181 -35.32 -11.91 -47.32
CA SER B 181 -36.57 -11.15 -47.28
C SER B 181 -36.43 -9.83 -46.55
N GLY B 182 -35.33 -9.60 -45.86
CA GLY B 182 -35.13 -8.38 -45.09
C GLY B 182 -35.61 -8.48 -43.66
N ASP B 183 -36.29 -9.57 -43.29
CA ASP B 183 -36.79 -9.77 -41.95
C ASP B 183 -35.82 -10.61 -41.15
N PRO B 184 -35.31 -10.12 -40.02
CA PRO B 184 -34.35 -10.91 -39.23
C PRO B 184 -35.05 -12.09 -38.57
N SER B 185 -34.23 -13.02 -38.08
CA SER B 185 -34.73 -14.19 -37.37
C SER B 185 -33.70 -14.58 -36.31
N GLN B 186 -34.06 -15.58 -35.51
CA GLN B 186 -33.03 -15.94 -34.53
C GLN B 186 -32.08 -16.98 -35.13
N PRO B 187 -30.80 -16.88 -34.81
CA PRO B 187 -29.80 -17.75 -35.43
C PRO B 187 -29.96 -19.21 -35.05
N LEU B 188 -29.67 -20.08 -36.01
CA LEU B 188 -29.71 -21.53 -35.80
C LEU B 188 -28.32 -22.04 -35.38
N LEU B 189 -27.85 -21.50 -34.26
CA LEU B 189 -26.51 -21.77 -33.76
C LEU B 189 -26.48 -21.45 -32.28
N PRO B 190 -25.65 -22.15 -31.48
CA PRO B 190 -25.60 -21.89 -30.03
C PRO B 190 -25.35 -20.44 -29.68
N GLN B 191 -26.29 -19.84 -28.95
CA GLN B 191 -26.24 -18.41 -28.65
C GLN B 191 -25.57 -18.11 -27.31
N HIS B 192 -24.60 -18.92 -26.90
CA HIS B 192 -23.90 -18.65 -25.65
C HIS B 192 -23.14 -17.35 -25.73
N SER B 193 -23.14 -16.59 -24.63
CA SER B 193 -22.41 -15.33 -24.57
C SER B 193 -20.91 -15.60 -24.70
N SER B 194 -20.18 -14.56 -25.08
CA SER B 194 -18.74 -14.70 -25.26
C SER B 194 -18.07 -14.91 -23.90
N LEU B 195 -16.76 -15.18 -23.93
CA LEU B 195 -16.04 -15.37 -22.69
C LEU B 195 -15.58 -14.04 -22.11
N GLU B 196 -15.20 -13.11 -22.99
CA GLU B 196 -14.76 -11.80 -22.54
C GLU B 196 -15.90 -11.03 -21.91
N THR B 197 -17.10 -11.15 -22.46
CA THR B 197 -18.27 -10.52 -21.85
C THR B 197 -18.53 -11.11 -20.46
N GLN B 198 -18.36 -12.42 -20.32
CA GLN B 198 -18.61 -13.10 -19.05
C GLN B 198 -17.61 -12.70 -18.00
N LEU B 199 -16.37 -12.40 -18.41
CA LEU B 199 -15.28 -12.23 -17.47
C LEU B 199 -14.96 -10.75 -17.24
N PHE B 200 -15.45 -9.86 -18.11
CA PHE B 200 -15.10 -8.45 -18.02
C PHE B 200 -16.30 -7.51 -18.03
N CYS B 201 -17.54 -7.99 -18.11
CA CYS B 201 -18.68 -7.07 -18.20
C CYS B 201 -19.57 -7.12 -16.95
N GLU B 202 -20.05 -8.29 -16.58
CA GLU B 202 -20.95 -8.39 -15.43
C GLU B 202 -20.21 -8.13 -14.12
N HIS B 211 -17.54 11.46 -17.13
CA HIS B 211 -16.10 11.65 -17.05
C HIS B 211 -15.40 10.72 -18.02
N SER B 212 -16.15 9.75 -18.55
CA SER B 212 -15.60 8.77 -19.48
C SER B 212 -15.26 9.36 -20.85
N PRO B 213 -16.12 10.18 -21.49
CA PRO B 213 -15.74 10.73 -22.80
C PRO B 213 -14.48 11.57 -22.78
N SER B 214 -14.35 12.46 -21.80
CA SER B 214 -13.12 13.24 -21.69
C SER B 214 -11.92 12.34 -21.46
N GLY B 215 -12.09 11.28 -20.64
CA GLY B 215 -11.01 10.35 -20.43
C GLY B 215 -10.55 9.67 -21.71
N ILE B 216 -11.49 9.12 -22.48
CA ILE B 216 -11.10 8.44 -23.70
C ILE B 216 -10.54 9.43 -24.71
N LEU B 217 -10.97 10.69 -24.66
CA LEU B 217 -10.35 11.70 -25.49
C LEU B 217 -8.90 11.96 -25.07
N GLU B 218 -8.63 11.91 -23.76
CA GLU B 218 -7.25 12.05 -23.30
C GLU B 218 -6.36 10.87 -23.67
N LYS B 219 -6.88 9.63 -23.62
CA LYS B 219 -5.98 8.53 -23.98
C LYS B 219 -5.67 8.51 -25.47
N ILE B 220 -6.60 8.90 -26.32
CA ILE B 220 -6.31 8.89 -27.76
C ILE B 220 -5.18 9.88 -28.03
N PRO B 221 -4.11 9.48 -28.72
CA PRO B 221 -3.00 10.39 -29.01
C PRO B 221 -3.44 11.60 -29.82
N PRO B 222 -2.60 12.64 -29.87
CA PRO B 222 -3.03 13.87 -30.58
C PRO B 222 -3.24 13.67 -32.07
N ASP B 223 -2.26 13.09 -32.76
CA ASP B 223 -2.33 12.87 -34.20
C ASP B 223 -2.44 11.36 -34.43
N SER B 224 -3.66 10.91 -34.72
CA SER B 224 -3.96 9.50 -34.87
C SER B 224 -5.13 9.34 -35.84
N GLU B 225 -5.16 8.19 -36.51
CA GLU B 225 -6.12 7.91 -37.56
C GLU B 225 -6.92 6.69 -37.17
N ALA B 226 -8.17 6.65 -37.61
CA ALA B 226 -9.10 5.64 -37.13
C ALA B 226 -9.17 4.45 -38.07
N THR B 227 -9.61 3.32 -37.52
CA THR B 227 -9.80 2.07 -38.24
C THR B 227 -11.14 1.48 -37.81
N LEU B 228 -11.91 1.02 -38.79
CA LEU B 228 -13.26 0.53 -38.54
C LEU B 228 -13.36 -0.90 -39.03
N VAL B 229 -13.78 -1.80 -38.13
CA VAL B 229 -13.96 -3.21 -38.45
C VAL B 229 -15.46 -3.49 -38.37
N LEU B 230 -15.98 -4.15 -39.40
CA LEU B 230 -17.40 -4.51 -39.47
C LEU B 230 -17.52 -6.02 -39.60
N VAL B 231 -18.15 -6.65 -38.61
CA VAL B 231 -18.38 -8.08 -38.60
C VAL B 231 -19.88 -8.31 -38.65
N GLY B 232 -20.31 -9.32 -39.38
CA GLY B 232 -21.72 -9.59 -39.53
C GLY B 232 -21.95 -10.90 -40.23
N ARG B 233 -23.13 -11.47 -40.00
CA ARG B 233 -23.49 -12.77 -40.54
C ARG B 233 -24.65 -12.59 -41.51
N ALA B 234 -24.55 -13.24 -42.67
CA ALA B 234 -25.55 -13.19 -43.71
C ALA B 234 -25.76 -14.59 -44.27
N ASP B 235 -27.01 -14.98 -44.45
CA ASP B 235 -27.34 -16.36 -44.79
C ASP B 235 -27.33 -16.63 -46.29
N PHE B 236 -27.56 -15.61 -47.13
CA PHE B 236 -27.64 -15.86 -48.57
C PHE B 236 -26.27 -16.08 -49.21
N LEU B 237 -25.18 -15.83 -48.51
CA LEU B 237 -23.86 -16.09 -49.06
C LEU B 237 -23.56 -17.59 -49.05
N GLU B 238 -22.36 -17.94 -49.52
CA GLU B 238 -21.90 -19.31 -49.61
C GLU B 238 -20.58 -19.56 -48.90
N GLN B 239 -19.80 -18.52 -48.63
CA GLN B 239 -18.50 -18.63 -48.00
C GLN B 239 -18.18 -17.30 -47.34
N PRO B 240 -17.35 -17.29 -46.31
CA PRO B 240 -16.98 -16.01 -45.69
C PRO B 240 -16.26 -15.10 -46.68
N VAL B 241 -16.54 -13.81 -46.58
CA VAL B 241 -15.96 -12.79 -47.44
C VAL B 241 -15.35 -11.70 -46.57
N LEU B 242 -14.18 -11.23 -46.97
CA LEU B 242 -13.44 -10.17 -46.31
C LEU B 242 -13.19 -9.04 -47.29
N GLY B 243 -13.37 -7.81 -46.81
CA GLY B 243 -13.10 -6.65 -47.64
C GLY B 243 -12.27 -5.65 -46.86
N PHE B 244 -11.09 -5.37 -47.37
CA PHE B 244 -10.13 -4.45 -46.76
C PHE B 244 -10.02 -3.22 -47.63
N VAL B 245 -10.21 -2.05 -47.04
CA VAL B 245 -10.22 -0.79 -47.77
C VAL B 245 -9.29 0.20 -47.08
N ARG B 246 -8.49 0.92 -47.87
CA ARG B 246 -7.69 2.02 -47.34
C ARG B 246 -7.95 3.26 -48.19
N LEU B 247 -8.28 4.37 -47.54
CA LEU B 247 -8.59 5.60 -48.25
C LEU B 247 -7.30 6.33 -48.63
N GLN B 248 -7.45 7.26 -49.58
CA GLN B 248 -6.30 8.03 -50.03
C GLN B 248 -5.92 9.09 -49.01
N GLU B 249 -6.91 9.62 -48.29
CA GLU B 249 -6.67 10.54 -47.18
C GLU B 249 -7.78 10.35 -46.17
N ALA B 250 -7.43 10.56 -44.89
CA ALA B 250 -8.38 10.33 -43.80
C ALA B 250 -9.64 11.16 -43.98
N ALA B 251 -10.78 10.51 -43.87
CA ALA B 251 -12.08 11.14 -44.03
C ALA B 251 -12.94 10.85 -42.81
N GLU B 252 -13.81 11.80 -42.48
CA GLU B 252 -14.72 11.66 -41.34
C GLU B 252 -16.07 11.22 -41.90
N LEU B 253 -16.25 9.91 -41.98
CA LEU B 253 -17.49 9.33 -42.50
C LEU B 253 -18.66 9.72 -41.63
N GLU B 254 -19.71 10.27 -42.26
CA GLU B 254 -20.84 10.80 -41.51
C GLU B 254 -21.65 9.69 -40.85
N ALA B 255 -21.80 8.55 -41.51
CA ALA B 255 -22.65 7.48 -41.00
C ALA B 255 -22.11 6.96 -39.68
N VAL B 256 -20.87 6.46 -39.67
CA VAL B 256 -20.26 5.90 -38.48
C VAL B 256 -19.38 6.98 -37.83
N GLU B 257 -19.63 7.25 -36.55
CA GLU B 257 -18.98 8.35 -35.85
C GLU B 257 -17.80 7.78 -35.05
N LEU B 258 -16.66 8.45 -35.15
CA LEU B 258 -15.48 8.11 -34.37
C LEU B 258 -14.78 9.38 -33.91
N PRO B 259 -14.00 9.31 -32.82
CA PRO B 259 -13.26 10.51 -32.39
C PRO B 259 -12.28 11.03 -33.42
N VAL B 260 -11.63 10.14 -34.16
CA VAL B 260 -10.60 10.55 -35.13
C VAL B 260 -11.07 10.12 -36.51
N PRO B 261 -10.47 10.67 -37.57
CA PRO B 261 -10.96 10.33 -38.91
C PRO B 261 -10.49 8.96 -39.36
N ILE B 262 -11.34 8.32 -40.17
CA ILE B 262 -11.12 6.95 -40.61
C ILE B 262 -10.13 6.92 -41.77
N ARG B 263 -9.24 5.94 -41.76
CA ARG B 263 -8.32 5.67 -42.85
C ARG B 263 -8.53 4.28 -43.43
N PHE B 264 -8.62 3.26 -42.59
CA PHE B 264 -8.78 1.89 -43.04
C PHE B 264 -10.21 1.44 -42.76
N LEU B 265 -10.57 0.27 -43.29
CA LEU B 265 -11.92 -0.24 -43.08
C LEU B 265 -11.96 -1.74 -43.37
N PHE B 266 -12.44 -2.50 -42.39
CA PHE B 266 -12.62 -3.94 -42.51
C PHE B 266 -14.11 -4.29 -42.61
N VAL B 267 -14.42 -5.27 -43.46
CA VAL B 267 -15.76 -5.83 -43.57
C VAL B 267 -15.63 -7.35 -43.54
N LEU B 268 -16.29 -7.99 -42.58
CA LEU B 268 -16.25 -9.44 -42.40
C LEU B 268 -17.67 -9.98 -42.42
N LEU B 269 -17.98 -10.81 -43.42
CA LEU B 269 -19.31 -11.36 -43.57
C LEU B 269 -19.20 -12.84 -43.93
N GLY B 270 -20.27 -13.59 -43.65
CA GLY B 270 -20.30 -14.99 -44.01
C GLY B 270 -21.46 -15.74 -43.40
N PRO B 271 -21.58 -17.03 -43.72
CA PRO B 271 -22.66 -17.83 -43.16
C PRO B 271 -22.25 -18.50 -41.86
N GLU B 272 -23.14 -19.28 -41.27
CA GLU B 272 -22.82 -20.03 -40.06
C GLU B 272 -21.96 -21.23 -40.44
N ALA B 273 -20.81 -21.36 -39.79
CA ALA B 273 -19.89 -22.46 -40.09
C ALA B 273 -19.25 -22.97 -38.81
N PRO B 274 -18.87 -24.24 -38.76
CA PRO B 274 -18.21 -24.76 -37.56
C PRO B 274 -16.81 -24.21 -37.41
N HIS B 275 -16.40 -24.02 -36.15
CA HIS B 275 -15.08 -23.51 -35.80
C HIS B 275 -14.87 -22.10 -36.32
N ILE B 276 -15.96 -21.34 -36.45
CA ILE B 276 -15.93 -19.95 -36.88
C ILE B 276 -16.82 -19.16 -35.94
N ASP B 277 -16.21 -18.30 -35.12
CA ASP B 277 -16.94 -17.35 -34.30
C ASP B 277 -16.57 -15.95 -34.76
N TYR B 278 -17.55 -15.22 -35.31
CA TYR B 278 -17.24 -13.99 -36.02
C TYR B 278 -16.79 -12.88 -35.07
N THR B 279 -17.24 -12.91 -33.81
CA THR B 279 -16.75 -11.94 -32.84
C THR B 279 -15.27 -12.13 -32.60
N GLN B 280 -14.83 -13.39 -32.56
CA GLN B 280 -13.41 -13.67 -32.36
C GLN B 280 -12.61 -13.33 -33.61
N LEU B 281 -13.22 -13.49 -34.79
CA LEU B 281 -12.56 -13.05 -36.02
C LEU B 281 -12.38 -11.54 -36.03
N GLY B 282 -13.40 -10.80 -35.58
CA GLY B 282 -13.26 -9.35 -35.47
C GLY B 282 -12.20 -8.95 -34.47
N ARG B 283 -12.13 -9.66 -33.33
CA ARG B 283 -11.11 -9.36 -32.35
C ARG B 283 -9.72 -9.66 -32.90
N ALA B 284 -9.59 -10.74 -33.68
CA ALA B 284 -8.31 -11.05 -34.31
C ALA B 284 -7.90 -9.96 -35.30
N ALA B 285 -8.85 -9.49 -36.11
CA ALA B 285 -8.53 -8.43 -37.06
C ALA B 285 -8.12 -7.15 -36.33
N ALA B 286 -8.85 -6.79 -35.27
CA ALA B 286 -8.51 -5.58 -34.52
C ALA B 286 -7.17 -5.72 -33.81
N THR B 287 -6.82 -6.93 -33.39
CA THR B 287 -5.51 -7.13 -32.75
C THR B 287 -4.39 -7.07 -33.78
N LEU B 288 -4.68 -7.53 -35.00
CA LEU B 288 -3.75 -7.27 -36.10
C LEU B 288 -3.56 -5.78 -36.26
N MET B 289 -4.66 -5.04 -36.35
CA MET B 289 -4.63 -3.62 -36.63
C MET B 289 -4.09 -2.81 -35.46
N SER B 290 -3.86 -3.43 -34.30
CA SER B 290 -3.37 -2.71 -33.13
C SER B 290 -1.87 -2.83 -32.93
N GLU B 291 -1.20 -3.73 -33.66
CA GLU B 291 0.24 -3.86 -33.53
C GLU B 291 0.94 -2.82 -34.39
N ARG B 292 2.13 -2.39 -33.95
CA ARG B 292 2.83 -1.30 -34.63
C ARG B 292 3.32 -1.74 -36.00
N VAL B 293 3.97 -2.91 -36.06
CA VAL B 293 4.62 -3.34 -37.29
C VAL B 293 3.59 -3.64 -38.37
N PHE B 294 2.48 -4.29 -38.00
CA PHE B 294 1.49 -4.64 -39.00
C PHE B 294 0.83 -3.39 -39.55
N ARG B 295 0.59 -2.38 -38.72
CA ARG B 295 -0.04 -1.17 -39.23
C ARG B 295 0.93 -0.31 -40.03
N ILE B 296 2.23 -0.37 -39.70
CA ILE B 296 3.25 0.22 -40.56
C ILE B 296 3.22 -0.44 -41.94
N ASP B 297 3.27 -1.78 -41.96
CA ASP B 297 3.26 -2.50 -43.22
C ASP B 297 1.95 -2.31 -43.97
N ALA B 298 0.88 -1.96 -43.25
CA ALA B 298 -0.40 -1.67 -43.89
C ALA B 298 -0.40 -0.27 -44.49
N TYR B 299 0.31 0.67 -43.85
CA TYR B 299 0.51 1.98 -44.46
C TYR B 299 1.33 1.90 -45.73
N MET B 300 2.38 1.08 -45.75
CA MET B 300 3.22 1.12 -46.95
C MET B 300 2.72 0.20 -48.06
N ALA B 301 1.97 -0.84 -47.74
CA ALA B 301 1.66 -1.87 -48.74
C ALA B 301 0.85 -1.29 -49.89
N GLN B 302 0.96 -1.94 -51.04
CA GLN B 302 0.18 -1.57 -52.23
C GLN B 302 -0.63 -2.71 -52.82
N SER B 303 -0.39 -3.96 -52.42
CA SER B 303 -1.14 -5.10 -52.94
C SER B 303 -1.50 -6.02 -51.78
N ARG B 304 -1.99 -7.22 -52.14
CA ARG B 304 -2.37 -8.22 -51.15
C ARG B 304 -1.21 -9.11 -50.75
N GLY B 305 -0.25 -9.35 -51.64
CA GLY B 305 0.87 -10.22 -51.30
C GLY B 305 1.68 -9.67 -50.15
N GLU B 306 1.80 -8.35 -50.07
CA GLU B 306 2.53 -7.73 -48.96
C GLU B 306 1.79 -7.93 -47.66
N LEU B 307 0.46 -7.82 -47.69
CA LEU B 307 -0.34 -8.09 -46.51
C LEU B 307 -0.22 -9.55 -46.09
N LEU B 308 -0.17 -10.46 -47.06
CA LEU B 308 0.03 -11.87 -46.74
C LEU B 308 1.38 -12.10 -46.08
N HIS B 309 2.43 -11.46 -46.59
CA HIS B 309 3.75 -11.59 -45.99
C HIS B 309 3.76 -11.05 -44.56
N SER B 310 3.09 -9.91 -44.36
CA SER B 310 3.00 -9.34 -43.01
C SER B 310 2.21 -10.26 -42.09
N LEU B 311 1.18 -10.91 -42.62
CA LEU B 311 0.41 -11.85 -41.80
C LEU B 311 1.24 -13.07 -41.43
N GLU B 312 2.07 -13.56 -42.36
CA GLU B 312 2.97 -14.66 -42.02
C GLU B 312 3.97 -14.23 -40.95
N GLY B 313 4.52 -13.03 -41.07
CA GLY B 313 5.39 -12.52 -40.02
C GLY B 313 4.68 -12.38 -38.68
N PHE B 314 3.41 -11.97 -38.71
CA PHE B 314 2.61 -11.86 -37.50
C PHE B 314 2.38 -13.22 -36.86
N LEU B 315 2.09 -14.24 -37.66
CA LEU B 315 1.86 -15.57 -37.12
C LEU B 315 3.15 -16.23 -36.68
N ASP B 316 4.29 -15.79 -37.21
CA ASP B 316 5.57 -16.38 -36.82
C ASP B 316 5.93 -16.01 -35.39
N CYS B 317 5.51 -14.83 -34.93
CA CYS B 317 5.91 -14.28 -33.64
C CYS B 317 4.78 -14.36 -32.62
N SER B 318 3.96 -15.39 -32.70
CA SER B 318 2.94 -15.67 -31.70
C SER B 318 3.24 -17.00 -31.03
N LEU B 319 2.87 -17.11 -29.75
CA LEU B 319 3.14 -18.30 -28.97
C LEU B 319 1.87 -18.77 -28.30
N VAL B 320 1.69 -20.09 -28.27
CA VAL B 320 0.50 -20.72 -27.72
C VAL B 320 0.81 -21.19 -26.30
N LEU B 321 -0.18 -21.12 -25.42
CA LEU B 321 -0.06 -21.58 -24.04
C LEU B 321 -1.10 -22.67 -23.85
N PRO B 322 -0.71 -23.95 -23.85
CA PRO B 322 -1.70 -25.02 -23.77
C PRO B 322 -2.38 -25.07 -22.42
N PRO B 323 -3.40 -25.93 -22.25
CA PRO B 323 -4.02 -26.06 -20.93
C PRO B 323 -3.08 -26.77 -19.96
N THR B 324 -2.49 -26.01 -19.03
CA THR B 324 -1.58 -26.56 -18.04
C THR B 324 -2.25 -26.54 -16.68
N ASP B 325 -1.97 -27.57 -15.88
CA ASP B 325 -2.61 -27.71 -14.58
C ASP B 325 -1.88 -26.94 -13.50
N ALA B 326 -0.81 -26.22 -13.86
CA ALA B 326 -0.05 -25.43 -12.92
C ALA B 326 -0.91 -24.26 -12.42
N PRO B 327 -0.50 -23.60 -11.33
CA PRO B 327 -1.22 -22.38 -10.93
C PRO B 327 -1.19 -21.33 -12.02
N SER B 328 -2.20 -20.45 -11.98
CA SER B 328 -2.42 -19.50 -13.06
C SER B 328 -1.27 -18.51 -13.19
N GLU B 329 -0.92 -17.84 -12.08
CA GLU B 329 0.06 -16.77 -12.15
C GLU B 329 1.43 -17.28 -12.62
N GLN B 330 1.83 -18.45 -12.13
CA GLN B 330 3.12 -19.01 -12.56
C GLN B 330 3.11 -19.35 -14.05
N ALA B 331 2.04 -20.02 -14.50
CA ALA B 331 1.96 -20.41 -15.91
C ALA B 331 1.89 -19.19 -16.82
N LEU B 332 1.29 -18.11 -16.35
CA LEU B 332 1.17 -16.90 -17.17
C LEU B 332 2.40 -16.02 -17.08
N LEU B 333 3.16 -16.11 -16.00
CA LEU B 333 4.38 -15.32 -15.85
C LEU B 333 5.60 -16.02 -16.43
N SER B 334 5.50 -17.32 -16.70
CA SER B 334 6.61 -18.01 -17.36
C SER B 334 6.77 -17.57 -18.80
N LEU B 335 5.82 -16.78 -19.33
CA LEU B 335 5.77 -16.42 -20.73
C LEU B 335 6.55 -15.15 -21.04
N VAL B 336 7.01 -14.42 -20.01
CA VAL B 336 7.61 -13.11 -20.25
C VAL B 336 8.91 -13.22 -21.04
N PRO B 337 9.87 -14.08 -20.66
CA PRO B 337 11.11 -14.14 -21.46
C PRO B 337 10.88 -14.66 -22.86
N VAL B 338 10.04 -15.69 -23.01
CA VAL B 338 9.75 -16.24 -24.34
C VAL B 338 9.10 -15.19 -25.23
N GLN B 339 8.11 -14.46 -24.70
CA GLN B 339 7.46 -13.43 -25.50
C GLN B 339 8.39 -12.28 -25.82
N ARG B 340 9.26 -11.91 -24.87
CA ARG B 340 10.27 -10.89 -25.13
C ARG B 340 11.19 -11.32 -26.26
N GLU B 341 11.63 -12.58 -26.24
CA GLU B 341 12.50 -13.11 -27.28
C GLU B 341 11.79 -13.13 -28.63
N LEU B 342 10.54 -13.58 -28.66
CA LEU B 342 9.79 -13.60 -29.92
C LEU B 342 9.66 -12.19 -30.48
N LEU B 343 9.31 -11.22 -29.63
CA LEU B 343 9.15 -9.85 -30.12
C LEU B 343 10.49 -9.29 -30.60
N ARG B 344 11.57 -9.57 -29.88
CA ARG B 344 12.91 -9.18 -30.34
C ARG B 344 13.26 -9.82 -31.67
N ARG B 345 12.76 -11.04 -31.91
CA ARG B 345 12.95 -11.67 -33.22
C ARG B 345 12.06 -11.04 -34.28
N ARG B 346 10.98 -10.39 -33.87
CA ARG B 346 10.07 -9.78 -34.83
C ARG B 346 10.62 -8.44 -35.31
N TYR B 347 11.09 -7.61 -34.39
CA TYR B 347 11.61 -6.28 -34.67
C TYR B 347 13.05 -6.31 -35.19
N GLN B 348 13.56 -7.48 -35.55
CA GLN B 348 14.93 -7.58 -36.04
C GLN B 348 15.00 -7.18 -37.51
N ASP B 369 30.80 22.84 -17.50
CA ASP B 369 31.46 23.85 -16.68
C ASP B 369 31.42 23.45 -15.20
N ASP B 370 32.15 24.19 -14.38
CA ASP B 370 32.22 23.95 -12.95
C ASP B 370 31.99 25.25 -12.18
N PRO B 371 31.13 25.24 -11.16
CA PRO B 371 30.96 26.46 -10.36
C PRO B 371 32.24 26.86 -9.64
N LEU B 372 33.04 25.89 -9.25
CA LEU B 372 34.35 26.12 -8.64
C LEU B 372 35.40 25.55 -9.56
N GLN B 373 36.41 26.35 -9.90
CA GLN B 373 37.44 25.94 -10.84
C GLN B 373 38.54 26.98 -10.85
N GLN B 374 39.77 26.52 -11.09
CA GLN B 374 40.93 27.40 -11.14
C GLN B 374 41.06 27.97 -12.56
N THR B 375 41.00 29.28 -12.66
CA THR B 375 41.06 29.98 -13.94
C THR B 375 42.32 30.84 -14.00
N GLY B 376 42.88 30.97 -15.20
CA GLY B 376 44.13 31.68 -15.32
C GLY B 376 44.02 33.19 -15.28
N GLN B 377 42.89 33.72 -14.85
CA GLN B 377 42.64 35.14 -14.82
C GLN B 377 42.41 35.61 -13.38
N LEU B 378 42.72 36.88 -13.14
CA LEU B 378 42.39 37.51 -11.87
C LEU B 378 40.87 37.69 -11.80
N PHE B 379 40.31 37.37 -10.64
CA PHE B 379 38.88 37.57 -10.36
C PHE B 379 37.99 36.73 -11.28
N GLY B 380 38.51 35.64 -11.82
CA GLY B 380 37.78 34.88 -12.81
C GLY B 380 36.47 34.34 -12.25
N GLY B 381 36.50 33.86 -11.00
CA GLY B 381 35.34 33.21 -10.43
C GLY B 381 34.15 34.14 -10.34
N LEU B 382 34.41 35.41 -9.98
CA LEU B 382 33.34 36.38 -9.81
C LEU B 382 32.60 36.60 -11.14
N VAL B 383 33.36 36.86 -12.20
CA VAL B 383 32.76 37.06 -13.52
C VAL B 383 32.06 35.80 -13.99
N ARG B 384 32.66 34.64 -13.76
CA ARG B 384 32.04 33.39 -14.17
C ARG B 384 30.68 33.22 -13.51
N ASP B 385 30.62 33.47 -12.20
CA ASP B 385 29.38 33.31 -11.47
C ASP B 385 28.35 34.33 -11.92
N ILE B 386 28.79 35.56 -12.19
CA ILE B 386 27.86 36.59 -12.66
C ILE B 386 27.25 36.17 -13.99
N ARG B 387 28.08 35.77 -14.96
CA ARG B 387 27.56 35.35 -16.26
C ARG B 387 26.69 34.12 -16.12
N ARG B 388 26.97 33.25 -15.14
CA ARG B 388 26.17 32.05 -14.98
C ARG B 388 24.80 32.37 -14.39
N ARG B 389 24.75 33.29 -13.42
CA ARG B 389 23.50 33.47 -12.69
C ARG B 389 22.61 34.58 -13.26
N TYR B 390 23.17 35.75 -13.55
CA TYR B 390 22.32 36.89 -13.83
C TYR B 390 21.41 36.75 -15.06
N PRO B 391 21.72 35.94 -16.08
CA PRO B 391 20.74 35.73 -17.15
C PRO B 391 19.44 35.11 -16.69
N TYR B 392 19.35 34.63 -15.45
CA TYR B 392 18.14 34.00 -14.94
C TYR B 392 17.29 34.92 -14.09
N TYR B 393 17.47 36.24 -14.21
CA TYR B 393 16.88 37.17 -13.25
C TYR B 393 15.38 37.26 -13.45
N LEU B 394 14.94 37.32 -14.70
CA LEU B 394 13.50 37.41 -14.97
C LEU B 394 12.79 36.14 -14.51
N SER B 395 13.42 34.98 -14.70
CA SER B 395 12.83 33.73 -14.20
C SER B 395 12.79 33.72 -12.68
N ASP B 396 13.84 34.26 -12.04
CA ASP B 396 13.82 34.35 -10.58
C ASP B 396 12.71 35.26 -10.08
N ILE B 397 12.41 36.31 -10.84
CA ILE B 397 11.30 37.19 -10.47
C ILE B 397 9.97 36.49 -10.70
N THR B 398 9.83 35.79 -11.82
CA THR B 398 8.53 35.27 -12.23
C THR B 398 8.11 34.02 -11.45
N ASP B 399 9.07 33.17 -11.07
CA ASP B 399 8.72 31.90 -10.44
C ASP B 399 8.05 32.05 -9.08
N ALA B 400 7.86 33.26 -8.58
CA ALA B 400 7.35 33.51 -7.24
C ALA B 400 5.83 33.65 -7.17
N PHE B 401 5.09 33.32 -8.22
CA PHE B 401 3.66 33.61 -8.23
C PHE B 401 2.81 32.50 -7.63
N SER B 402 3.41 31.43 -7.12
CA SER B 402 2.65 30.40 -6.44
C SER B 402 2.32 30.79 -5.00
N PRO B 403 1.28 30.19 -4.40
CA PRO B 403 0.98 30.49 -2.99
C PRO B 403 1.94 29.79 -2.05
N GLN B 404 2.57 28.70 -2.50
CA GLN B 404 3.57 28.01 -1.70
C GLN B 404 4.69 28.95 -1.31
N VAL B 405 5.02 29.91 -2.18
CA VAL B 405 6.01 30.91 -1.83
C VAL B 405 5.55 31.74 -0.64
N LEU B 406 4.26 32.08 -0.61
CA LEU B 406 3.73 32.83 0.51
C LEU B 406 3.79 32.02 1.80
N ALA B 407 3.43 30.74 1.71
CA ALA B 407 3.52 29.88 2.89
C ALA B 407 4.95 29.76 3.39
N ALA B 408 5.90 29.57 2.46
CA ALA B 408 7.31 29.48 2.85
C ALA B 408 7.78 30.77 3.50
N VAL B 409 7.31 31.91 2.99
CA VAL B 409 7.65 33.20 3.60
C VAL B 409 7.15 33.24 5.03
N ILE B 410 5.88 32.87 5.23
CA ILE B 410 5.29 32.95 6.56
C ILE B 410 6.02 32.01 7.53
N PHE B 411 6.44 30.85 7.03
CA PHE B 411 7.17 29.89 7.87
C PHE B 411 8.54 30.43 8.23
N ILE B 412 9.35 30.77 7.23
CA ILE B 412 10.72 31.17 7.48
C ILE B 412 10.78 32.49 8.24
N TYR B 413 9.72 33.31 8.16
CA TYR B 413 9.71 34.54 8.93
C TYR B 413 9.84 34.26 10.41
N PHE B 414 8.96 33.41 10.94
CA PHE B 414 9.05 33.03 12.34
C PHE B 414 10.31 32.23 12.62
N ALA B 415 10.66 31.30 11.72
CA ALA B 415 11.84 30.47 11.93
C ALA B 415 13.11 31.31 12.07
N ALA B 416 13.16 32.47 11.43
CA ALA B 416 14.32 33.33 11.51
C ALA B 416 14.16 34.43 12.55
N LEU B 417 12.92 34.81 12.88
CA LEU B 417 12.70 35.86 13.86
C LEU B 417 12.94 35.38 15.27
N SER B 418 12.49 34.17 15.60
CA SER B 418 12.59 33.73 17.00
C SER B 418 14.04 33.64 17.46
N PRO B 419 14.95 32.94 16.77
CA PRO B 419 16.32 32.88 17.25
C PRO B 419 16.98 34.25 17.23
N ALA B 420 16.55 35.11 16.30
CA ALA B 420 17.05 36.47 16.27
C ALA B 420 16.73 37.19 17.57
N ILE B 421 15.48 37.09 18.02
CA ILE B 421 15.07 37.74 19.26
C ILE B 421 15.82 37.14 20.45
N THR B 422 15.93 35.80 20.48
CA THR B 422 16.60 35.15 21.59
C THR B 422 18.05 35.61 21.70
N PHE B 423 18.79 35.52 20.59
CA PHE B 423 20.19 35.93 20.59
C PHE B 423 20.31 37.42 20.88
N GLY B 424 19.34 38.22 20.43
CA GLY B 424 19.37 39.64 20.74
C GLY B 424 19.27 39.90 22.23
N GLY B 425 18.34 39.22 22.89
CA GLY B 425 18.23 39.36 24.34
C GLY B 425 19.49 38.93 25.06
N LEU B 426 20.07 37.80 24.64
CA LEU B 426 21.29 37.33 25.30
C LEU B 426 22.45 38.30 25.08
N LEU B 427 22.60 38.82 23.86
CA LEU B 427 23.68 39.76 23.60
C LEU B 427 23.46 41.07 24.32
N GLY B 428 22.21 41.49 24.48
CA GLY B 428 21.94 42.72 25.21
C GLY B 428 22.25 42.59 26.69
N GLU B 429 21.88 41.44 27.28
CA GLU B 429 22.18 41.20 28.67
C GLU B 429 23.65 40.84 28.91
N LYS B 430 24.38 40.48 27.87
CA LYS B 430 25.78 40.08 28.01
C LYS B 430 26.75 41.26 27.95
N THR B 431 26.49 42.23 27.08
CA THR B 431 27.42 43.34 26.85
C THR B 431 26.93 44.65 27.46
N ARG B 432 26.13 44.58 28.52
CA ARG B 432 25.60 45.78 29.17
C ARG B 432 24.86 46.65 28.15
N ASN B 433 24.10 45.99 27.28
CA ASN B 433 23.19 46.62 26.33
C ASN B 433 23.94 47.49 25.32
N GLN B 434 25.22 47.19 25.09
CA GLN B 434 25.93 47.80 23.97
C GLN B 434 25.35 47.36 22.65
N MET B 435 24.99 46.08 22.55
CA MET B 435 24.32 45.55 21.38
C MET B 435 23.10 44.79 21.86
N GLY B 436 21.97 44.99 21.18
CA GLY B 436 20.72 44.44 21.67
C GLY B 436 19.91 43.77 20.58
N VAL B 437 18.59 43.91 20.69
CA VAL B 437 17.66 43.26 19.78
C VAL B 437 17.45 44.12 18.53
N SER B 438 17.32 45.43 18.71
CA SER B 438 17.01 46.31 17.58
C SER B 438 18.14 46.33 16.57
N GLU B 439 19.39 46.38 17.05
CA GLU B 439 20.52 46.35 16.14
C GLU B 439 20.53 45.05 15.34
N LEU B 440 20.30 43.92 16.00
CA LEU B 440 20.28 42.64 15.31
C LEU B 440 19.16 42.59 14.29
N LEU B 441 17.98 43.12 14.64
CA LEU B 441 16.85 43.11 13.71
C LEU B 441 17.16 43.96 12.48
N ILE B 442 17.70 45.16 12.70
CA ILE B 442 18.01 46.05 11.58
C ILE B 442 19.05 45.41 10.68
N SER B 443 20.08 44.81 11.29
CA SER B 443 21.12 44.16 10.51
C SER B 443 20.56 43.00 9.71
N THR B 444 19.71 42.18 10.34
CA THR B 444 19.09 41.07 9.61
C THR B 444 18.28 41.59 8.44
N ALA B 445 17.50 42.65 8.64
CA ALA B 445 16.69 43.20 7.58
C ALA B 445 17.55 43.66 6.42
N VAL B 446 18.59 44.45 6.71
CA VAL B 446 19.42 45.02 5.65
C VAL B 446 20.18 43.92 4.91
N GLN B 447 20.76 42.99 5.66
CA GLN B 447 21.50 41.91 5.04
C GLN B 447 20.60 40.89 4.35
N GLY B 448 19.29 40.93 4.61
CA GLY B 448 18.39 40.11 3.83
C GLY B 448 17.98 40.79 2.54
N ILE B 449 17.65 42.09 2.62
CA ILE B 449 17.25 42.82 1.42
C ILE B 449 18.39 42.84 0.41
N LEU B 450 19.59 43.23 0.85
CA LEU B 450 20.70 43.34 -0.09
C LEU B 450 21.07 41.99 -0.67
N PHE B 451 21.04 40.94 0.14
CA PHE B 451 21.39 39.60 -0.36
C PHE B 451 20.34 39.08 -1.31
N ALA B 452 19.08 39.39 -1.08
CA ALA B 452 18.04 38.95 -2.00
C ALA B 452 18.08 39.74 -3.30
N LEU B 453 18.53 41.00 -3.26
CA LEU B 453 18.59 41.77 -4.48
C LEU B 453 19.81 41.42 -5.32
N LEU B 454 20.96 41.23 -4.69
CA LEU B 454 22.21 41.04 -5.42
C LEU B 454 22.80 39.65 -5.27
N GLY B 455 22.06 38.68 -4.73
CA GLY B 455 22.63 37.39 -4.45
C GLY B 455 22.52 36.42 -5.61
N ALA B 456 23.35 35.38 -5.58
CA ALA B 456 23.29 34.35 -6.61
C ALA B 456 22.37 33.21 -6.23
N GLN B 457 22.34 32.83 -4.96
CA GLN B 457 21.43 31.79 -4.47
C GLN B 457 20.50 32.45 -3.46
N PRO B 458 19.30 32.84 -3.85
CA PRO B 458 18.42 33.59 -2.95
C PRO B 458 17.65 32.72 -1.98
N LEU B 459 18.06 31.46 -1.81
CA LEU B 459 17.42 30.59 -0.83
C LEU B 459 18.17 30.52 0.50
N LEU B 460 19.28 31.23 0.66
CA LEU B 460 19.98 31.26 1.94
C LEU B 460 19.34 32.26 2.88
N VAL B 461 19.46 31.97 4.18
CA VAL B 461 18.92 32.83 5.23
C VAL B 461 20.09 33.23 6.10
N VAL B 462 20.44 34.50 6.09
CA VAL B 462 21.56 35.02 6.85
C VAL B 462 21.10 35.37 8.25
N GLY B 463 21.96 35.16 9.24
CA GLY B 463 21.59 35.48 10.60
C GLY B 463 22.71 35.12 11.57
N PHE B 464 22.51 35.56 12.81
CA PHE B 464 23.47 35.31 13.86
C PHE B 464 23.41 33.86 14.31
N SER B 465 24.54 33.35 14.79
CA SER B 465 24.68 31.96 15.18
C SER B 465 25.09 31.88 16.64
N GLY B 466 25.42 30.67 17.09
CA GLY B 466 25.87 30.46 18.45
C GLY B 466 27.36 30.65 18.61
N PRO B 467 28.18 29.98 17.79
CA PRO B 467 29.62 30.21 17.88
C PRO B 467 30.00 31.67 17.70
N LEU B 468 29.26 32.41 16.88
CA LEU B 468 29.48 33.84 16.77
C LEU B 468 29.20 34.55 18.09
N LEU B 469 28.16 34.11 18.79
CA LEU B 469 27.87 34.67 20.11
C LEU B 469 29.00 34.37 21.09
N VAL B 470 29.55 33.15 21.01
CA VAL B 470 30.67 32.79 21.86
C VAL B 470 31.87 33.70 21.58
N PHE B 471 32.14 33.95 20.30
CA PHE B 471 33.26 34.81 19.96
C PHE B 471 33.02 36.23 20.44
N GLU B 472 31.78 36.72 20.32
CA GLU B 472 31.47 38.05 20.83
C GLU B 472 31.69 38.11 22.34
N GLU B 473 31.28 37.06 23.04
CA GLU B 473 31.53 36.97 24.48
C GLU B 473 33.01 37.08 24.78
N ALA B 474 33.82 36.26 24.09
CA ALA B 474 35.26 36.25 24.35
C ALA B 474 35.89 37.60 24.06
N PHE B 475 35.51 38.23 22.94
CA PHE B 475 36.11 39.51 22.57
C PHE B 475 35.70 40.61 23.53
N PHE B 476 34.45 40.58 23.98
CA PHE B 476 34.01 41.56 24.96
C PHE B 476 34.75 41.37 26.28
N SER B 477 34.94 40.12 26.70
CA SER B 477 35.70 39.85 27.92
C SER B 477 37.13 40.34 27.79
N PHE B 478 37.74 40.12 26.62
CA PHE B 478 39.11 40.55 26.38
C PHE B 478 39.24 42.06 26.44
N CYS B 479 38.29 42.78 25.82
CA CYS B 479 38.37 44.23 25.84
C CYS B 479 38.04 44.78 27.22
N GLU B 480 37.19 44.10 27.98
CA GLU B 480 36.95 44.49 29.38
C GLU B 480 38.20 44.30 30.22
N THR B 481 38.92 43.21 30.01
CA THR B 481 40.10 42.95 30.84
C THR B 481 41.22 43.93 30.53
N ASN B 482 41.53 44.11 29.24
CA ASN B 482 42.67 44.93 28.91
C ASN B 482 42.39 46.43 29.07
N GLY B 483 41.13 46.81 29.14
CA GLY B 483 40.75 48.19 29.39
C GLY B 483 40.45 49.01 28.16
N LEU B 484 40.23 48.38 27.01
CA LEU B 484 39.87 49.08 25.79
C LEU B 484 38.36 49.06 25.59
N GLU B 485 37.90 49.84 24.62
CA GLU B 485 36.49 49.78 24.25
C GLU B 485 36.21 48.50 23.47
N TYR B 486 34.94 48.26 23.19
CA TYR B 486 34.52 47.04 22.52
C TYR B 486 33.89 47.32 21.16
N ILE B 487 32.86 48.15 21.11
CA ILE B 487 32.19 48.45 19.85
C ILE B 487 33.10 49.16 18.85
N VAL B 488 34.22 49.71 19.31
CA VAL B 488 35.14 50.37 18.39
C VAL B 488 36.05 49.36 17.71
N GLY B 489 36.58 48.40 18.48
CA GLY B 489 37.48 47.40 17.90
C GLY B 489 36.81 46.56 16.83
N ARG B 490 35.50 46.34 16.94
CA ARG B 490 34.79 45.57 15.93
C ARG B 490 34.85 46.26 14.58
N VAL B 491 34.98 47.59 14.56
CA VAL B 491 35.09 48.31 13.29
C VAL B 491 36.39 47.95 12.58
N TRP B 492 37.49 47.94 13.33
CA TRP B 492 38.78 47.57 12.73
C TRP B 492 38.80 46.10 12.34
N ILE B 493 38.14 45.26 13.14
CA ILE B 493 37.99 43.85 12.76
C ILE B 493 37.26 43.75 11.43
N GLY B 494 36.20 44.55 11.26
CA GLY B 494 35.48 44.54 10.00
C GLY B 494 36.32 45.01 8.84
N PHE B 495 37.14 46.03 9.07
CA PHE B 495 38.05 46.52 8.05
C PHE B 495 39.02 45.42 7.61
N TRP B 496 39.60 44.72 8.59
CA TRP B 496 40.51 43.62 8.26
C TRP B 496 39.76 42.51 7.53
N LEU B 497 38.51 42.28 7.89
CA LEU B 497 37.69 41.30 7.16
C LEU B 497 37.52 41.72 5.71
N ILE B 498 37.22 43.00 5.49
CA ILE B 498 37.05 43.50 4.13
C ILE B 498 38.31 43.28 3.31
N LEU B 499 39.46 43.67 3.85
CA LEU B 499 40.71 43.50 3.10
C LEU B 499 40.95 42.02 2.81
N LEU B 500 40.73 41.15 3.80
CA LEU B 500 41.01 39.73 3.60
C LEU B 500 40.07 39.13 2.57
N VAL B 501 38.79 39.49 2.60
CA VAL B 501 37.84 38.91 1.65
C VAL B 501 38.13 39.43 0.25
N VAL B 502 38.57 40.68 0.12
CA VAL B 502 38.96 41.17 -1.20
C VAL B 502 40.15 40.37 -1.71
N LEU B 503 41.14 40.13 -0.84
CA LEU B 503 42.31 39.35 -1.25
C LEU B 503 41.92 37.93 -1.64
N VAL B 504 41.00 37.32 -0.90
CA VAL B 504 40.62 35.93 -1.18
C VAL B 504 39.82 35.84 -2.48
N VAL B 505 38.86 36.75 -2.66
CA VAL B 505 38.05 36.73 -3.88
C VAL B 505 38.91 37.04 -5.09
N ALA B 506 39.95 37.86 -4.92
CA ALA B 506 40.85 38.18 -6.02
C ALA B 506 41.52 36.94 -6.57
N PHE B 507 41.94 36.03 -5.70
CA PHE B 507 42.61 34.80 -6.12
C PHE B 507 41.68 33.60 -6.16
N GLU B 508 40.36 33.83 -6.29
CA GLU B 508 39.36 32.77 -6.48
C GLU B 508 39.62 31.57 -5.57
N GLY B 509 40.01 31.82 -4.33
CA GLY B 509 40.39 30.76 -3.43
C GLY B 509 39.23 29.98 -2.84
N SER B 510 38.11 29.95 -3.54
CA SER B 510 36.96 29.17 -3.11
C SER B 510 36.96 27.78 -3.73
N PHE B 511 37.85 27.51 -4.70
CA PHE B 511 37.93 26.19 -5.31
C PHE B 511 38.28 25.12 -4.28
N LEU B 512 38.80 25.51 -3.11
CA LEU B 512 39.07 24.55 -2.06
C LEU B 512 37.81 23.82 -1.60
N VAL B 513 36.63 24.36 -1.94
CA VAL B 513 35.38 23.69 -1.62
C VAL B 513 35.32 22.33 -2.30
N ARG B 514 36.14 22.11 -3.33
CA ARG B 514 36.13 20.82 -4.01
C ARG B 514 36.60 19.72 -3.06
N PHE B 515 37.51 20.04 -2.15
CA PHE B 515 38.10 19.02 -1.30
C PHE B 515 37.14 18.57 -0.20
N ILE B 516 36.16 19.41 0.15
CA ILE B 516 35.18 19.06 1.16
C ILE B 516 34.25 17.99 0.58
N SER B 517 34.33 16.77 1.13
CA SER B 517 33.57 15.67 0.59
C SER B 517 32.21 15.57 1.29
N ARG B 518 31.51 14.45 1.07
CA ARG B 518 30.22 14.25 1.71
C ARG B 518 30.37 14.02 3.21
N TYR B 519 31.53 13.48 3.61
CA TYR B 519 31.82 13.20 5.02
C TYR B 519 31.55 14.41 5.89
N THR B 520 32.26 15.50 5.62
CA THR B 520 32.15 16.68 6.47
C THR B 520 30.77 17.31 6.37
N GLN B 521 30.16 17.30 5.19
CA GLN B 521 28.83 17.87 5.06
C GLN B 521 27.84 17.13 5.96
N GLU B 522 27.89 15.79 5.93
CA GLU B 522 26.97 15.01 6.75
C GLU B 522 27.24 15.21 8.23
N ILE B 523 28.51 15.17 8.64
CA ILE B 523 28.82 15.39 10.05
C ILE B 523 28.30 16.75 10.52
N PHE B 524 28.56 17.79 9.72
CA PHE B 524 28.16 19.14 10.09
C PHE B 524 26.64 19.24 10.23
N SER B 525 25.91 18.75 9.24
CA SER B 525 24.46 18.85 9.27
C SER B 525 23.88 18.07 10.45
N PHE B 526 24.39 16.85 10.69
CA PHE B 526 23.88 16.05 11.80
C PHE B 526 24.11 16.77 13.12
N LEU B 527 25.32 17.30 13.32
CA LEU B 527 25.63 18.00 14.56
C LEU B 527 24.73 19.22 14.71
N ILE B 528 24.54 19.98 13.64
CA ILE B 528 23.74 21.19 13.73
C ILE B 528 22.30 20.86 14.13
N SER B 529 21.69 19.87 13.46
CA SER B 529 20.32 19.51 13.80
C SER B 529 20.23 18.99 15.23
N LEU B 530 21.21 18.19 15.65
CA LEU B 530 21.20 17.64 16.99
C LEU B 530 21.30 18.74 18.03
N ILE B 531 22.20 19.70 17.80
CA ILE B 531 22.34 20.83 18.72
C ILE B 531 21.06 21.65 18.75
N PHE B 532 20.41 21.81 17.60
CA PHE B 532 19.14 22.53 17.57
C PHE B 532 18.13 21.89 18.50
N ILE B 533 17.95 20.57 18.36
CA ILE B 533 16.99 19.85 19.20
C ILE B 533 17.40 19.96 20.67
N TYR B 534 18.71 19.84 20.94
CA TYR B 534 19.19 19.92 22.30
C TYR B 534 18.86 21.27 22.93
N GLU B 535 19.08 22.36 22.18
CA GLU B 535 18.78 23.68 22.71
C GLU B 535 17.29 23.84 22.96
N THR B 536 16.46 23.29 22.07
CA THR B 536 15.02 23.36 22.30
C THR B 536 14.63 22.67 23.60
N PHE B 537 15.10 21.43 23.78
CA PHE B 537 14.80 20.72 25.01
C PHE B 537 15.40 21.42 26.23
N SER B 538 16.56 22.06 26.07
CA SER B 538 17.14 22.81 27.18
C SER B 538 16.26 23.98 27.57
N LYS B 539 15.70 24.67 26.57
CA LYS B 539 14.76 25.75 26.86
C LYS B 539 13.56 25.24 27.62
N LEU B 540 13.02 24.09 27.18
CA LEU B 540 11.86 23.54 27.89
C LEU B 540 12.20 23.18 29.33
N ILE B 541 13.35 22.53 29.54
CA ILE B 541 13.75 22.17 30.90
C ILE B 541 14.00 23.41 31.74
N LYS B 542 14.51 24.48 31.13
CA LYS B 542 14.66 25.74 31.84
C LYS B 542 13.31 26.27 32.28
N ILE B 543 12.33 26.22 31.39
CA ILE B 543 10.98 26.66 31.74
C ILE B 543 10.45 25.85 32.92
N PHE B 544 10.68 24.54 32.91
CA PHE B 544 10.25 23.72 34.05
C PHE B 544 11.02 24.07 35.32
N GLN B 545 12.28 24.45 35.19
CA GLN B 545 13.06 24.80 36.37
C GLN B 545 12.62 26.13 36.95
N ASP B 546 12.09 27.03 36.11
CA ASP B 546 11.70 28.35 36.57
C ASP B 546 10.38 28.32 37.32
N HIS B 547 9.47 27.41 36.94
CA HIS B 547 8.15 27.31 37.56
C HIS B 547 7.92 25.87 37.98
N PRO B 548 8.46 25.46 39.12
CA PRO B 548 8.37 24.06 39.53
C PRO B 548 6.95 23.66 39.89
N LEU B 549 6.75 22.38 40.20
CA LEU B 549 5.45 21.85 40.59
C LEU B 549 5.38 21.80 42.11
N GLN B 550 4.64 22.73 42.69
CA GLN B 550 4.56 22.88 44.14
C GLN B 550 3.11 22.70 44.61
N LYS B 551 2.94 22.75 45.92
CA LYS B 551 1.62 22.59 46.53
C LYS B 551 0.91 23.92 46.73
N THR B 552 1.65 25.01 46.85
CA THR B 552 1.07 26.32 47.09
C THR B 552 1.91 27.39 46.40
N TYR B 553 1.25 28.44 45.95
CA TYR B 553 1.92 29.56 45.29
C TYR B 553 1.47 30.85 45.97
N ASN B 554 2.27 31.89 45.76
CA ASN B 554 1.90 33.25 46.17
C ASN B 554 1.18 33.99 45.05
N TYR B 555 0.18 34.79 45.44
CA TYR B 555 -0.67 35.48 44.47
C TYR B 555 -0.67 36.99 44.61
N ASN B 556 0.09 37.54 45.54
CA ASN B 556 0.45 38.96 45.46
C ASN B 556 1.86 39.06 44.87
N VAL B 557 1.93 38.56 43.64
CA VAL B 557 3.13 38.57 42.82
C VAL B 557 2.96 39.55 41.67
N LEU B 558 3.98 40.39 41.46
CA LEU B 558 3.96 41.38 40.39
C LEU B 558 4.67 40.77 39.19
N MET B 559 3.97 40.68 38.06
CA MET B 559 4.51 40.05 36.86
C MET B 559 4.78 41.06 35.75
N VAL B 560 5.02 42.32 36.10
CA VAL B 560 5.23 43.36 35.09
C VAL B 560 6.53 43.21 34.30
N PRO B 561 7.74 43.17 34.94
CA PRO B 561 8.97 42.94 34.17
C PRO B 561 9.22 41.53 33.67
N LYS B 562 8.94 40.54 34.50
CA LYS B 562 9.20 39.13 34.21
C LYS B 562 8.56 38.34 35.33
N PRO B 563 8.05 37.12 35.08
CA PRO B 563 7.46 36.36 36.18
C PRO B 563 8.45 36.07 37.29
N GLN B 564 8.20 36.65 38.47
CA GLN B 564 8.97 36.35 39.66
C GLN B 564 8.35 35.18 40.38
N GLY B 565 9.15 34.20 40.77
CA GLY B 565 8.63 33.05 41.47
C GLY B 565 7.82 32.14 40.58
N PRO B 566 7.47 30.96 41.10
CA PRO B 566 6.74 29.98 40.28
C PRO B 566 5.32 30.45 40.03
N LEU B 567 4.71 29.86 39.01
CA LEU B 567 3.32 30.12 38.67
C LEU B 567 2.59 28.80 38.50
N PRO B 568 1.27 28.78 38.71
CA PRO B 568 0.56 27.49 38.80
C PRO B 568 0.60 26.69 37.51
N ASN B 569 0.12 27.26 36.40
CA ASN B 569 -0.20 26.46 35.23
C ASN B 569 0.64 26.82 34.01
N THR B 570 1.77 27.50 34.20
CA THR B 570 2.51 27.93 33.01
C THR B 570 3.28 26.76 32.40
N ALA B 571 3.97 25.98 33.25
CA ALA B 571 4.88 24.96 32.72
C ALA B 571 4.14 23.91 31.91
N LEU B 572 2.95 23.52 32.39
CA LEU B 572 2.22 22.48 31.69
C LEU B 572 1.47 23.04 30.49
N LEU B 573 0.99 24.28 30.57
CA LEU B 573 0.34 24.83 29.40
C LEU B 573 1.35 25.01 28.28
N SER B 574 2.58 25.40 28.64
CA SER B 574 3.65 25.53 27.67
C SER B 574 3.97 24.18 27.03
N LEU B 575 4.08 23.14 27.86
CA LEU B 575 4.36 21.81 27.32
C LEU B 575 3.23 21.34 26.40
N VAL B 576 1.98 21.60 26.81
CA VAL B 576 0.83 21.20 26.01
C VAL B 576 0.87 21.90 24.66
N LEU B 577 1.12 23.22 24.67
CA LEU B 577 1.14 23.95 23.42
C LEU B 577 2.27 23.48 22.49
N MET B 578 3.47 23.27 23.05
CA MET B 578 4.57 22.80 22.22
C MET B 578 4.26 21.44 21.60
N ALA B 579 3.83 20.48 22.42
CA ALA B 579 3.51 19.16 21.91
C ALA B 579 2.38 19.19 20.91
N GLY B 580 1.36 20.02 21.15
CA GLY B 580 0.26 20.13 20.22
C GLY B 580 0.69 20.68 18.89
N THR B 581 1.51 21.73 18.90
CA THR B 581 2.00 22.30 17.65
C THR B 581 2.84 21.27 16.89
N PHE B 582 3.72 20.55 17.59
CA PHE B 582 4.52 19.54 16.93
C PHE B 582 3.64 18.45 16.32
N PHE B 583 2.65 17.99 17.08
CA PHE B 583 1.77 16.94 16.60
C PHE B 583 0.97 17.39 15.38
N PHE B 584 0.46 18.62 15.40
CA PHE B 584 -0.30 19.12 14.27
C PHE B 584 0.59 19.30 13.05
N ALA B 585 1.79 19.83 13.23
CA ALA B 585 2.72 19.96 12.11
C ALA B 585 3.02 18.61 11.48
N MET B 586 3.33 17.61 12.31
CA MET B 586 3.64 16.29 11.77
C MET B 586 2.43 15.68 11.07
N MET B 587 1.23 15.85 11.64
CA MET B 587 0.04 15.29 11.02
C MET B 587 -0.26 15.95 9.68
N LEU B 588 -0.10 17.27 9.60
CA LEU B 588 -0.33 17.94 8.33
C LEU B 588 0.74 17.58 7.31
N ARG B 589 1.99 17.43 7.75
CA ARG B 589 3.03 16.99 6.83
C ARG B 589 2.73 15.61 6.26
N LYS B 590 2.17 14.72 7.08
CA LYS B 590 1.82 13.41 6.56
C LYS B 590 0.56 13.44 5.71
N PHE B 591 -0.40 14.30 6.05
CA PHE B 591 -1.61 14.42 5.25
C PHE B 591 -1.32 15.01 3.87
N LYS B 592 -0.27 15.84 3.77
CA LYS B 592 0.10 16.42 2.49
C LYS B 592 0.41 15.34 1.47
N ASN B 593 1.05 14.26 1.91
CA ASN B 593 1.46 13.16 1.05
C ASN B 593 0.40 12.08 0.92
N SER B 594 -0.73 12.22 1.61
CA SER B 594 -1.76 11.20 1.58
C SER B 594 -2.55 11.29 0.29
N SER B 595 -3.64 10.55 0.20
CA SER B 595 -4.50 10.50 -0.99
C SER B 595 -5.96 10.68 -0.60
N TYR B 596 -6.25 11.67 0.25
CA TYR B 596 -7.57 11.79 0.83
C TYR B 596 -8.44 12.86 0.18
N PHE B 597 -7.84 13.91 -0.36
CA PHE B 597 -8.63 14.97 -0.97
C PHE B 597 -8.22 15.14 -2.44
N PRO B 598 -8.93 15.96 -3.22
CA PRO B 598 -8.43 16.28 -4.57
C PRO B 598 -7.04 16.87 -4.51
N GLY B 599 -6.21 16.51 -5.49
CA GLY B 599 -4.80 16.80 -5.42
C GLY B 599 -4.49 18.28 -5.25
N LYS B 600 -5.21 19.14 -5.97
CA LYS B 600 -4.93 20.57 -5.90
C LYS B 600 -5.17 21.12 -4.50
N LEU B 601 -6.39 20.95 -3.99
CA LEU B 601 -6.70 21.44 -2.64
C LEU B 601 -5.87 20.72 -1.59
N ARG B 602 -5.59 19.43 -1.80
CA ARG B 602 -4.78 18.69 -0.84
C ARG B 602 -3.38 19.28 -0.73
N ARG B 603 -2.75 19.55 -1.88
CA ARG B 603 -1.40 20.11 -1.87
C ARG B 603 -1.40 21.53 -1.34
N VAL B 604 -2.44 22.31 -1.65
CA VAL B 604 -2.53 23.67 -1.16
C VAL B 604 -2.63 23.68 0.37
N ILE B 605 -3.45 22.78 0.92
CA ILE B 605 -3.60 22.71 2.37
C ILE B 605 -2.33 22.16 3.01
N GLY B 606 -1.69 21.18 2.37
CA GLY B 606 -0.49 20.61 2.94
C GLY B 606 0.70 21.54 2.92
N ASP B 607 0.76 22.43 1.93
CA ASP B 607 1.87 23.37 1.88
C ASP B 607 1.77 24.45 2.95
N PHE B 608 0.57 24.71 3.47
CA PHE B 608 0.37 25.70 4.51
C PHE B 608 0.21 25.07 5.89
N GLY B 609 0.89 23.94 6.13
CA GLY B 609 0.67 23.21 7.37
C GLY B 609 1.16 23.97 8.59
N VAL B 610 2.37 24.51 8.51
CA VAL B 610 3.00 25.17 9.65
C VAL B 610 2.23 26.44 10.03
N PRO B 611 1.90 27.34 9.09
CA PRO B 611 1.11 28.51 9.49
C PRO B 611 -0.26 28.15 10.03
N ILE B 612 -0.91 27.12 9.49
CA ILE B 612 -2.21 26.71 10.00
C ILE B 612 -2.09 26.22 11.44
N SER B 613 -1.09 25.38 11.71
CA SER B 613 -0.89 24.90 13.08
C SER B 613 -0.57 26.04 14.03
N ILE B 614 0.27 26.98 13.59
CA ILE B 614 0.60 28.13 14.41
C ILE B 614 -0.64 28.95 14.71
N LEU B 615 -1.48 29.17 13.71
CA LEU B 615 -2.71 29.93 13.92
C LEU B 615 -3.63 29.21 14.89
N ILE B 616 -3.75 27.89 14.74
CA ILE B 616 -4.62 27.12 15.63
C ILE B 616 -4.15 27.26 17.07
N MET B 617 -2.85 27.09 17.31
CA MET B 617 -2.35 27.16 18.68
C MET B 617 -2.40 28.59 19.22
N VAL B 618 -2.22 29.59 18.35
CA VAL B 618 -2.34 30.98 18.80
C VAL B 618 -3.77 31.26 19.23
N LEU B 619 -4.75 30.75 18.47
CA LEU B 619 -6.14 30.93 18.88
C LEU B 619 -6.42 30.20 20.19
N VAL B 620 -5.89 28.98 20.32
CA VAL B 620 -6.07 28.21 21.54
C VAL B 620 -5.54 28.98 22.74
N ASP B 621 -4.36 29.61 22.60
CA ASP B 621 -3.83 30.40 23.70
C ASP B 621 -4.64 31.67 23.91
N PHE B 622 -5.23 32.21 22.85
CA PHE B 622 -6.00 33.43 22.97
C PHE B 622 -7.29 33.17 23.73
N PHE B 623 -7.85 31.97 23.58
CA PHE B 623 -9.10 31.65 24.28
C PHE B 623 -8.88 31.47 25.77
N ILE B 624 -7.71 30.97 26.18
CA ILE B 624 -7.44 30.79 27.60
C ILE B 624 -7.13 32.16 28.21
N GLN B 625 -7.80 32.47 29.32
CA GLN B 625 -7.78 33.82 29.86
C GLN B 625 -6.84 33.97 31.05
N ASP B 626 -6.96 33.09 32.05
CA ASP B 626 -6.36 33.37 33.35
C ASP B 626 -4.92 32.89 33.48
N THR B 627 -4.48 31.96 32.63
CA THR B 627 -3.14 31.42 32.73
C THR B 627 -2.14 32.32 32.01
N TYR B 628 -0.94 32.42 32.57
CA TYR B 628 0.11 33.25 31.99
C TYR B 628 1.06 32.37 31.18
N THR B 629 1.44 32.87 30.00
CA THR B 629 2.42 32.21 29.15
C THR B 629 3.32 33.26 28.53
N GLN B 630 4.60 32.96 28.44
CA GLN B 630 5.56 33.93 27.92
C GLN B 630 5.28 34.19 26.45
N LYS B 631 5.35 35.47 26.08
CA LYS B 631 5.02 35.92 24.73
C LYS B 631 6.25 36.49 24.07
N LEU B 632 6.09 36.82 22.78
CA LEU B 632 7.17 37.47 22.04
C LEU B 632 7.12 38.97 22.30
N SER B 633 8.30 39.57 22.47
CA SER B 633 8.39 40.99 22.76
C SER B 633 9.55 41.59 21.99
N VAL B 634 9.30 42.73 21.37
CA VAL B 634 10.28 43.41 20.54
C VAL B 634 10.44 44.83 21.09
N PRO B 635 11.57 45.48 20.79
CA PRO B 635 11.75 46.86 21.26
C PRO B 635 10.65 47.78 20.75
N ASP B 636 10.54 48.94 21.39
CA ASP B 636 9.42 49.85 21.13
C ASP B 636 9.58 50.60 19.82
N GLY B 637 10.78 51.07 19.51
CA GLY B 637 11.00 51.86 18.32
C GLY B 637 12.41 51.66 17.80
N PHE B 638 12.69 52.28 16.66
CA PHE B 638 14.02 52.15 16.05
C PHE B 638 15.01 52.98 16.84
N LYS B 639 15.36 52.51 18.03
CA LYS B 639 16.30 53.17 18.92
C LYS B 639 17.44 52.21 19.26
N VAL B 640 18.58 52.79 19.61
CA VAL B 640 19.72 51.99 20.04
C VAL B 640 19.43 51.39 21.42
N SER B 641 20.14 50.31 21.73
CA SER B 641 19.91 49.59 22.97
C SER B 641 20.26 50.44 24.18
N ASN B 642 21.49 50.95 24.23
CA ASN B 642 21.98 51.77 25.33
C ASN B 642 22.37 53.12 24.74
N SER B 643 21.48 54.11 24.91
CA SER B 643 21.68 55.43 24.34
C SER B 643 22.58 56.31 25.19
N SER B 644 23.16 55.76 26.26
CA SER B 644 24.05 56.51 27.13
C SER B 644 25.44 56.62 26.52
N ALA B 645 25.94 55.53 25.94
CA ALA B 645 27.32 55.45 25.51
C ALA B 645 27.47 55.24 24.01
N ARG B 646 26.36 55.15 23.27
CA ARG B 646 26.41 54.77 21.87
C ARG B 646 25.71 55.82 21.03
N GLY B 647 26.01 55.82 19.73
CA GLY B 647 25.36 56.68 18.77
C GLY B 647 25.06 55.91 17.51
N TRP B 648 24.41 56.60 16.57
CA TRP B 648 24.09 55.94 15.30
C TRP B 648 25.33 55.73 14.46
N VAL B 649 26.32 56.61 14.59
CA VAL B 649 27.60 56.48 13.91
C VAL B 649 28.70 56.44 14.97
N ILE B 650 29.68 55.57 14.74
CA ILE B 650 30.77 55.35 15.67
C ILE B 650 32.02 55.99 15.09
N HIS B 651 32.64 56.88 15.85
CA HIS B 651 33.89 57.48 15.42
C HIS B 651 35.04 56.48 15.49
N PRO B 652 35.73 56.20 14.38
CA PRO B 652 36.75 55.14 14.39
C PRO B 652 37.95 55.46 15.26
N LEU B 653 38.31 56.74 15.39
CA LEU B 653 39.54 57.09 16.12
C LEU B 653 39.36 56.86 17.61
N GLY B 654 38.17 57.16 18.14
CA GLY B 654 37.89 56.96 19.54
C GLY B 654 36.52 57.48 19.90
N LEU B 655 35.78 56.71 20.70
CA LEU B 655 34.44 57.13 21.11
C LEU B 655 34.51 58.03 22.34
N ARG B 656 35.16 57.57 23.41
CA ARG B 656 35.38 58.35 24.62
C ARG B 656 36.85 58.59 24.90
N SER B 657 37.69 57.56 24.79
CA SER B 657 39.13 57.70 24.86
C SER B 657 39.76 57.25 23.55
N GLU B 658 40.95 57.77 23.26
CA GLU B 658 41.57 57.53 21.98
C GLU B 658 42.08 56.09 21.90
N PHE B 659 42.17 55.59 20.68
CA PHE B 659 42.47 54.18 20.46
C PHE B 659 43.97 53.98 20.29
N PRO B 660 44.53 52.92 20.86
CA PRO B 660 45.98 52.70 20.75
C PRO B 660 46.38 52.31 19.34
N ILE B 661 47.69 52.41 19.06
CA ILE B 661 48.16 52.06 17.73
C ILE B 661 48.31 50.55 17.62
N TRP B 662 48.85 49.93 18.67
CA TRP B 662 49.14 48.51 18.63
C TRP B 662 47.87 47.69 18.47
N MET B 663 46.77 48.12 19.07
CA MET B 663 45.51 47.42 18.86
C MET B 663 44.99 47.62 17.44
N MET B 664 45.14 48.83 16.87
CA MET B 664 44.78 49.00 15.47
C MET B 664 45.51 48.01 14.57
N PHE B 665 46.79 47.77 14.86
CA PHE B 665 47.54 46.87 13.98
C PHE B 665 47.37 45.40 14.35
N ALA B 666 46.99 45.09 15.59
CA ALA B 666 46.84 43.73 16.05
C ALA B 666 45.41 43.22 15.96
N SER B 667 44.45 44.06 15.60
CA SER B 667 43.06 43.62 15.46
C SER B 667 42.89 42.59 14.36
N ALA B 668 43.99 42.30 13.64
CA ALA B 668 43.94 41.32 12.56
C ALA B 668 43.81 39.91 13.10
N LEU B 669 44.28 39.66 14.32
CA LEU B 669 44.26 38.31 14.87
C LEU B 669 42.85 37.76 15.06
N PRO B 670 41.91 38.47 15.69
CA PRO B 670 40.53 37.93 15.74
C PRO B 670 39.83 37.93 14.40
N ALA B 671 40.22 38.84 13.50
CA ALA B 671 39.60 38.90 12.18
C ALA B 671 39.86 37.65 11.37
N LEU B 672 41.07 37.08 11.46
CA LEU B 672 41.35 35.84 10.72
C LEU B 672 40.46 34.71 11.21
N LEU B 673 40.26 34.61 12.52
CA LEU B 673 39.42 33.55 13.06
C LEU B 673 37.97 33.73 12.65
N VAL B 674 37.48 34.98 12.72
CA VAL B 674 36.11 35.26 12.28
C VAL B 674 35.95 34.92 10.79
N PHE B 675 36.96 35.26 9.99
CA PHE B 675 36.91 34.95 8.57
C PHE B 675 36.86 33.46 8.33
N ILE B 676 37.67 32.69 9.07
CA ILE B 676 37.65 31.24 8.90
C ILE B 676 36.27 30.71 9.24
N LEU B 677 35.71 31.16 10.36
CA LEU B 677 34.38 30.70 10.77
C LEU B 677 33.33 31.02 9.72
N ILE B 678 33.27 32.28 9.30
CA ILE B 678 32.24 32.71 8.35
C ILE B 678 32.39 31.95 7.04
N PHE B 679 33.61 31.88 6.51
CA PHE B 679 33.83 31.21 5.24
C PHE B 679 33.39 29.75 5.31
N LEU B 680 33.87 29.03 6.33
CA LEU B 680 33.55 27.61 6.44
C LEU B 680 32.04 27.41 6.56
N GLU B 681 31.39 28.14 7.46
CA GLU B 681 29.96 27.94 7.68
C GLU B 681 29.17 28.25 6.42
N SER B 682 29.45 29.39 5.78
CA SER B 682 28.68 29.77 4.61
C SER B 682 28.89 28.78 3.48
N GLN B 683 30.13 28.36 3.24
CA GLN B 683 30.40 27.45 2.13
C GLN B 683 29.82 26.07 2.38
N ILE B 684 29.91 25.57 3.61
CA ILE B 684 29.33 24.27 3.90
C ILE B 684 27.81 24.32 3.79
N THR B 685 27.20 25.45 4.20
CA THR B 685 25.77 25.60 4.02
C THR B 685 25.40 25.60 2.55
N THR B 686 26.17 26.32 1.74
CA THR B 686 25.91 26.36 0.30
C THR B 686 26.12 24.98 -0.32
N LEU B 687 27.07 24.21 0.21
CA LEU B 687 27.24 22.84 -0.27
C LEU B 687 26.04 21.97 0.06
N ILE B 688 25.55 22.05 1.30
CA ILE B 688 24.45 21.17 1.65
C ILE B 688 23.20 21.56 0.88
N VAL B 689 22.93 22.86 0.77
CA VAL B 689 21.71 23.30 0.13
C VAL B 689 21.75 22.98 -1.36
N SER B 690 22.90 23.21 -1.98
CA SER B 690 23.06 23.20 -3.43
C SER B 690 23.80 21.96 -3.92
N LYS B 691 23.55 20.81 -3.30
CA LYS B 691 24.16 19.58 -3.79
C LYS B 691 23.57 19.19 -5.14
N PRO B 692 24.32 18.45 -5.96
CA PRO B 692 23.81 18.10 -7.29
C PRO B 692 22.57 17.23 -7.24
N GLU B 693 22.33 16.57 -6.11
CA GLU B 693 21.22 15.64 -5.97
C GLU B 693 19.86 16.33 -5.94
N ARG B 694 19.81 17.59 -5.50
CA ARG B 694 18.52 18.27 -5.37
C ARG B 694 18.12 19.09 -6.61
N LYS B 695 18.26 18.51 -7.80
CA LYS B 695 17.64 19.01 -9.04
C LYS B 695 17.55 20.52 -9.19
N MET B 696 18.67 21.23 -9.00
CA MET B 696 18.73 22.68 -9.11
C MET B 696 19.14 23.09 -10.51
N VAL B 697 18.19 23.67 -11.25
CA VAL B 697 18.44 23.99 -12.65
C VAL B 697 19.29 25.25 -12.74
N LYS B 698 18.80 26.36 -12.19
CA LYS B 698 19.54 27.60 -12.32
C LYS B 698 20.82 27.52 -11.49
N GLY B 699 21.85 28.23 -11.94
CA GLY B 699 23.14 28.13 -11.30
C GLY B 699 23.19 28.79 -9.94
N SER B 700 24.16 28.34 -9.14
CA SER B 700 24.42 28.88 -7.81
C SER B 700 25.86 29.37 -7.75
N GLY B 701 26.05 30.54 -7.15
CA GLY B 701 27.36 31.19 -7.09
C GLY B 701 27.97 31.09 -5.70
N PHE B 702 29.29 30.92 -5.66
CA PHE B 702 30.02 30.85 -4.40
C PHE B 702 30.75 32.14 -4.07
N HIS B 703 31.57 32.64 -5.01
CA HIS B 703 32.36 33.83 -4.77
C HIS B 703 31.48 35.03 -4.48
N LEU B 704 30.40 35.18 -5.25
CA LEU B 704 29.53 36.34 -5.09
C LEU B 704 28.89 36.35 -3.71
N ASP B 705 28.41 35.19 -3.24
CA ASP B 705 27.79 35.13 -1.93
C ASP B 705 28.78 35.48 -0.84
N LEU B 706 30.00 34.95 -0.93
CA LEU B 706 31.03 35.28 0.06
C LEU B 706 31.30 36.77 0.08
N LEU B 707 31.49 37.37 -1.11
CA LEU B 707 31.76 38.79 -1.17
C LEU B 707 30.62 39.59 -0.54
N LEU B 708 29.38 39.31 -0.94
CA LEU B 708 28.25 40.05 -0.39
C LEU B 708 28.19 39.90 1.13
N VAL B 709 28.25 38.66 1.62
CA VAL B 709 28.08 38.42 3.05
C VAL B 709 29.15 39.16 3.84
N VAL B 710 30.42 39.00 3.45
CA VAL B 710 31.48 39.57 4.25
C VAL B 710 31.48 41.10 4.15
N GLY B 711 31.25 41.62 2.95
CA GLY B 711 31.19 43.07 2.81
C GLY B 711 30.07 43.70 3.60
N MET B 712 28.87 43.11 3.53
CA MET B 712 27.77 43.66 4.32
C MET B 712 28.03 43.50 5.82
N GLY B 713 28.68 42.41 6.24
CA GLY B 713 29.04 42.26 7.64
C GLY B 713 29.99 43.35 8.10
N GLY B 714 30.99 43.66 7.27
CA GLY B 714 31.90 44.75 7.60
C GLY B 714 31.20 46.09 7.66
N VAL B 715 30.40 46.39 6.64
CA VAL B 715 29.69 47.68 6.61
C VAL B 715 28.73 47.81 7.77
N ALA B 716 28.12 46.70 8.22
CA ALA B 716 27.25 46.81 9.37
C ALA B 716 28.05 46.98 10.66
N ALA B 717 29.21 46.32 10.74
CA ALA B 717 30.09 46.56 11.88
C ALA B 717 30.60 48.00 11.93
N LEU B 718 30.65 48.66 10.77
CA LEU B 718 30.99 50.08 10.74
C LEU B 718 29.94 50.90 11.48
N PHE B 719 28.67 50.62 11.23
CA PHE B 719 27.56 51.37 11.81
C PHE B 719 27.21 50.92 13.22
N GLY B 720 27.94 49.93 13.74
CA GLY B 720 27.70 49.40 15.06
C GLY B 720 26.79 48.19 15.13
N MET B 721 26.14 47.80 14.03
CA MET B 721 25.31 46.62 14.00
C MET B 721 26.17 45.37 13.79
N PRO B 722 25.70 44.20 14.21
CA PRO B 722 26.53 43.01 14.12
C PRO B 722 26.57 42.45 12.71
N TRP B 723 27.60 41.64 12.47
CA TRP B 723 27.71 40.86 11.25
C TRP B 723 26.97 39.54 11.39
N LEU B 724 26.56 39.00 10.26
CA LEU B 724 25.75 37.79 10.20
C LEU B 724 26.42 36.79 9.29
N SER B 725 25.82 35.61 9.21
CA SER B 725 26.30 34.55 8.34
C SER B 725 25.11 33.71 7.90
N ALA B 726 25.35 32.88 6.89
CA ALA B 726 24.31 31.98 6.43
C ALA B 726 24.05 30.92 7.48
N THR B 727 22.77 30.61 7.69
CA THR B 727 22.36 29.67 8.71
C THR B 727 22.03 28.33 8.07
N THR B 728 22.33 27.25 8.78
CA THR B 728 22.17 25.92 8.22
C THR B 728 20.71 25.47 8.29
N VAL B 729 20.14 25.47 9.50
CA VAL B 729 18.80 24.95 9.67
C VAL B 729 17.79 25.82 8.93
N ARG B 730 17.96 27.15 9.01
CA ARG B 730 17.02 28.04 8.34
C ARG B 730 17.09 27.88 6.82
N SER B 731 18.29 27.77 6.26
CA SER B 731 18.42 27.60 4.82
C SER B 731 17.88 26.26 4.35
N VAL B 732 18.18 25.19 5.10
CA VAL B 732 17.68 23.87 4.71
C VAL B 732 16.16 23.83 4.80
N THR B 733 15.59 24.47 5.83
CA THR B 733 14.14 24.51 5.95
C THR B 733 13.52 25.32 4.83
N HIS B 734 14.13 26.45 4.47
CA HIS B 734 13.66 27.25 3.35
C HIS B 734 13.66 26.43 2.06
N ALA B 735 14.77 25.77 1.77
CA ALA B 735 14.84 24.98 0.54
C ALA B 735 13.86 23.83 0.55
N ASN B 736 13.67 23.18 1.70
CA ASN B 736 12.73 22.07 1.78
C ASN B 736 11.28 22.52 1.68
N ALA B 737 10.97 23.74 2.11
CA ALA B 737 9.61 24.23 2.01
C ALA B 737 9.22 24.52 0.57
N LEU B 738 10.15 24.99 -0.25
CA LEU B 738 9.88 25.29 -1.66
C LEU B 738 10.20 24.11 -2.57
N THR B 739 9.62 22.94 -2.29
CA THR B 739 9.86 21.76 -3.09
C THR B 739 8.54 21.09 -3.44
N VAL B 740 8.28 20.96 -4.74
CA VAL B 740 7.10 20.28 -5.24
C VAL B 740 7.50 18.85 -5.61
N MET B 741 6.93 17.88 -4.89
CA MET B 741 7.35 16.49 -4.98
C MET B 741 6.39 15.67 -5.86
N GLY B 742 6.95 14.65 -6.51
CA GLY B 742 6.20 13.75 -7.35
C GLY B 742 5.88 12.43 -6.66
N LYS B 743 4.84 11.77 -7.15
CA LYS B 743 4.41 10.50 -6.59
C LYS B 743 5.42 9.39 -6.90
N ALA B 751 8.54 8.94 -2.60
CA ALA B 751 8.10 9.98 -3.51
C ALA B 751 9.26 10.53 -4.32
N GLN B 752 8.95 11.23 -5.41
CA GLN B 752 9.96 11.78 -6.29
C GLN B 752 10.03 13.29 -6.14
N ILE B 753 11.25 13.80 -6.00
CA ILE B 753 11.49 15.24 -5.95
C ILE B 753 11.36 15.74 -7.38
N GLN B 754 10.27 16.46 -7.68
CA GLN B 754 10.19 17.07 -9.01
C GLN B 754 11.00 18.36 -9.06
N GLU B 755 10.57 19.39 -8.33
CA GLU B 755 11.10 20.71 -8.62
C GLU B 755 11.29 21.47 -7.32
N VAL B 756 12.14 22.49 -7.38
CA VAL B 756 12.38 23.40 -6.28
C VAL B 756 12.13 24.81 -6.81
N LYS B 757 11.19 25.52 -6.20
CA LYS B 757 10.87 26.86 -6.65
C LYS B 757 11.94 27.82 -6.14
N GLU B 758 12.78 28.29 -7.06
CA GLU B 758 13.84 29.24 -6.72
C GLU B 758 13.43 30.63 -7.21
N GLN B 759 13.45 31.60 -6.29
CA GLN B 759 13.04 32.96 -6.61
C GLN B 759 13.67 33.89 -5.59
N ARG B 760 13.56 35.20 -5.86
CA ARG B 760 14.12 36.21 -4.99
C ARG B 760 13.05 36.95 -4.19
N ILE B 761 11.77 36.66 -4.43
CA ILE B 761 10.70 37.39 -3.78
C ILE B 761 10.56 36.95 -2.33
N SER B 762 10.76 35.65 -2.08
CA SER B 762 10.58 35.12 -0.73
C SER B 762 11.53 35.77 0.26
N GLY B 763 12.82 35.79 -0.07
CA GLY B 763 13.79 36.41 0.82
C GLY B 763 13.54 37.89 1.01
N LEU B 764 13.17 38.59 -0.06
CA LEU B 764 12.89 40.01 0.04
C LEU B 764 11.72 40.27 0.99
N LEU B 765 10.64 39.49 0.84
CA LEU B 765 9.49 39.68 1.71
C LEU B 765 9.82 39.31 3.15
N VAL B 766 10.58 38.24 3.36
CA VAL B 766 10.97 37.88 4.73
C VAL B 766 11.78 39.00 5.35
N ALA B 767 12.70 39.58 4.59
CA ALA B 767 13.53 40.66 5.12
C ALA B 767 12.68 41.90 5.42
N VAL B 768 11.73 42.22 4.53
CA VAL B 768 10.89 43.40 4.76
C VAL B 768 10.03 43.20 6.00
N LEU B 769 9.50 42.00 6.19
CA LEU B 769 8.70 41.73 7.39
C LEU B 769 9.55 41.79 8.65
N VAL B 770 10.75 41.21 8.62
CA VAL B 770 11.61 41.29 9.79
C VAL B 770 11.97 42.74 10.11
N GLY B 771 12.13 43.56 9.06
CA GLY B 771 12.39 44.98 9.29
C GLY B 771 11.21 45.70 9.88
N LEU B 772 10.01 45.45 9.36
CA LEU B 772 8.80 46.11 9.80
C LEU B 772 8.22 45.50 11.08
N SER B 773 8.83 44.45 11.61
CA SER B 773 8.32 43.79 12.81
C SER B 773 8.07 44.76 13.96
N ILE B 774 8.77 45.90 14.00
CA ILE B 774 8.52 46.83 15.08
C ILE B 774 7.17 47.53 14.92
N LEU B 775 6.60 47.54 13.72
CA LEU B 775 5.29 48.15 13.51
C LEU B 775 4.15 47.16 13.71
N MET B 776 4.44 45.91 14.06
CA MET B 776 3.44 44.87 14.24
C MET B 776 3.41 44.41 15.70
N GLU B 777 3.47 45.38 16.61
CA GLU B 777 3.41 45.07 18.04
C GLU B 777 2.15 44.33 18.46
N PRO B 778 0.94 44.77 18.10
CA PRO B 778 -0.25 44.07 18.62
C PRO B 778 -0.34 42.63 18.18
N ILE B 779 0.17 42.29 16.99
CA ILE B 779 0.08 40.92 16.52
C ILE B 779 1.17 40.05 17.15
N LEU B 780 2.39 40.56 17.26
CA LEU B 780 3.46 39.73 17.80
C LEU B 780 3.38 39.60 19.31
N SER B 781 2.79 40.57 20.00
CA SER B 781 2.75 40.53 21.45
C SER B 781 1.79 39.46 21.97
N ARG B 782 1.04 38.82 21.08
CA ARG B 782 0.05 37.81 21.44
C ARG B 782 0.49 36.40 21.05
N ILE B 783 1.71 36.24 20.57
CA ILE B 783 2.23 34.94 20.15
C ILE B 783 3.06 34.36 21.29
N PRO B 784 2.62 33.27 21.92
CA PRO B 784 3.38 32.71 23.04
C PRO B 784 4.69 32.08 22.58
N LEU B 785 5.68 32.11 23.48
CA LEU B 785 7.02 31.63 23.12
C LEU B 785 7.07 30.12 23.04
N ALA B 786 6.17 29.42 23.74
CA ALA B 786 6.21 27.96 23.77
C ALA B 786 5.65 27.30 22.51
N VAL B 787 4.87 28.03 21.72
CA VAL B 787 4.35 27.45 20.47
C VAL B 787 5.48 27.28 19.47
N LEU B 788 6.42 28.22 19.44
CA LEU B 788 7.51 28.14 18.47
C LEU B 788 8.47 27.01 18.78
N PHE B 789 8.46 26.48 20.01
CA PHE B 789 9.28 25.33 20.33
C PHE B 789 8.84 24.10 19.54
N GLY B 790 7.52 23.94 19.35
CA GLY B 790 7.04 22.85 18.52
C GLY B 790 7.51 22.99 17.09
N ILE B 791 7.53 24.22 16.58
CA ILE B 791 8.02 24.48 15.23
C ILE B 791 9.51 24.16 15.14
N PHE B 792 10.26 24.48 16.20
CA PHE B 792 11.69 24.19 16.20
C PHE B 792 11.92 22.68 16.18
N LEU B 793 11.14 21.93 16.95
CA LEU B 793 11.26 20.49 16.93
C LEU B 793 10.88 19.91 15.58
N TYR B 794 9.83 20.46 14.96
CA TYR B 794 9.43 20.01 13.63
C TYR B 794 10.54 20.25 12.61
N MET B 795 11.16 21.43 12.65
CA MET B 795 12.27 21.70 11.72
C MET B 795 13.44 20.76 11.98
N GLY B 796 13.79 20.55 13.24
CA GLY B 796 14.93 19.68 13.53
C GLY B 796 14.68 18.25 13.12
N VAL B 797 13.44 17.78 13.25
CA VAL B 797 13.13 16.41 12.84
C VAL B 797 13.04 16.30 11.32
N THR B 798 12.51 17.32 10.66
CA THR B 798 12.34 17.24 9.21
C THR B 798 13.66 17.37 8.48
N SER B 799 14.56 18.22 9.00
CA SER B 799 15.85 18.43 8.35
C SER B 799 16.75 17.22 8.43
N LEU B 800 16.33 16.16 9.11
CA LEU B 800 17.17 15.00 9.38
C LEU B 800 16.96 13.89 8.36
N SER B 801 16.20 14.14 7.30
CA SER B 801 15.77 13.05 6.44
C SER B 801 16.89 12.63 5.48
N GLY B 802 17.43 13.57 4.73
CA GLY B 802 18.37 13.25 3.67
C GLY B 802 19.74 12.81 4.14
N ILE B 803 20.06 13.01 5.43
CA ILE B 803 21.37 12.61 5.93
C ILE B 803 21.59 11.12 5.74
N GLN B 804 22.78 10.75 5.27
CA GLN B 804 23.08 9.35 5.02
C GLN B 804 23.73 8.67 6.22
N LEU B 805 24.51 9.39 7.01
CA LEU B 805 25.01 8.81 8.26
C LEU B 805 23.85 8.43 9.16
N PHE B 806 22.76 9.21 9.11
CA PHE B 806 21.57 8.88 9.87
C PHE B 806 20.95 7.58 9.39
N ASP B 807 20.92 7.38 8.08
CA ASP B 807 20.41 6.13 7.54
C ASP B 807 21.27 4.95 7.99
N ARG B 808 22.59 5.13 7.97
CA ARG B 808 23.47 4.04 8.41
C ARG B 808 23.34 3.79 9.90
N ILE B 809 22.98 4.83 10.67
CA ILE B 809 22.75 4.65 12.09
C ILE B 809 21.44 3.89 12.31
N LEU B 810 20.42 4.19 11.51
CA LEU B 810 19.21 3.40 11.64
C LEU B 810 19.49 1.96 11.26
N LEU B 811 20.35 1.76 10.26
CA LEU B 811 20.75 0.43 9.85
C LEU B 811 21.64 -0.26 10.88
N LEU B 812 22.09 0.48 11.90
CA LEU B 812 22.89 -0.16 12.95
C LEU B 812 22.06 -1.11 13.79
N PHE B 813 20.74 -0.99 13.75
CA PHE B 813 19.84 -1.78 14.59
C PHE B 813 19.14 -2.89 13.84
N LYS B 814 18.72 -2.64 12.60
CA LYS B 814 18.08 -3.67 11.81
C LYS B 814 19.03 -4.86 11.61
N PRO B 815 18.49 -6.08 11.58
CA PRO B 815 19.33 -7.22 11.22
C PRO B 815 19.67 -7.19 9.73
N PRO B 816 20.78 -7.81 9.33
CA PRO B 816 21.22 -7.70 7.94
C PRO B 816 20.26 -8.32 6.93
N LYS B 817 19.14 -8.87 7.42
CA LYS B 817 18.15 -9.45 6.53
C LYS B 817 17.28 -8.38 5.87
N TYR B 818 17.12 -7.24 6.52
CA TYR B 818 16.21 -6.19 6.07
C TYR B 818 16.95 -4.98 5.54
N HIS B 819 18.26 -5.09 5.31
CA HIS B 819 19.05 -3.98 4.83
C HIS B 819 18.61 -3.57 3.42
N PRO B 820 18.67 -2.28 3.09
CA PRO B 820 18.15 -1.80 1.81
C PRO B 820 18.96 -2.25 0.60
N ASP B 821 18.56 -1.78 -0.57
CA ASP B 821 19.14 -2.19 -1.85
C ASP B 821 20.14 -1.16 -2.40
N VAL B 822 20.76 -0.37 -1.53
CA VAL B 822 21.76 0.61 -1.96
C VAL B 822 23.12 -0.04 -2.22
N PRO B 823 23.98 0.60 -3.03
CA PRO B 823 25.26 -0.04 -3.38
C PRO B 823 26.18 -0.29 -2.20
N TYR B 824 26.18 0.61 -1.20
CA TYR B 824 27.11 0.50 -0.08
C TYR B 824 26.77 -0.66 0.84
N VAL B 825 25.65 -1.33 0.63
CA VAL B 825 25.33 -2.54 1.37
C VAL B 825 25.93 -3.76 0.68
N LYS B 826 25.86 -3.80 -0.65
CA LYS B 826 26.30 -4.97 -1.39
C LYS B 826 27.81 -4.98 -1.58
N ARG B 827 28.42 -3.80 -1.76
CA ARG B 827 29.83 -3.79 -2.14
C ARG B 827 30.75 -4.09 -0.98
N VAL B 828 30.39 -3.67 0.23
CA VAL B 828 31.23 -3.84 1.41
C VAL B 828 30.51 -4.79 2.36
N LYS B 829 31.29 -5.49 3.18
CA LYS B 829 30.69 -6.34 4.20
C LYS B 829 30.01 -5.49 5.27
N THR B 830 29.15 -6.13 6.05
CA THR B 830 28.33 -5.37 6.99
C THR B 830 29.19 -4.84 8.13
N TRP B 831 29.97 -5.72 8.76
CA TRP B 831 30.75 -5.32 9.93
C TRP B 831 31.88 -4.36 9.57
N ARG B 832 32.05 -4.02 8.30
CA ARG B 832 32.94 -2.94 7.89
C ARG B 832 32.18 -1.63 7.80
N MET B 833 30.98 -1.67 7.23
CA MET B 833 30.09 -0.51 7.24
C MET B 833 29.82 -0.06 8.66
N HIS B 834 29.63 -1.02 9.57
CA HIS B 834 29.40 -0.67 10.97
C HIS B 834 30.63 0.01 11.56
N LEU B 835 31.83 -0.44 11.17
CA LEU B 835 33.04 0.19 11.64
C LEU B 835 33.14 1.62 11.12
N PHE B 836 32.78 1.83 9.86
CA PHE B 836 32.74 3.17 9.29
C PHE B 836 31.81 4.08 10.07
N THR B 837 30.58 3.60 10.31
CA THR B 837 29.61 4.39 11.06
C THR B 837 30.13 4.68 12.48
N GLY B 838 30.80 3.70 13.09
CA GLY B 838 31.33 3.90 14.41
C GLY B 838 32.42 4.95 14.44
N ILE B 839 33.31 4.93 13.45
CA ILE B 839 34.34 5.96 13.34
C ILE B 839 33.69 7.33 13.22
N GLN B 840 32.66 7.44 12.38
CA GLN B 840 32.03 8.75 12.19
C GLN B 840 31.34 9.21 13.47
N ILE B 841 30.76 8.27 14.21
CA ILE B 841 30.11 8.61 15.47
C ILE B 841 31.13 9.04 16.51
N ILE B 842 32.31 8.39 16.51
CA ILE B 842 33.39 8.81 17.39
C ILE B 842 33.83 10.23 17.06
N CYS B 843 33.91 10.54 15.77
CA CYS B 843 34.22 11.91 15.37
C CYS B 843 33.18 12.89 15.88
N LEU B 844 31.90 12.52 15.76
CA LEU B 844 30.82 13.34 16.29
C LEU B 844 30.99 13.58 17.79
N ALA B 845 31.26 12.51 18.53
CA ALA B 845 31.38 12.62 19.98
C ALA B 845 32.56 13.51 20.38
N VAL B 846 33.69 13.38 19.66
CA VAL B 846 34.84 14.22 19.97
C VAL B 846 34.53 15.68 19.67
N LEU B 847 33.86 15.93 18.54
CA LEU B 847 33.45 17.29 18.21
C LEU B 847 32.54 17.85 19.30
N TRP B 848 31.59 17.04 19.77
CA TRP B 848 30.67 17.48 20.81
C TRP B 848 31.42 17.82 22.09
N VAL B 849 32.33 16.94 22.51
CA VAL B 849 33.07 17.18 23.75
C VAL B 849 33.88 18.47 23.64
N VAL B 850 34.48 18.71 22.47
CA VAL B 850 35.22 19.96 22.29
C VAL B 850 34.25 21.14 22.32
N LYS B 851 33.03 20.95 21.82
CA LYS B 851 32.02 22.00 21.84
C LYS B 851 31.60 22.35 23.27
N SER B 852 31.54 21.35 24.15
CA SER B 852 31.20 21.64 25.54
C SER B 852 32.35 22.27 26.30
N THR B 853 33.58 22.01 25.86
CA THR B 853 34.74 22.56 26.54
C THR B 853 34.76 24.07 26.37
N PRO B 854 35.19 24.83 27.39
CA PRO B 854 35.30 26.29 27.22
C PRO B 854 36.20 26.71 26.07
N ALA B 855 36.95 25.78 25.49
CA ALA B 855 37.73 26.04 24.28
C ALA B 855 36.89 25.71 23.04
N SER B 856 35.75 26.39 22.94
CA SER B 856 34.80 26.12 21.87
C SER B 856 35.22 26.75 20.57
N LEU B 857 35.89 27.89 20.63
CA LEU B 857 36.36 28.60 19.45
C LEU B 857 37.36 27.78 18.65
N ALA B 858 37.93 26.72 19.24
CA ALA B 858 38.81 25.80 18.54
C ALA B 858 38.03 24.68 17.87
N LEU B 859 36.75 24.90 17.62
CA LEU B 859 35.81 23.99 16.97
C LEU B 859 36.04 23.93 15.47
N PRO B 860 36.29 25.05 14.77
CA PRO B 860 36.52 24.95 13.33
C PRO B 860 37.73 24.11 12.94
N PHE B 861 38.88 24.32 13.61
CA PHE B 861 40.09 23.56 13.27
C PHE B 861 39.84 22.06 13.22
N VAL B 862 39.33 21.49 14.32
CA VAL B 862 39.06 20.05 14.33
C VAL B 862 38.22 19.66 13.13
N LEU B 863 37.21 20.49 12.80
CA LEU B 863 36.36 20.18 11.67
C LEU B 863 37.16 20.07 10.39
N ILE B 864 38.03 21.06 10.11
CA ILE B 864 38.80 20.96 8.88
C ILE B 864 39.81 19.84 8.99
N LEU B 865 40.17 19.45 10.21
CA LEU B 865 41.06 18.31 10.40
C LEU B 865 40.39 17.01 10.01
N THR B 866 39.07 17.03 9.80
CA THR B 866 38.39 15.87 9.27
C THR B 866 38.68 15.67 7.78
N VAL B 867 39.15 16.71 7.09
CA VAL B 867 39.45 16.56 5.67
C VAL B 867 40.66 15.67 5.46
N PRO B 868 41.80 15.89 6.15
CA PRO B 868 42.90 14.93 6.00
C PRO B 868 42.53 13.53 6.42
N LEU B 869 41.68 13.40 7.44
CA LEU B 869 41.24 12.08 7.90
C LEU B 869 40.63 11.28 6.76
N ARG B 870 39.82 11.93 5.93
CA ARG B 870 39.20 11.23 4.81
C ARG B 870 40.19 11.03 3.67
N ARG B 871 41.20 11.89 3.59
CA ARG B 871 42.13 11.87 2.47
C ARG B 871 43.30 10.92 2.68
N VAL B 872 43.70 10.69 3.93
CA VAL B 872 44.92 9.95 4.24
C VAL B 872 44.62 8.71 5.07
N LEU B 873 43.94 8.87 6.20
CA LEU B 873 43.91 7.79 7.18
C LEU B 873 42.98 6.66 6.74
N LEU B 874 41.83 6.98 6.15
CA LEU B 874 40.90 5.92 5.80
C LEU B 874 41.47 5.05 4.69
N PRO B 875 42.12 5.60 3.66
CA PRO B 875 42.75 4.71 2.67
C PRO B 875 43.86 3.83 3.25
N LEU B 876 44.24 4.02 4.52
CA LEU B 876 45.17 3.11 5.17
C LEU B 876 44.47 1.92 5.81
N ILE B 877 43.15 1.98 5.96
CA ILE B 877 42.37 0.95 6.61
C ILE B 877 41.46 0.24 5.60
N PHE B 878 40.74 1.01 4.80
CA PHE B 878 39.78 0.48 3.84
C PHE B 878 40.47 0.30 2.50
N ARG B 879 39.69 -0.10 1.50
CA ARG B 879 40.17 -0.21 0.13
C ARG B 879 39.45 0.80 -0.74
N ASN B 880 39.99 1.00 -1.94
CA ASN B 880 39.57 2.14 -2.74
C ASN B 880 38.13 1.99 -3.21
N VAL B 881 37.73 0.78 -3.57
CA VAL B 881 36.36 0.58 -4.06
C VAL B 881 35.37 0.74 -2.92
N GLU B 882 35.72 0.24 -1.72
CA GLU B 882 34.87 0.44 -0.55
C GLU B 882 34.72 1.91 -0.23
N LEU B 883 35.82 2.67 -0.28
CA LEU B 883 35.78 4.08 0.08
C LEU B 883 35.02 4.89 -0.97
N GLN B 884 35.14 4.52 -2.24
CA GLN B 884 34.39 5.20 -3.29
C GLN B 884 32.90 4.87 -3.20
N CYS B 885 32.58 3.64 -2.81
CA CYS B 885 31.17 3.25 -2.74
C CYS B 885 30.48 3.85 -1.52
N LEU B 886 31.18 3.93 -0.39
CA LEU B 886 30.56 4.48 0.82
C LEU B 886 30.43 5.99 0.73
N ASP B 887 31.56 6.70 0.59
CA ASP B 887 31.52 8.15 0.53
C ASP B 887 31.38 8.56 -0.93
N ALA B 888 30.18 8.40 -1.45
CA ALA B 888 29.89 8.72 -2.84
C ALA B 888 29.39 10.15 -2.94
N ASP B 889 29.89 10.90 -3.92
CA ASP B 889 29.48 12.29 -4.02
C ASP B 889 28.11 12.41 -4.67
N ASP B 890 27.78 11.49 -5.57
CA ASP B 890 26.48 11.43 -6.22
C ASP B 890 25.74 10.18 -5.73
N ALA B 891 24.42 10.30 -5.59
CA ALA B 891 23.62 9.19 -5.07
C ALA B 891 23.35 8.16 -6.16
N LYS B 892 22.91 8.62 -7.34
CA LYS B 892 22.52 7.72 -8.42
C LYS B 892 23.72 6.99 -9.01
N ALA B 893 24.83 7.69 -9.22
CA ALA B 893 26.02 7.11 -9.82
C ALA B 893 27.01 6.74 -8.73
N THR B 894 27.36 5.46 -8.67
CA THR B 894 28.29 4.95 -7.66
C THR B 894 29.29 3.98 -8.28
C1 NAG C . -28.87 2.37 53.54
C2 NAG C . -28.40 3.82 53.45
C3 NAG C . -29.18 4.70 54.43
C4 NAG C . -30.68 4.51 54.22
C5 NAG C . -31.04 3.03 54.29
C6 NAG C . -32.50 2.76 53.99
C7 NAG C . -26.10 4.42 52.83
C8 NAG C . -26.67 4.90 51.52
N2 NAG C . -26.97 3.93 53.71
O3 NAG C . -28.83 6.06 54.24
O4 NAG C . -31.40 5.21 55.22
O5 NAG C . -30.28 2.30 53.32
O6 NAG C . -32.69 2.45 52.62
O7 NAG C . -24.90 4.50 53.06
C1 NAG D . 24.60 51.61 29.49
C2 NAG D . 24.32 50.66 30.66
C3 NAG D . 24.80 51.29 31.96
C4 NAG D . 26.25 51.72 31.84
C5 NAG D . 26.44 52.62 30.63
C6 NAG D . 27.88 53.00 30.40
C7 NAG D . 22.44 49.10 30.93
C8 NAG D . 23.46 48.02 31.06
N2 NAG D . 22.90 50.34 30.74
O3 NAG D . 24.66 50.35 33.02
O4 NAG D . 26.66 52.41 33.01
O5 NAG D . 25.98 51.94 29.45
O6 NAG D . 28.57 53.21 31.61
O7 NAG D . 21.23 48.86 31.00
#